data_6TW1
#
_entry.id   6TW1
#
_cell.length_a   1.00
_cell.length_b   1.00
_cell.length_c   1.00
_cell.angle_alpha   90.00
_cell.angle_beta   90.00
_cell.angle_gamma   90.00
#
_symmetry.space_group_name_H-M   'P 1'
#
loop_
_entity.id
_entity.type
_entity.pdbx_description
1 polymer 'Polymerase acidic protein'
2 polymer 'RNA-directed RNA polymerase catalytic subunit'
3 polymer 'Polymerase basic protein 2'
4 polymer vRNA
5 polymer mRNA
6 non-polymer '5-oxidanyl-4-oxidanylidene-1-[(1-pyrrolo[2,3-b]pyridin-1-ylcyclopentyl)methyl]pyridine-3-carboxylic acid'
7 non-polymer 'MAGNESIUM ION'
8 non-polymer 'PYROPHOSPHATE 2-'
9 water water
#
loop_
_entity_poly.entity_id
_entity_poly.type
_entity_poly.pdbx_seq_one_letter_code
_entity_poly.pdbx_strand_id
1 'polypeptide(L)'
;GSHHHHHHHHGSGSMENFVRTNFNPMILERAEKTMKEYGENPQNEGNKFAAISTHMEVCFMYSDFHFIDLEGNTIVKEND
DDNAMLKHRFEIIEGQERNIAWTIVNSICNMTENSKPRFLPDLYDYKTNKFIEIGVTRRKVEDYYYEKASKLKGENVYIH
IFSFDGEEMATDDEYILDEESRARIKTRLFVLRQELATAGLWDSFRQSEKGEETLEEEFSYPPTFQRLANQSLPPSFKDY
HQFKAYVSSFKANGNIEAKLGAMSEKVNAQIESFDPRTIRELELPEGKFCTQRSKFLLMDAMKLSVLNPAHEGEGIPMKD
AKACLDTFWGWKKATIIKKHEKGVNTNYLMIWEQLLESIKEMEGKFLNLKKTNHLKWGLGEGQAPEKMDFEDCKEVPDLF
QYKSEPPEKRKLASWIQSEFNKASELTNSNWIEFDELGNDVAPIEHIASRRRNFFTAEVSQCRASEYIMKAVYINTALLN
SSCTAMEEYQVIPIITKCRDTSGQRRTNLYGFIIKGRSHLRNDTDVVNFISLEFSLTDPRNEIHKWEKYCVLEIGDMEIR
TSISTIMKPVYLYVRTNGTSKIKMKWGMEMRRCLLQSLQQVESMIEAESAVKEKDMTEPFFRNRENDWPIGESPQGIEKG
TIGKVCRVLLAKSVFNSIYASAQLEGFSAESRKLLLLIQAFRDNLDPGTFDLKGLYEAIEECIINDPWVLLNASWFNSFL
KAVQLSMGSGSGENLYFQ
;
A
2 'polypeptide(L)'
;GSGSGSGSGMDVNPMLIFLKVPVQNAISTTFPYTGDPPYSHGTGTGYTMDTVIRTHDYSSRGIWKTNSETGAQQLNPIDG
PLPEDNEPSGYAQTDCVLELIEGLDRSHPGLFETACQETIDAIQQTRVDKLTQGRQTYDWTLNRNQPAATALANTIEVFR
KNGYKLNESGRLIDFLKDVLLSFENDSMEVTTHFQKKKRIRDNHSKKMITQRTIGKKRVKLTKKNYLIRALTLNTMTKDA
ERGKLKRRAIATPGMQIRGFVYFVELLARNICERLEQSGLPVGGNEKKAKLANVIKKMMAKSTDEELSYTITGDNTKWNE
NQNPRIFLAMVLRITAGQPEWFRDLLAVAPIMFSNKVARLGRGYMFESKSMHLRTQISAENLSDINLRYFNEDTKKKIEK
IRHLMVEGTASLSPGMMMGMFNMLSTVLGVSVLNLGQREILKRTYWWDGLQSSDDFALIINGHFKEDIQQGVNHFYRTCK
LVGINMSQKKSYINKTGTFEFTSFFYRYGFVANFSMELPSFGVAGNNESADMSIGTTVIKTNMINNDLGPATAQMAIQLF
IKDYRYTYRCHRGDTNLETRRTKSIKRLWTETISKAGLLVADGGPNPYNLRNLHIPEVCLKWSLMDPDYRGRLCNPNNPF
VHHMEVESTNLAVVMPAHGPAKSLEYDAVATTHSWTPKRNRSILNTNQRGILEDERIYQKCCQVFEKFFPSSTYRRPIGM
ASMLDAMLSRARIDARIDLESGRISSQDFSEITNTCKAIEALKRQGSGSGENLYFQ
;
B
3 'polypeptide(L)'
;GSGSGSGSGMERIKELMEMVKNSRMREILTTTSVDHMAVIKKYTSGRQEKNPALRMKWMMAMKYPISASSRIREMIPEKD
EDGNTLWTNTKDAGSNRVLVSPNAVTWWNRAGPVSDVVHYPRVYKMYFDRLERLTHGTFGPVKFYNQVKVRKRVDINPGH
KDLTSREAQEVIMEVVFPNEVGARTLSSDAQLTITKEKKEELKNCKISPIMVAYMLERELVRRTRFLPIAGATSSTYVEV
LHLTQGTCWEQQYTPGGEAENDDLDQTLIIASRNIVRRSIVAIDPLASLLSMCHTTSISSEPLVEILRSNPTDEQAVNIC
KAALGIRINNSFSFGGYNFKRVKGSSQRTEKAVLTGNLQTLTMTIFEGYEEFNVSGKRASAVLKKGAQRLIQAIIGGRTL
EDILNLMITLMVFSQEEKMLKAVRGDLNFVNRANQRLNPMYQLLRHFQKDSSTLLKNWGTEEIDPIMGIAGIMPDGTINK
TQTLMGVRLSQGGVDEYSFNERIRVNIDKYLRVRNEKGELLISPEEVSEAQGQEKLPINYNSSLMWEVNGPESILTNTYH
WIIKNWELLKTQWMTDPTVLYNRIEFEPFQTLIPKGNRAIYSGFTRTLFQQMRDVEGTFDSIQIIKLLPFSAHPPSLGRT
QFSSFTLNIRGAPLRLLIRGNSQVFNYNQMENVIIVLGKSVGSPERSILTESSSIESAVLRGFLILGKANSKYGPVLTIG
ELDKLGRGEKANVLIGQGDTVLVMKRKRDSSILTDSQTALKRIRLEESKGWSHPQFEKGGGSGGGSGGSAWSHPQFEKGR
SGGENLYFQ
;
C
4 'polyribonucleotide' AGUAGUAACAAGAGCAAUGUGUCCGUCUCGCCUCUGCUUCUGCU V
5 'polyribonucleotide' ACGGACACAU M
#
# COMPACT_ATOMS: atom_id res chain seq x y z
N MET A 15 -1.69 37.87 43.33
CA MET A 15 -2.00 38.80 42.25
C MET A 15 -1.08 38.56 41.07
N GLU A 16 -0.54 39.65 40.51
CA GLU A 16 0.52 39.57 39.51
C GLU A 16 1.80 40.24 39.96
N ASN A 17 1.73 41.52 40.35
CA ASN A 17 2.91 42.25 40.78
C ASN A 17 3.33 41.88 42.19
N PHE A 18 2.39 41.34 42.99
CA PHE A 18 2.72 40.81 44.31
C PHE A 18 3.67 39.65 44.21
N VAL A 19 3.36 38.70 43.32
CA VAL A 19 4.18 37.52 43.11
C VAL A 19 5.54 37.91 42.53
N ARG A 20 5.54 38.90 41.64
CA ARG A 20 6.78 39.34 41.03
C ARG A 20 7.60 40.25 41.94
N THR A 21 7.04 40.70 43.05
CA THR A 21 7.80 41.43 44.06
C THR A 21 8.11 40.60 45.30
N ASN A 22 7.57 39.40 45.41
CA ASN A 22 7.76 38.59 46.61
C ASN A 22 8.66 37.37 46.43
N PHE A 23 8.68 36.77 45.25
CA PHE A 23 9.47 35.57 45.01
C PHE A 23 10.72 35.87 44.21
N ASN A 24 11.68 34.96 44.30
CA ASN A 24 12.95 35.08 43.59
C ASN A 24 12.74 34.96 42.08
N PRO A 25 13.67 35.50 41.27
CA PRO A 25 13.50 35.40 39.81
C PRO A 25 13.55 33.98 39.26
N MET A 26 14.28 33.07 39.90
CA MET A 26 14.31 31.69 39.42
C MET A 26 13.02 30.97 39.74
N ILE A 27 12.43 31.26 40.91
CA ILE A 27 11.14 30.70 41.28
C ILE A 27 10.06 31.15 40.31
N LEU A 28 10.04 32.45 39.99
CA LEU A 28 9.07 32.98 39.04
C LEU A 28 9.35 32.50 37.63
N GLU A 29 10.61 32.24 37.29
CA GLU A 29 10.95 31.73 35.97
C GLU A 29 10.42 30.32 35.78
N ARG A 30 10.65 29.46 36.79
CA ARG A 30 10.12 28.10 36.74
C ARG A 30 8.59 28.11 36.84
N ALA A 31 8.01 29.08 37.54
CA ALA A 31 6.56 29.19 37.61
C ALA A 31 5.97 29.59 36.26
N GLU A 32 6.61 30.53 35.57
CA GLU A 32 6.14 30.95 34.26
C GLU A 32 6.30 29.84 33.24
N LYS A 33 7.40 29.09 33.31
CA LYS A 33 7.60 27.96 32.42
C LYS A 33 6.62 26.82 32.71
N THR A 34 6.27 26.62 33.98
CA THR A 34 5.27 25.61 34.33
C THR A 34 3.90 25.99 33.81
N MET A 35 3.50 27.26 33.99
CA MET A 35 2.21 27.72 33.48
C MET A 35 2.15 27.65 31.96
N LYS A 36 3.26 27.96 31.29
CA LYS A 36 3.28 27.86 29.84
C LYS A 36 3.20 26.41 29.38
N GLU A 37 3.85 25.50 30.09
CA GLU A 37 3.77 24.08 29.76
C GLU A 37 2.36 23.56 29.95
N TYR A 38 1.64 24.05 30.96
CA TYR A 38 0.25 23.65 31.13
C TYR A 38 -0.72 24.54 30.36
N GLY A 39 -0.23 25.47 29.56
CA GLY A 39 -1.06 26.16 28.58
C GLY A 39 -1.91 27.29 29.12
N GLU A 40 -1.33 28.17 29.93
CA GLU A 40 -2.08 29.27 30.53
C GLU A 40 -1.13 30.41 30.89
N ASN A 41 -1.46 31.61 30.44
CA ASN A 41 -0.65 32.78 30.71
C ASN A 41 -0.73 33.15 32.18
N PRO A 42 0.32 33.80 32.73
CA PRO A 42 0.27 34.16 34.15
C PRO A 42 -0.70 35.29 34.45
N GLN A 43 -0.98 36.15 33.47
CA GLN A 43 -1.88 37.26 33.72
C GLN A 43 -3.35 36.85 33.63
N ASN A 44 -3.65 35.76 32.92
CA ASN A 44 -5.01 35.25 32.91
C ASN A 44 -5.36 34.57 34.24
N GLU A 45 -4.41 33.85 34.83
CA GLU A 45 -4.57 33.22 36.13
C GLU A 45 -3.46 33.72 37.05
N GLY A 46 -3.76 34.73 37.87
CA GLY A 46 -2.77 35.33 38.75
C GLY A 46 -2.61 34.64 40.09
N ASN A 47 -3.73 34.27 40.71
CA ASN A 47 -3.65 33.56 41.98
C ASN A 47 -3.13 32.14 41.79
N LYS A 48 -3.39 31.53 40.63
CA LYS A 48 -2.78 30.26 40.32
C LYS A 48 -1.28 30.40 40.13
N PHE A 49 -0.85 31.52 39.54
CA PHE A 49 0.58 31.82 39.43
C PHE A 49 1.22 31.99 40.80
N ALA A 50 0.50 32.61 41.73
CA ALA A 50 1.01 32.77 43.09
C ALA A 50 1.08 31.43 43.82
N ALA A 51 0.09 30.55 43.61
CA ALA A 51 0.12 29.24 44.22
C ALA A 51 1.22 28.36 43.64
N ILE A 52 1.50 28.50 42.35
CA ILE A 52 2.57 27.74 41.71
C ILE A 52 3.93 28.24 42.19
N SER A 53 4.09 29.56 42.32
CA SER A 53 5.33 30.10 42.90
C SER A 53 5.50 29.70 44.35
N THR A 54 4.39 29.54 45.08
CA THR A 54 4.45 29.07 46.46
C THR A 54 4.93 27.62 46.53
N HIS A 55 4.36 26.76 45.68
CA HIS A 55 4.77 25.35 45.62
C HIS A 55 6.23 25.23 45.22
N MET A 56 6.68 26.04 44.26
CA MET A 56 8.07 26.00 43.83
C MET A 56 9.00 26.51 44.91
N GLU A 57 8.58 27.55 45.65
CA GLU A 57 9.44 28.10 46.69
C GLU A 57 9.57 27.14 47.86
N VAL A 58 8.50 26.44 48.21
CA VAL A 58 8.58 25.44 49.29
C VAL A 58 9.42 24.25 48.84
N CYS A 59 9.27 23.83 47.57
CA CYS A 59 10.11 22.75 47.04
C CYS A 59 11.57 23.13 46.95
N PHE A 60 11.87 24.43 46.83
CA PHE A 60 13.28 24.83 46.83
C PHE A 60 13.82 25.02 48.24
N MET A 61 13.00 25.51 49.18
CA MET A 61 13.45 25.63 50.57
C MET A 61 13.56 24.27 51.24
N TYR A 62 12.90 23.25 50.70
CA TYR A 62 13.07 21.89 51.19
C TYR A 62 14.42 21.31 50.85
N SER A 63 15.14 21.90 49.89
CA SER A 63 16.34 21.30 49.33
C SER A 63 17.57 22.18 49.37
N ASP A 64 17.46 23.45 49.72
CA ASP A 64 18.58 24.37 49.59
C ASP A 64 19.54 24.22 50.76
N PHE A 65 20.83 24.12 50.43
CA PHE A 65 21.94 23.94 51.36
C PHE A 65 21.74 22.71 52.25
N HIS A 66 21.48 21.58 51.61
CA HIS A 66 21.25 20.30 52.29
C HIS A 66 22.05 19.25 51.55
N PHE A 67 23.12 18.77 52.15
CA PHE A 67 24.09 17.97 51.42
C PHE A 67 24.32 16.62 52.06
N ILE A 68 24.82 15.68 51.24
CA ILE A 68 25.31 14.39 51.69
C ILE A 68 26.81 14.37 51.45
N ASP A 69 27.58 14.09 52.49
CA ASP A 69 29.03 14.09 52.38
C ASP A 69 29.50 12.74 51.82
N LEU A 70 30.81 12.49 51.89
CA LEU A 70 31.35 11.21 51.43
C LEU A 70 31.02 10.07 52.37
N GLU A 71 30.67 10.37 53.62
CA GLU A 71 30.35 9.36 54.61
C GLU A 71 28.86 9.09 54.72
N GLY A 72 28.04 9.77 53.91
CA GLY A 72 26.62 9.51 53.89
C GLY A 72 25.83 10.21 54.96
N ASN A 73 26.33 11.31 55.51
CA ASN A 73 25.69 12.03 56.60
C ASN A 73 25.23 13.39 56.11
N THR A 74 23.95 13.69 56.30
CA THR A 74 23.36 14.94 55.82
C THR A 74 23.80 16.11 56.67
N ILE A 75 24.24 17.18 55.99
CA ILE A 75 24.68 18.42 56.62
C ILE A 75 23.85 19.58 56.06
N VAL A 76 23.88 20.69 56.77
CA VAL A 76 23.29 21.95 56.33
C VAL A 76 24.41 22.98 56.24
N LYS A 77 24.47 23.69 55.12
CA LYS A 77 25.53 24.64 54.83
C LYS A 77 24.95 26.03 54.65
N GLU A 78 25.80 26.96 54.22
CA GLU A 78 25.39 28.28 53.75
C GLU A 78 25.61 28.44 52.25
N ASN A 79 26.70 27.90 51.73
CA ASN A 79 26.98 27.95 50.30
C ASN A 79 26.50 26.69 49.60
N MET A 85 32.97 19.80 47.42
CA MET A 85 33.03 18.35 47.46
C MET A 85 31.82 17.76 48.17
N LEU A 86 30.66 18.33 47.92
CA LEU A 86 29.40 17.85 48.46
C LEU A 86 28.45 17.53 47.32
N LYS A 87 27.48 16.68 47.61
CA LYS A 87 26.40 16.39 46.68
C LYS A 87 25.09 16.62 47.41
N HIS A 88 24.08 17.04 46.65
CA HIS A 88 22.79 17.40 47.21
C HIS A 88 22.09 16.19 47.79
N ARG A 89 21.23 16.44 48.77
CA ARG A 89 20.43 15.37 49.34
C ARG A 89 19.17 15.13 48.55
N PHE A 90 18.58 16.19 47.99
CA PHE A 90 17.33 16.12 47.27
C PHE A 90 17.56 16.40 45.79
N GLU A 91 16.92 15.60 44.95
CA GLU A 91 16.78 15.89 43.54
C GLU A 91 15.43 16.56 43.32
N ILE A 92 15.44 17.72 42.67
CA ILE A 92 14.24 18.52 42.52
C ILE A 92 13.57 18.16 41.20
N ILE A 93 12.35 17.63 41.28
CA ILE A 93 11.61 17.16 40.13
C ILE A 93 10.49 18.12 39.74
N GLU A 94 9.88 18.81 40.69
CA GLU A 94 8.93 19.87 40.37
C GLU A 94 9.66 21.03 39.72
N GLY A 95 9.11 21.53 38.62
CA GLY A 95 9.66 22.66 37.88
C GLY A 95 10.17 22.29 36.51
N GLN A 96 10.77 21.12 36.38
CA GLN A 96 11.25 20.64 35.09
C GLN A 96 10.08 20.32 34.17
N GLU A 97 10.40 20.18 32.89
CA GLU A 97 9.44 19.70 31.92
C GLU A 97 9.05 18.25 32.23
N ARG A 98 7.94 17.81 31.64
CA ARG A 98 7.32 16.56 32.05
C ARG A 98 8.11 15.34 31.61
N ASN A 99 8.65 15.36 30.39
CA ASN A 99 9.47 14.24 29.93
C ASN A 99 10.86 14.27 30.54
N ILE A 100 11.36 15.47 30.87
CA ILE A 100 12.60 15.59 31.63
C ILE A 100 12.43 15.03 33.04
N ALA A 101 11.32 15.36 33.69
CA ALA A 101 11.03 14.85 35.02
C ALA A 101 10.81 13.33 34.99
N TRP A 102 10.23 12.83 33.90
CA TRP A 102 10.07 11.38 33.80
C TRP A 102 11.38 10.69 33.51
N THR A 103 12.31 11.36 32.82
CA THR A 103 13.65 10.80 32.66
C THR A 103 14.36 10.69 34.00
N ILE A 104 14.23 11.73 34.83
CA ILE A 104 14.81 11.72 36.18
C ILE A 104 14.20 10.60 37.02
N VAL A 105 12.88 10.50 37.01
CA VAL A 105 12.17 9.52 37.83
C VAL A 105 12.48 8.10 37.37
N ASN A 106 12.56 7.88 36.05
CA ASN A 106 12.86 6.56 35.53
C ASN A 106 14.29 6.14 35.82
N SER A 107 15.25 7.07 35.71
CA SER A 107 16.64 6.77 36.06
C SER A 107 16.78 6.42 37.53
N ILE A 108 16.10 7.16 38.41
CA ILE A 108 16.17 6.88 39.83
C ILE A 108 15.53 5.54 40.15
N CYS A 109 14.35 5.25 39.58
CA CYS A 109 13.69 3.97 39.80
C CYS A 109 14.44 2.80 39.19
N ASN A 110 15.29 3.03 38.19
CA ASN A 110 16.12 1.96 37.66
C ASN A 110 17.40 1.78 38.45
N MET A 111 17.87 2.80 39.17
CA MET A 111 19.04 2.60 40.01
C MET A 111 18.64 1.95 41.34
N THR A 112 17.81 2.64 42.12
CA THR A 112 17.17 2.04 43.28
C THR A 112 15.94 1.30 42.76
N GLU A 113 16.02 -0.03 42.72
CA GLU A 113 15.03 -0.84 42.01
C GLU A 113 13.71 -0.88 42.78
N ASN A 114 12.98 0.23 42.77
CA ASN A 114 11.71 0.34 43.46
C ASN A 114 10.57 0.27 42.44
N SER A 115 9.35 0.50 42.92
CA SER A 115 8.22 0.69 42.03
C SER A 115 8.25 2.10 41.46
N LYS A 116 7.70 2.25 40.28
CA LYS A 116 7.69 3.54 39.63
C LYS A 116 6.39 4.28 39.98
N PRO A 117 6.46 5.52 40.44
CA PRO A 117 5.24 6.26 40.78
C PRO A 117 4.37 6.54 39.57
N ARG A 118 3.07 6.56 39.82
CA ARG A 118 2.08 6.70 38.75
C ARG A 118 1.95 8.16 38.33
N PHE A 119 2.06 9.07 39.28
CA PHE A 119 2.11 10.51 39.03
C PHE A 119 3.53 11.00 39.24
N LEU A 120 3.82 12.17 38.73
CA LEU A 120 5.13 12.75 38.93
C LEU A 120 5.25 13.29 40.35
N PRO A 121 6.25 12.90 41.11
CA PRO A 121 6.49 13.49 42.43
C PRO A 121 7.13 14.86 42.35
N ASP A 122 7.51 15.41 43.50
CA ASP A 122 8.15 16.72 43.52
C ASP A 122 9.60 16.69 43.92
N LEU A 123 10.01 15.75 44.76
CA LEU A 123 11.40 15.66 45.17
C LEU A 123 11.77 14.19 45.25
N TYR A 124 13.07 13.95 45.32
CA TYR A 124 13.59 12.64 45.67
C TYR A 124 14.68 12.82 46.69
N ASP A 125 14.66 12.02 47.75
CA ASP A 125 15.69 12.06 48.78
C ASP A 125 16.60 10.87 48.60
N TYR A 126 17.88 11.16 48.33
CA TYR A 126 18.87 10.12 48.10
C TYR A 126 19.25 9.41 49.38
N LYS A 127 19.20 10.11 50.51
CA LYS A 127 19.55 9.53 51.79
C LYS A 127 18.53 8.47 52.22
N THR A 128 17.28 8.89 52.38
CA THR A 128 16.24 7.96 52.78
C THR A 128 15.67 7.16 51.62
N ASN A 129 16.14 7.44 50.39
CA ASN A 129 15.76 6.74 49.16
C ASN A 129 14.25 6.78 48.94
N LYS A 130 13.68 7.98 49.00
CA LYS A 130 12.23 8.07 48.94
C LYS A 130 11.79 9.25 48.10
N PHE A 131 10.72 9.05 47.33
CA PHE A 131 10.10 10.15 46.63
C PHE A 131 9.26 10.97 47.60
N ILE A 132 9.36 12.28 47.48
CA ILE A 132 8.67 13.21 48.35
C ILE A 132 7.67 14.00 47.51
N GLU A 133 6.47 14.17 48.04
CA GLU A 133 5.44 15.00 47.43
C GLU A 133 5.16 16.15 48.38
N ILE A 134 5.07 17.36 47.84
CA ILE A 134 4.87 18.57 48.64
C ILE A 134 3.54 19.20 48.24
N GLY A 135 2.66 19.37 49.21
CA GLY A 135 1.46 20.16 49.03
C GLY A 135 1.56 21.45 49.83
N VAL A 136 0.96 22.51 49.29
CA VAL A 136 0.85 23.79 49.97
C VAL A 136 -0.61 24.20 49.93
N THR A 137 -1.21 24.42 51.09
CA THR A 137 -2.61 24.78 51.16
C THR A 137 -2.81 26.11 51.87
N ARG A 138 -3.97 26.71 51.60
CA ARG A 138 -4.50 27.80 52.39
C ARG A 138 -5.56 27.34 53.37
N ARG A 139 -6.16 26.18 53.11
CA ARG A 139 -7.18 25.59 53.95
C ARG A 139 -6.55 24.82 55.11
N LYS A 140 -7.34 23.98 55.77
CA LYS A 140 -6.82 23.11 56.82
C LYS A 140 -5.83 22.11 56.24
N VAL A 141 -4.96 21.62 57.10
CA VAL A 141 -3.90 20.72 56.66
C VAL A 141 -4.44 19.31 56.47
N GLU A 142 -5.36 18.89 57.35
CA GLU A 142 -5.76 17.48 57.38
C GLU A 142 -6.73 17.10 56.27
N ASP A 143 -7.61 18.02 55.83
CA ASP A 143 -8.56 17.69 54.77
C ASP A 143 -7.85 17.53 53.42
N TYR A 144 -7.00 18.50 53.07
CA TYR A 144 -6.21 18.41 51.86
C TYR A 144 -5.19 17.28 51.97
N TYR A 145 -4.71 16.97 53.19
CA TYR A 145 -3.82 15.84 53.38
C TYR A 145 -4.52 14.51 53.12
N TYR A 146 -5.78 14.38 53.56
CA TYR A 146 -6.48 13.12 53.31
C TYR A 146 -6.91 13.01 51.85
N GLU A 147 -7.26 14.13 51.20
CA GLU A 147 -7.54 14.08 49.77
C GLU A 147 -6.29 13.78 48.96
N LYS A 148 -5.12 14.21 49.43
CA LYS A 148 -3.89 13.92 48.71
C LYS A 148 -3.43 12.49 48.95
N ALA A 149 -3.66 11.97 50.15
CA ALA A 149 -3.33 10.58 50.42
C ALA A 149 -4.35 9.63 49.79
N SER A 150 -5.54 10.13 49.45
CA SER A 150 -6.50 9.33 48.71
C SER A 150 -6.20 9.36 47.22
N LYS A 151 -5.74 10.52 46.71
CA LYS A 151 -5.35 10.63 45.32
C LYS A 151 -4.10 9.81 45.03
N LEU A 152 -3.20 9.71 46.01
CA LEU A 152 -1.93 9.01 45.88
C LEU A 152 -1.96 7.64 46.55
N LYS A 153 -3.14 7.04 46.67
CA LYS A 153 -3.27 5.74 47.31
C LYS A 153 -2.72 4.65 46.40
N GLY A 154 -1.73 3.92 46.89
CA GLY A 154 -1.11 2.84 46.13
C GLY A 154 0.37 2.98 45.91
N GLU A 155 1.00 4.05 46.40
CA GLU A 155 2.41 4.28 46.20
C GLU A 155 3.09 4.51 47.54
N ASN A 156 4.39 4.23 47.58
CA ASN A 156 5.20 4.48 48.77
C ASN A 156 5.90 5.83 48.70
N VAL A 157 5.12 6.88 48.46
CA VAL A 157 5.62 8.25 48.48
C VAL A 157 5.56 8.78 49.90
N TYR A 158 6.25 9.89 50.16
CA TYR A 158 6.18 10.59 51.43
C TYR A 158 5.50 11.93 51.17
N ILE A 159 4.28 12.08 51.64
CA ILE A 159 3.57 13.34 51.47
C ILE A 159 4.00 14.30 52.57
N HIS A 160 4.04 15.59 52.26
CA HIS A 160 4.30 16.63 53.23
C HIS A 160 3.46 17.83 52.86
N ILE A 161 2.48 18.16 53.70
CA ILE A 161 1.59 19.28 53.46
C ILE A 161 2.03 20.42 54.36
N PHE A 162 2.20 21.59 53.77
CA PHE A 162 2.43 22.83 54.49
C PHE A 162 1.24 23.75 54.28
N SER A 163 1.02 24.64 55.23
CA SER A 163 -0.08 25.58 55.14
C SER A 163 0.41 26.99 55.42
N PHE A 164 -0.40 27.95 55.03
CA PHE A 164 -0.18 29.33 55.42
C PHE A 164 -0.52 29.56 56.89
N ASP A 165 -1.31 28.67 57.49
CA ASP A 165 -1.71 28.81 58.88
C ASP A 165 -0.55 28.60 59.85
N GLY A 166 0.47 27.88 59.45
CA GLY A 166 1.59 27.57 60.31
C GLY A 166 1.65 26.14 60.79
N GLU A 167 0.79 25.27 60.27
CA GLU A 167 0.85 23.85 60.58
C GLU A 167 1.34 23.07 59.37
N GLU A 168 2.03 21.98 59.63
CA GLU A 168 2.49 21.09 58.58
C GLU A 168 2.20 19.65 59.01
N MET A 169 1.79 18.84 58.05
CA MET A 169 1.58 17.42 58.29
C MET A 169 2.60 16.61 57.49
N ALA A 170 3.20 15.63 58.14
CA ALA A 170 4.10 14.68 57.52
C ALA A 170 3.31 13.46 57.08
N THR A 171 4.01 12.37 56.76
CA THR A 171 3.40 11.08 56.48
C THR A 171 3.79 10.11 57.57
N ASP A 172 2.77 9.54 58.25
CA ASP A 172 2.92 8.64 59.39
C ASP A 172 3.74 9.27 60.52
N ASP A 173 3.64 10.59 60.67
CA ASP A 173 4.27 11.39 61.73
C ASP A 173 5.80 11.23 61.77
N GLU A 174 6.40 10.93 60.62
CA GLU A 174 7.83 10.73 60.51
C GLU A 174 8.44 11.91 59.79
N TYR A 175 9.63 12.31 60.22
CA TYR A 175 10.27 13.50 59.66
C TYR A 175 11.68 13.13 59.21
N ILE A 176 11.99 13.50 57.97
CA ILE A 176 13.34 13.38 57.46
C ILE A 176 14.02 14.74 57.34
N LEU A 177 13.27 15.82 57.33
CA LEU A 177 13.85 17.15 57.40
C LEU A 177 13.97 17.55 58.86
N ASP A 178 14.92 18.44 59.16
CA ASP A 178 15.21 18.84 60.52
C ASP A 178 14.21 19.90 60.98
N GLU A 179 14.49 20.54 62.11
CA GLU A 179 13.55 21.48 62.70
C GLU A 179 13.70 22.88 62.12
N GLU A 180 14.93 23.30 61.83
CA GLU A 180 15.18 24.66 61.36
C GLU A 180 14.60 24.91 59.98
N SER A 181 14.75 23.95 59.06
CA SER A 181 14.28 24.15 57.69
C SER A 181 12.76 24.17 57.64
N ARG A 182 12.10 23.32 58.42
CA ARG A 182 10.64 23.32 58.45
C ARG A 182 10.10 24.57 59.12
N ALA A 183 10.78 25.04 60.17
CA ALA A 183 10.40 26.31 60.79
C ALA A 183 10.60 27.48 59.83
N ARG A 184 11.63 27.42 58.99
CA ARG A 184 11.86 28.49 58.02
C ARG A 184 10.81 28.48 56.92
N ILE A 185 10.38 27.29 56.50
CA ILE A 185 9.29 27.17 55.53
C ILE A 185 7.99 27.74 56.10
N LYS A 186 7.68 27.40 57.36
CA LYS A 186 6.46 27.92 57.96
C LYS A 186 6.54 29.42 58.24
N THR A 187 7.74 29.94 58.53
CA THR A 187 7.93 31.38 58.68
C THR A 187 7.68 32.09 57.34
N ARG A 188 8.20 31.54 56.25
CA ARG A 188 8.00 32.15 54.94
C ARG A 188 6.54 32.09 54.51
N LEU A 189 5.85 31.01 54.85
CA LEU A 189 4.44 30.91 54.50
C LEU A 189 3.58 31.82 55.36
N PHE A 190 3.93 32.04 56.64
CA PHE A 190 3.19 32.97 57.46
C PHE A 190 3.41 34.42 57.00
N VAL A 191 4.64 34.75 56.61
CA VAL A 191 4.94 36.08 56.08
C VAL A 191 4.20 36.32 54.76
N LEU A 192 4.15 35.31 53.90
CA LEU A 192 3.42 35.44 52.64
C LEU A 192 1.92 35.54 52.86
N ARG A 193 1.39 34.84 53.87
CA ARG A 193 -0.04 34.92 54.16
C ARG A 193 -0.41 36.29 54.71
N GLN A 194 0.42 36.83 55.61
CA GLN A 194 0.16 38.18 56.09
C GLN A 194 0.38 39.23 55.02
N GLU A 195 1.25 38.95 54.04
CA GLU A 195 1.41 39.87 52.93
C GLU A 195 0.24 39.80 51.97
N LEU A 196 -0.46 38.66 51.93
CA LEU A 196 -1.69 38.58 51.14
C LEU A 196 -2.85 39.29 51.81
N ALA A 197 -2.76 39.54 53.12
CA ALA A 197 -3.83 40.25 53.83
C ALA A 197 -3.71 41.77 53.70
N THR A 198 -2.49 42.32 53.80
CA THR A 198 -2.30 43.76 53.83
C THR A 198 -2.58 44.42 52.48
N ALA A 199 -2.37 43.72 51.36
CA ALA A 199 -2.77 44.21 50.06
C ALA A 199 -4.18 43.75 49.69
N GLY A 200 -4.89 43.12 50.62
CA GLY A 200 -6.27 42.78 50.44
C GLY A 200 -6.55 41.49 49.70
N LEU A 201 -5.55 40.91 49.05
CA LEU A 201 -5.74 39.79 48.13
C LEU A 201 -5.58 38.44 48.83
N TRP A 202 -6.27 38.27 49.95
CA TRP A 202 -6.42 36.98 50.60
C TRP A 202 -7.84 36.45 50.46
N ASP A 203 -8.81 37.32 50.16
CA ASP A 203 -10.17 36.88 49.91
C ASP A 203 -10.26 36.07 48.62
N SER A 204 -9.62 36.56 47.55
CA SER A 204 -9.60 35.81 46.30
C SER A 204 -8.63 34.63 46.37
N PHE A 205 -7.59 34.75 47.20
CA PHE A 205 -6.55 33.73 47.26
C PHE A 205 -7.04 32.48 47.97
N ARG A 206 -7.60 32.63 49.18
CA ARG A 206 -8.02 31.48 49.98
C ARG A 206 -9.28 30.80 49.44
N GLN A 207 -10.01 31.46 48.54
CA GLN A 207 -11.24 30.89 48.01
C GLN A 207 -11.10 30.69 46.50
N SER A 208 -9.97 30.12 46.09
CA SER A 208 -9.76 29.74 44.69
C SER A 208 -8.97 28.42 44.71
N GLU A 209 -9.67 27.32 44.47
CA GLU A 209 -9.02 26.02 44.40
C GLU A 209 -9.22 25.40 43.02
N GLU A 216 -10.67 23.79 28.72
CA GLU A 216 -11.04 23.07 27.51
C GLU A 216 -10.39 23.70 26.27
N GLU A 217 -10.47 22.98 25.16
CA GLU A 217 -9.85 23.43 23.92
C GLU A 217 -10.66 24.55 23.30
N GLU A 218 -9.97 25.51 22.69
CA GLU A 218 -10.60 26.65 22.07
C GLU A 218 -9.96 26.90 20.71
N PHE A 219 -10.77 27.29 19.73
CA PHE A 219 -10.25 27.61 18.41
C PHE A 219 -11.20 28.64 17.80
N SER A 220 -10.78 29.90 17.77
CA SER A 220 -11.59 30.97 17.23
C SER A 220 -11.06 31.40 15.88
N TYR A 221 -11.82 32.27 15.20
CA TYR A 221 -11.36 32.89 13.97
C TYR A 221 -10.95 34.31 14.24
N PRO A 222 -9.73 34.70 13.90
CA PRO A 222 -9.35 36.11 13.90
C PRO A 222 -10.06 36.86 12.78
N PRO A 223 -10.12 38.20 12.82
CA PRO A 223 -11.01 38.95 11.91
C PRO A 223 -10.78 38.80 10.41
N THR A 224 -9.53 38.70 9.95
CA THR A 224 -9.29 38.48 8.52
C THR A 224 -9.79 37.11 8.08
N PHE A 225 -9.55 36.09 8.90
CA PHE A 225 -10.09 34.78 8.56
C PHE A 225 -11.58 34.71 8.76
N GLN A 226 -12.14 35.57 9.60
CA GLN A 226 -13.59 35.65 9.72
C GLN A 226 -14.22 36.22 8.44
N ARG A 227 -13.58 37.22 7.84
CA ARG A 227 -14.10 37.74 6.58
C ARG A 227 -13.89 36.76 5.43
N LEU A 228 -12.77 36.02 5.44
CA LEU A 228 -12.59 34.95 4.47
C LEU A 228 -13.62 33.84 4.65
N ALA A 229 -14.02 33.57 5.89
CA ALA A 229 -15.06 32.58 6.15
C ALA A 229 -16.40 33.06 5.66
N ASN A 230 -16.69 34.35 5.84
CA ASN A 230 -17.94 34.92 5.36
C ASN A 230 -18.03 34.93 3.85
N GLN A 231 -16.89 34.98 3.16
CA GLN A 231 -16.90 34.94 1.70
C GLN A 231 -16.71 33.53 1.12
N SER A 232 -17.07 32.48 1.85
CA SER A 232 -16.79 31.12 1.40
C SER A 232 -18.04 30.26 1.45
N LEU A 233 -19.20 30.84 1.20
CA LEU A 233 -20.46 30.17 1.49
C LEU A 233 -21.25 29.97 0.20
N PRO A 234 -22.37 29.24 0.25
CA PRO A 234 -23.37 29.37 -0.81
C PRO A 234 -23.86 30.81 -0.91
N PRO A 235 -24.30 31.24 -2.10
CA PRO A 235 -24.47 32.68 -2.36
C PRO A 235 -25.62 33.35 -1.63
N SER A 236 -26.48 32.63 -0.92
CA SER A 236 -27.58 33.23 -0.18
C SER A 236 -27.26 33.43 1.30
N PHE A 237 -25.99 33.36 1.69
CA PHE A 237 -25.59 33.49 3.09
C PHE A 237 -24.50 34.55 3.18
N LYS A 238 -24.67 35.48 4.11
CA LYS A 238 -23.69 36.55 4.30
C LYS A 238 -22.77 36.31 5.48
N ASP A 239 -23.10 35.38 6.36
CA ASP A 239 -22.35 35.14 7.58
C ASP A 239 -22.02 33.66 7.67
N TYR A 240 -20.82 33.35 8.17
CA TYR A 240 -20.44 31.95 8.37
C TYR A 240 -21.25 31.33 9.50
N HIS A 241 -21.61 32.10 10.52
CA HIS A 241 -22.39 31.54 11.62
C HIS A 241 -23.85 31.34 11.25
N GLN A 242 -24.39 32.20 10.38
CA GLN A 242 -25.72 31.98 9.83
C GLN A 242 -25.77 30.69 9.01
N PHE A 243 -24.74 30.43 8.23
CA PHE A 243 -24.67 29.19 7.48
C PHE A 243 -24.46 27.99 8.38
N LYS A 244 -23.67 28.14 9.45
CA LYS A 244 -23.46 27.05 10.39
C LYS A 244 -24.75 26.71 11.13
N ALA A 245 -25.57 27.72 11.42
CA ALA A 245 -26.87 27.49 12.02
C ALA A 245 -27.84 26.86 11.05
N TYR A 246 -27.76 27.23 9.77
CA TYR A 246 -28.61 26.61 8.77
C TYR A 246 -28.28 25.14 8.58
N VAL A 247 -26.98 24.80 8.55
CA VAL A 247 -26.58 23.42 8.35
C VAL A 247 -26.90 22.59 9.59
N SER A 248 -26.73 23.18 10.78
CA SER A 248 -26.99 22.45 12.01
C SER A 248 -28.48 22.16 12.24
N SER A 249 -29.37 22.92 11.62
CA SER A 249 -30.80 22.73 11.80
C SER A 249 -31.49 22.34 10.50
N PHE A 250 -30.77 21.67 9.60
CA PHE A 250 -31.37 21.26 8.34
C PHE A 250 -32.10 19.93 8.52
N LYS A 251 -33.31 19.86 8.01
CA LYS A 251 -34.03 18.61 7.87
C LYS A 251 -34.45 18.45 6.42
N ALA A 252 -34.29 17.24 5.89
CA ALA A 252 -34.66 16.99 4.51
C ALA A 252 -36.18 16.93 4.36
N ASN A 253 -36.68 17.58 3.33
CA ASN A 253 -38.10 17.57 3.01
C ASN A 253 -38.32 17.23 1.55
N GLY A 254 -37.62 16.22 1.05
CA GLY A 254 -37.72 15.84 -0.34
C GLY A 254 -37.11 16.84 -1.29
N ASN A 255 -35.94 17.38 -0.96
CA ASN A 255 -35.32 18.41 -1.79
C ASN A 255 -34.75 17.82 -3.07
N ILE A 256 -34.24 16.59 -3.00
CA ILE A 256 -33.65 15.95 -4.17
C ILE A 256 -34.71 15.68 -5.21
N GLU A 257 -35.88 15.17 -4.80
CA GLU A 257 -36.96 14.89 -5.74
C GLU A 257 -37.54 16.17 -6.34
N ALA A 258 -37.54 17.27 -5.59
CA ALA A 258 -37.95 18.56 -6.13
C ALA A 258 -36.97 19.05 -7.20
N LYS A 259 -35.68 18.92 -6.96
CA LYS A 259 -34.71 19.34 -7.97
C LYS A 259 -34.66 18.37 -9.15
N LEU A 260 -35.04 17.11 -8.94
CA LEU A 260 -35.14 16.18 -10.06
C LEU A 260 -36.38 16.44 -10.89
N GLY A 261 -37.46 16.91 -10.27
CA GLY A 261 -38.59 17.36 -11.04
C GLY A 261 -38.32 18.64 -11.80
N ALA A 262 -37.52 19.53 -11.21
CA ALA A 262 -37.19 20.78 -11.88
C ALA A 262 -36.14 20.61 -12.97
N MET A 263 -35.32 19.58 -12.92
CA MET A 263 -34.23 19.41 -13.86
C MET A 263 -34.76 18.95 -15.21
N SER A 264 -34.13 19.45 -16.26
CA SER A 264 -34.52 19.16 -17.63
C SER A 264 -34.33 17.69 -17.96
N GLU A 265 -35.12 17.22 -18.92
CA GLU A 265 -35.03 15.83 -19.33
C GLU A 265 -33.89 15.57 -20.31
N LYS A 266 -33.19 16.61 -20.74
CA LYS A 266 -31.98 16.45 -21.54
C LYS A 266 -30.75 16.14 -20.70
N VAL A 267 -30.89 16.05 -19.39
CA VAL A 267 -29.86 15.52 -18.52
C VAL A 267 -30.25 14.08 -18.26
N ASN A 268 -29.70 13.17 -19.04
CA ASN A 268 -30.01 11.75 -18.88
C ASN A 268 -28.82 10.93 -19.33
N ALA A 269 -28.83 9.66 -18.94
CA ALA A 269 -27.81 8.71 -19.34
C ALA A 269 -28.52 7.60 -20.11
N GLN A 270 -28.70 7.81 -21.41
CA GLN A 270 -29.42 6.88 -22.25
C GLN A 270 -28.49 5.77 -22.71
N ILE A 271 -28.90 4.52 -22.48
CA ILE A 271 -28.06 3.37 -22.75
C ILE A 271 -28.23 2.99 -24.22
N GLU A 272 -27.15 3.12 -24.98
CA GLU A 272 -27.11 2.65 -26.37
C GLU A 272 -26.60 1.23 -26.35
N SER A 273 -27.40 0.30 -26.86
CA SER A 273 -27.04 -1.10 -26.88
C SER A 273 -25.84 -1.32 -27.79
N PHE A 274 -24.87 -2.09 -27.32
CA PHE A 274 -23.63 -2.33 -28.04
C PHE A 274 -23.74 -3.63 -28.82
N ASP A 275 -23.54 -3.56 -30.13
CA ASP A 275 -23.48 -4.73 -30.99
C ASP A 275 -22.21 -4.57 -31.81
N PRO A 276 -21.24 -5.49 -31.70
CA PRO A 276 -20.04 -5.38 -32.53
C PRO A 276 -20.28 -5.66 -33.99
N ARG A 277 -21.40 -6.28 -34.35
CA ARG A 277 -21.73 -6.51 -35.75
C ARG A 277 -22.13 -5.23 -36.46
N THR A 278 -22.52 -4.20 -35.70
CA THR A 278 -22.93 -2.94 -36.27
C THR A 278 -22.01 -1.77 -35.95
N ILE A 279 -20.95 -1.97 -35.17
CA ILE A 279 -20.04 -0.86 -34.91
C ILE A 279 -19.10 -0.71 -36.09
N ARG A 280 -18.40 0.42 -36.14
CA ARG A 280 -17.56 0.76 -37.27
C ARG A 280 -16.11 0.46 -36.95
N GLU A 281 -15.30 0.41 -38.00
CA GLU A 281 -13.87 0.28 -37.80
C GLU A 281 -13.29 1.62 -37.36
N LEU A 282 -12.12 1.56 -36.72
CA LEU A 282 -11.40 2.77 -36.37
C LEU A 282 -10.92 3.48 -37.62
N GLU A 283 -10.98 4.80 -37.59
CA GLU A 283 -10.61 5.61 -38.74
C GLU A 283 -9.13 5.95 -38.62
N LEU A 284 -8.32 5.29 -39.43
CA LEU A 284 -6.90 5.54 -39.41
C LEU A 284 -6.60 6.83 -40.19
N PRO A 285 -5.56 7.56 -39.80
CA PRO A 285 -5.31 8.84 -40.47
C PRO A 285 -4.74 8.71 -41.86
N GLU A 286 -4.59 9.84 -42.52
CA GLU A 286 -4.05 9.93 -43.86
C GLU A 286 -2.83 10.84 -43.87
N GLY A 287 -2.20 10.93 -45.02
CA GLY A 287 -1.03 11.76 -45.16
C GLY A 287 0.08 11.03 -45.87
N LYS A 288 1.32 11.38 -45.56
CA LYS A 288 2.43 10.58 -46.04
C LYS A 288 2.51 9.29 -45.24
N PHE A 289 3.32 8.35 -45.74
CA PHE A 289 3.45 7.09 -45.05
C PHE A 289 4.28 7.27 -43.77
N CYS A 290 4.14 6.30 -42.87
CA CYS A 290 4.95 6.28 -41.66
C CYS A 290 6.37 5.87 -42.00
N THR A 291 7.33 6.48 -41.32
CA THR A 291 8.74 6.21 -41.54
C THR A 291 9.32 5.49 -40.34
N GLN A 292 10.47 4.85 -40.56
CA GLN A 292 11.14 4.10 -39.52
C GLN A 292 11.73 5.04 -38.48
N ARG A 293 11.57 4.67 -37.20
CA ARG A 293 12.10 5.51 -36.14
C ARG A 293 12.73 4.73 -34.99
N SER A 294 13.11 3.48 -35.20
CA SER A 294 13.87 2.79 -34.18
C SER A 294 15.30 3.34 -34.13
N LYS A 295 15.97 3.15 -32.99
CA LYS A 295 17.32 3.66 -32.84
C LYS A 295 18.35 2.85 -33.61
N PHE A 296 18.02 1.62 -33.99
CA PHE A 296 18.87 0.79 -34.82
C PHE A 296 18.00 0.08 -35.85
N LEU A 297 18.66 -0.49 -36.86
CA LEU A 297 17.92 -1.23 -37.89
C LEU A 297 17.48 -2.57 -37.35
N LEU A 298 16.25 -2.97 -37.68
CA LEU A 298 15.78 -4.23 -37.15
C LEU A 298 15.91 -5.39 -38.12
N MET A 299 15.15 -5.39 -39.20
CA MET A 299 15.16 -6.54 -40.11
C MET A 299 16.09 -6.33 -41.28
N ASP A 300 16.63 -5.13 -41.45
CA ASP A 300 17.52 -4.83 -42.55
C ASP A 300 18.97 -4.75 -42.11
N ALA A 301 19.23 -4.92 -40.82
CA ALA A 301 20.59 -4.84 -40.31
C ALA A 301 21.44 -6.03 -40.75
N MET A 302 22.74 -5.79 -40.84
CA MET A 302 23.73 -6.77 -41.26
C MET A 302 24.78 -6.89 -40.16
N LYS A 303 25.26 -8.10 -39.93
CA LYS A 303 26.32 -8.35 -38.96
C LYS A 303 27.60 -8.77 -39.67
N LEU A 304 28.71 -8.20 -39.23
CA LEU A 304 30.03 -8.74 -39.49
C LEU A 304 30.45 -9.51 -38.24
N SER A 305 30.74 -10.80 -38.39
CA SER A 305 30.88 -11.68 -37.24
C SER A 305 32.26 -12.29 -37.15
N VAL A 306 32.69 -12.56 -35.93
CA VAL A 306 33.84 -13.42 -35.66
C VAL A 306 33.37 -14.60 -34.85
N LEU A 307 33.74 -15.80 -35.29
CA LEU A 307 33.40 -17.05 -34.63
C LEU A 307 34.53 -17.43 -33.69
N ASN A 308 34.20 -17.63 -32.41
CA ASN A 308 35.12 -17.88 -31.30
C ASN A 308 36.22 -16.83 -31.24
N PRO A 309 35.92 -15.60 -30.79
CA PRO A 309 36.95 -14.55 -30.81
C PRO A 309 38.05 -14.82 -29.79
N ALA A 310 39.29 -14.85 -30.27
CA ALA A 310 40.44 -15.15 -29.43
C ALA A 310 41.53 -14.09 -29.58
N HIS A 311 41.20 -12.94 -30.14
CA HIS A 311 42.17 -11.88 -30.34
C HIS A 311 42.53 -11.22 -29.02
N GLU A 312 43.51 -10.31 -29.07
CA GLU A 312 43.99 -9.68 -27.86
C GLU A 312 43.05 -8.56 -27.43
N GLY A 313 42.84 -8.45 -26.12
CA GLY A 313 41.85 -7.53 -25.59
C GLY A 313 40.44 -7.90 -25.98
N GLU A 314 40.15 -9.19 -26.09
CA GLU A 314 38.83 -9.64 -26.50
C GLU A 314 37.82 -9.36 -25.40
N GLY A 315 36.64 -8.88 -25.80
CA GLY A 315 35.65 -8.43 -24.89
C GLY A 315 35.60 -6.93 -24.76
N ILE A 316 36.68 -6.24 -25.10
CA ILE A 316 36.66 -4.79 -25.20
C ILE A 316 35.96 -4.41 -26.51
N PRO A 317 35.04 -3.44 -26.50
CA PRO A 317 34.19 -3.21 -27.68
C PRO A 317 34.91 -2.77 -28.95
N MET A 318 35.86 -1.83 -28.87
CA MET A 318 36.53 -1.41 -30.10
C MET A 318 37.51 -2.46 -30.60
N LYS A 319 38.05 -3.31 -29.72
CA LYS A 319 38.88 -4.42 -30.18
C LYS A 319 38.06 -5.46 -30.93
N ASP A 320 36.88 -5.78 -30.41
CA ASP A 320 35.96 -6.68 -31.12
C ASP A 320 35.44 -6.06 -32.41
N ALA A 321 35.28 -4.74 -32.43
CA ALA A 321 34.84 -4.07 -33.64
C ALA A 321 35.91 -4.11 -34.72
N LYS A 322 37.18 -3.93 -34.34
CA LYS A 322 38.27 -4.07 -35.29
C LYS A 322 38.39 -5.51 -35.78
N ALA A 323 38.21 -6.48 -34.89
CA ALA A 323 38.25 -7.88 -35.28
C ALA A 323 37.10 -8.24 -36.22
N CYS A 324 35.95 -7.59 -36.08
CA CYS A 324 34.84 -7.86 -36.99
C CYS A 324 34.99 -7.12 -38.32
N LEU A 325 35.55 -5.91 -38.30
CA LEU A 325 35.84 -5.21 -39.55
C LEU A 325 36.95 -5.87 -40.35
N ASP A 326 37.84 -6.61 -39.70
CA ASP A 326 38.89 -7.33 -40.41
C ASP A 326 38.37 -8.45 -41.28
N THR A 327 37.14 -8.92 -41.05
CA THR A 327 36.57 -10.02 -41.82
C THR A 327 35.83 -9.54 -43.07
N PHE A 328 35.89 -8.25 -43.37
CA PHE A 328 35.26 -7.69 -44.56
C PHE A 328 36.34 -6.95 -45.33
N TRP A 329 36.59 -7.38 -46.57
CA TRP A 329 37.61 -6.77 -47.40
C TRP A 329 37.03 -6.19 -48.68
N GLY A 330 35.70 -6.14 -48.80
CA GLY A 330 35.08 -5.65 -50.01
C GLY A 330 34.73 -4.18 -49.95
N TRP A 331 35.51 -3.40 -49.22
CA TRP A 331 35.30 -1.96 -49.15
C TRP A 331 35.52 -1.31 -50.51
N LYS A 332 34.91 -0.13 -50.68
CA LYS A 332 35.17 0.71 -51.83
C LYS A 332 34.84 2.13 -51.43
N LYS A 333 34.99 3.05 -52.37
CA LYS A 333 34.71 4.45 -52.09
C LYS A 333 33.22 4.66 -51.95
N ALA A 334 32.81 5.20 -50.81
CA ALA A 334 31.40 5.37 -50.50
C ALA A 334 30.78 6.47 -51.34
N THR A 335 29.58 6.21 -51.82
CA THR A 335 28.80 7.17 -52.59
C THR A 335 27.41 7.26 -51.98
N ILE A 336 26.86 8.47 -51.96
CA ILE A 336 25.49 8.67 -51.50
C ILE A 336 24.55 8.11 -52.56
N ILE A 337 23.84 7.04 -52.23
CA ILE A 337 22.84 6.49 -53.15
C ILE A 337 21.41 6.81 -52.72
N LYS A 338 21.21 7.34 -51.51
CA LYS A 338 19.90 7.84 -51.14
C LYS A 338 20.10 8.98 -50.17
N LYS A 339 19.55 10.15 -50.48
CA LYS A 339 19.79 11.37 -49.72
C LYS A 339 18.79 11.51 -48.58
N HIS A 340 19.26 12.13 -47.51
CA HIS A 340 18.39 12.69 -46.47
C HIS A 340 17.99 14.09 -46.91
N GLU A 341 16.71 14.28 -47.23
CA GLU A 341 16.28 15.48 -47.94
C GLU A 341 16.35 16.75 -47.10
N LYS A 342 16.36 16.63 -45.77
CA LYS A 342 16.48 17.81 -44.92
C LYS A 342 17.91 18.09 -44.50
N GLY A 343 18.84 17.18 -44.78
CA GLY A 343 20.21 17.30 -44.32
C GLY A 343 21.18 17.76 -45.38
N VAL A 344 22.44 17.81 -44.97
CA VAL A 344 23.59 17.99 -45.83
C VAL A 344 24.26 16.62 -45.92
N ASN A 345 24.23 16.03 -47.10
CA ASN A 345 24.58 14.62 -47.23
C ASN A 345 26.08 14.41 -47.42
N THR A 346 26.76 15.42 -47.94
CA THR A 346 28.22 15.41 -47.97
C THR A 346 28.80 15.39 -46.57
N ASN A 347 28.08 15.97 -45.60
CA ASN A 347 28.50 15.88 -44.20
C ASN A 347 28.46 14.45 -43.72
N TYR A 348 27.43 13.67 -44.10
CA TYR A 348 27.36 12.27 -43.71
C TYR A 348 28.46 11.45 -44.37
N LEU A 349 28.78 11.78 -45.63
CA LEU A 349 29.90 11.13 -46.32
C LEU A 349 31.23 11.38 -45.62
N MET A 350 31.48 12.64 -45.25
CA MET A 350 32.71 12.98 -44.56
C MET A 350 32.76 12.38 -43.17
N ILE A 351 31.60 12.20 -42.52
CA ILE A 351 31.55 11.54 -41.22
C ILE A 351 31.97 10.08 -41.34
N TRP A 352 31.50 9.40 -42.38
CA TRP A 352 31.88 8.00 -42.57
C TRP A 352 33.37 7.85 -42.89
N GLU A 353 33.91 8.75 -43.72
CA GLU A 353 35.33 8.64 -44.05
C GLU A 353 36.22 8.98 -42.85
N GLN A 354 35.81 9.96 -42.03
CA GLN A 354 36.55 10.28 -40.81
C GLN A 354 36.52 9.13 -39.82
N LEU A 355 35.36 8.49 -39.66
CA LEU A 355 35.22 7.38 -38.73
C LEU A 355 36.07 6.19 -39.15
N LEU A 356 36.04 5.84 -40.44
CA LEU A 356 36.81 4.70 -40.92
C LEU A 356 38.31 4.96 -40.83
N GLU A 357 38.73 6.20 -41.15
CA GLU A 357 40.14 6.56 -41.04
C GLU A 357 40.62 6.51 -39.59
N SER A 358 39.78 6.94 -38.64
CA SER A 358 40.21 6.93 -37.25
C SER A 358 40.15 5.54 -36.64
N ILE A 359 39.26 4.67 -37.11
CA ILE A 359 39.26 3.28 -36.67
C ILE A 359 40.54 2.59 -37.13
N LYS A 360 40.97 2.92 -38.36
CA LYS A 360 42.17 2.33 -38.96
C LYS A 360 43.43 2.56 -38.13
N GLU A 361 43.51 3.66 -37.38
CA GLU A 361 44.73 3.97 -36.63
C GLU A 361 44.42 4.42 -35.21
N MET A 362 43.59 3.66 -34.50
CA MET A 362 43.30 3.99 -33.11
C MET A 362 44.16 3.16 -32.17
N GLU A 363 44.56 3.78 -31.07
CA GLU A 363 45.25 3.12 -29.98
C GLU A 363 44.49 3.39 -28.70
N GLY A 364 44.43 2.41 -27.82
CA GLY A 364 43.67 2.53 -26.60
C GLY A 364 42.39 1.73 -26.67
N LYS A 365 41.52 1.98 -25.70
CA LYS A 365 40.26 1.27 -25.63
C LYS A 365 39.09 2.10 -26.10
N PHE A 366 39.22 3.43 -26.15
CA PHE A 366 38.12 4.33 -26.47
C PHE A 366 38.54 5.27 -27.57
N LEU A 367 37.79 5.27 -28.67
CA LEU A 367 38.05 6.11 -29.81
C LEU A 367 37.18 7.35 -29.74
N ASN A 368 37.80 8.51 -29.59
CA ASN A 368 37.08 9.78 -29.55
C ASN A 368 37.43 10.57 -30.79
N LEU A 369 36.43 10.82 -31.62
CA LEU A 369 36.65 11.49 -32.88
C LEU A 369 36.93 12.98 -32.67
N LYS A 370 37.73 13.54 -33.57
CA LYS A 370 38.00 14.97 -33.55
C LYS A 370 36.77 15.75 -33.98
N LYS A 371 36.60 16.93 -33.41
CA LYS A 371 35.39 17.72 -33.62
C LYS A 371 35.57 18.55 -34.87
N THR A 372 35.23 17.95 -36.00
CA THR A 372 35.27 18.61 -37.28
C THR A 372 33.91 19.23 -37.57
N ASN A 373 33.78 19.92 -38.70
CA ASN A 373 32.55 20.67 -38.94
C ASN A 373 31.38 19.79 -39.39
N HIS A 374 31.65 18.73 -40.14
CA HIS A 374 30.59 17.81 -40.52
C HIS A 374 30.11 17.01 -39.32
N LEU A 375 31.03 16.66 -38.42
CA LEU A 375 30.66 15.94 -37.21
C LEU A 375 29.94 16.86 -36.24
N LYS A 376 30.36 18.13 -36.16
CA LYS A 376 29.63 19.10 -35.36
C LYS A 376 28.26 19.39 -35.94
N TRP A 377 28.10 19.28 -37.26
CA TRP A 377 26.78 19.46 -37.85
C TRP A 377 25.88 18.29 -37.51
N GLY A 378 26.33 17.06 -37.81
CA GLY A 378 25.54 15.87 -37.61
C GLY A 378 25.22 15.56 -36.16
N LEU A 379 26.02 16.06 -35.24
CA LEU A 379 25.75 15.91 -33.82
C LEU A 379 25.07 17.13 -33.23
N GLY A 380 24.68 18.09 -34.05
CA GLY A 380 23.88 19.22 -33.61
C GLY A 380 24.55 20.16 -32.64
N GLU A 381 25.86 20.36 -32.78
CA GLU A 381 26.59 21.24 -31.89
C GLU A 381 26.35 22.69 -32.28
N GLY A 382 26.03 23.53 -31.30
CA GLY A 382 25.74 24.91 -31.54
C GLY A 382 24.32 25.22 -31.95
N GLN A 383 23.43 24.24 -31.95
CA GLN A 383 22.08 24.43 -32.45
C GLN A 383 21.13 25.07 -31.45
N ALA A 384 21.41 24.97 -30.17
CA ALA A 384 20.56 25.62 -29.19
C ALA A 384 20.81 27.12 -29.21
N PRO A 385 19.76 27.92 -29.04
CA PRO A 385 19.98 29.33 -28.74
C PRO A 385 20.59 29.50 -27.37
N GLU A 386 21.32 30.59 -27.19
CA GLU A 386 22.07 30.79 -25.95
C GLU A 386 21.13 31.21 -24.84
N LYS A 387 21.06 30.38 -23.78
CA LYS A 387 20.12 30.63 -22.71
C LYS A 387 20.55 31.84 -21.88
N MET A 388 19.63 32.76 -21.67
CA MET A 388 19.90 34.03 -21.03
C MET A 388 18.85 34.26 -19.96
N ASP A 389 19.21 35.06 -18.96
CA ASP A 389 18.22 35.47 -17.97
C ASP A 389 17.39 36.61 -18.51
N PHE A 390 16.13 36.66 -18.08
CA PHE A 390 15.20 37.67 -18.60
C PHE A 390 15.54 39.07 -18.12
N GLU A 391 16.27 39.22 -17.02
CA GLU A 391 16.66 40.54 -16.51
C GLU A 391 17.55 41.29 -17.50
N ASP A 392 18.42 40.58 -18.20
CA ASP A 392 19.23 41.15 -19.27
C ASP A 392 18.64 40.88 -20.65
N CYS A 393 17.32 40.64 -20.73
CA CYS A 393 16.68 40.27 -21.99
C CYS A 393 15.42 41.07 -22.28
N LYS A 394 15.09 42.07 -21.46
CA LYS A 394 13.89 42.85 -21.73
C LYS A 394 14.06 43.76 -22.93
N GLU A 395 15.30 44.17 -23.22
CA GLU A 395 15.58 45.00 -24.38
C GLU A 395 15.32 44.29 -25.69
N VAL A 396 15.43 42.97 -25.72
CA VAL A 396 15.31 42.15 -26.93
C VAL A 396 13.90 42.24 -27.50
N PRO A 397 13.72 42.87 -28.66
CA PRO A 397 12.37 43.18 -29.15
C PRO A 397 11.72 42.09 -30.02
N ASP A 398 12.35 40.94 -30.18
CA ASP A 398 11.79 39.86 -30.99
C ASP A 398 11.73 38.57 -30.20
N LEU A 399 11.41 38.65 -28.92
CA LEU A 399 11.25 37.47 -28.07
C LEU A 399 9.91 36.83 -28.35
N PHE A 400 9.92 35.78 -29.16
CA PHE A 400 8.70 35.05 -29.46
C PHE A 400 8.68 33.72 -28.72
N GLN A 401 7.48 33.32 -28.32
CA GLN A 401 7.31 32.09 -27.58
C GLN A 401 7.60 30.88 -28.47
N TYR A 402 8.17 29.86 -27.84
CA TYR A 402 8.39 28.56 -28.48
C TYR A 402 7.09 27.99 -29.02
N LYS A 403 7.18 27.30 -30.14
CA LYS A 403 5.99 26.78 -30.78
C LYS A 403 5.63 25.41 -30.20
N SER A 404 4.35 25.09 -30.24
CA SER A 404 3.79 23.88 -29.63
C SER A 404 2.87 23.18 -30.61
N GLU A 405 3.35 22.95 -31.81
CA GLU A 405 2.55 22.36 -32.87
C GLU A 405 2.25 20.89 -32.57
N PRO A 406 1.08 20.40 -32.98
CA PRO A 406 0.77 18.98 -32.83
C PRO A 406 1.55 18.15 -33.85
N PRO A 407 1.69 16.86 -33.63
CA PRO A 407 2.38 16.03 -34.63
C PRO A 407 1.53 15.83 -35.86
N GLU A 408 2.21 15.72 -37.00
CA GLU A 408 1.53 15.59 -38.27
C GLU A 408 1.11 14.15 -38.50
N LYS A 409 -0.07 13.96 -39.06
CA LYS A 409 -0.61 12.62 -39.24
C LYS A 409 0.11 11.87 -40.35
N ARG A 410 0.34 10.58 -40.12
CA ARG A 410 0.95 9.73 -41.11
C ARG A 410 0.02 8.57 -41.41
N LYS A 411 0.18 8.02 -42.61
CA LYS A 411 -0.56 6.85 -43.05
C LYS A 411 0.23 5.59 -42.74
N LEU A 412 -0.48 4.52 -42.41
CA LEU A 412 0.15 3.23 -42.16
C LEU A 412 0.69 2.63 -43.44
N ALA A 413 1.98 2.30 -43.44
CA ALA A 413 2.62 1.61 -44.54
C ALA A 413 2.80 0.14 -44.20
N SER A 414 3.18 -0.65 -45.20
CA SER A 414 3.25 -2.09 -45.01
C SER A 414 4.56 -2.57 -44.40
N TRP A 415 5.53 -1.70 -44.18
CA TRP A 415 6.84 -2.15 -43.72
C TRP A 415 6.82 -2.60 -42.26
N ILE A 416 5.97 -1.98 -41.42
CA ILE A 416 5.99 -2.29 -39.99
C ILE A 416 5.31 -3.63 -39.71
N GLN A 417 4.37 -4.04 -40.57
CA GLN A 417 3.85 -5.39 -40.47
C GLN A 417 4.88 -6.41 -40.91
N SER A 418 5.68 -6.09 -41.93
CA SER A 418 6.79 -6.96 -42.34
C SER A 418 7.83 -7.09 -41.24
N GLU A 419 8.09 -6.00 -40.52
CA GLU A 419 9.02 -6.02 -39.40
C GLU A 419 8.48 -6.87 -38.26
N PHE A 420 7.18 -6.78 -37.99
CA PHE A 420 6.61 -7.63 -36.96
C PHE A 420 6.56 -9.09 -37.38
N ASN A 421 6.39 -9.39 -38.67
CA ASN A 421 6.44 -10.77 -39.11
C ASN A 421 7.84 -11.34 -38.99
N LYS A 422 8.85 -10.52 -39.27
CA LYS A 422 10.22 -10.99 -39.15
C LYS A 422 10.64 -11.15 -37.71
N ALA A 423 10.08 -10.35 -36.80
CA ALA A 423 10.51 -10.41 -35.41
C ALA A 423 9.91 -11.58 -34.63
N SER A 424 8.94 -12.30 -35.18
CA SER A 424 8.36 -13.46 -34.52
C SER A 424 8.99 -14.76 -34.97
N GLU A 425 10.12 -14.70 -35.65
CA GLU A 425 10.71 -15.86 -36.30
C GLU A 425 11.93 -16.35 -35.55
N LEU A 426 12.19 -17.65 -35.67
CA LEU A 426 13.34 -18.28 -35.03
C LEU A 426 14.59 -18.03 -35.84
N THR A 427 15.67 -17.70 -35.16
CA THR A 427 16.98 -17.54 -35.80
C THR A 427 17.77 -18.82 -35.62
N ASN A 428 19.05 -18.79 -35.98
CA ASN A 428 19.94 -19.94 -35.84
C ASN A 428 20.93 -19.77 -34.70
N SER A 429 20.56 -19.05 -33.65
CA SER A 429 21.47 -18.79 -32.56
C SER A 429 20.68 -18.54 -31.30
N ASN A 430 21.32 -18.78 -30.16
CA ASN A 430 20.78 -18.36 -28.89
C ASN A 430 21.26 -16.95 -28.59
N TRP A 431 20.34 -16.06 -28.30
CA TRP A 431 20.67 -14.68 -27.99
C TRP A 431 20.67 -14.39 -26.51
N ILE A 432 19.83 -15.08 -25.75
CA ILE A 432 19.73 -14.88 -24.31
C ILE A 432 20.49 -16.00 -23.63
N GLU A 433 21.49 -15.63 -22.86
CA GLU A 433 22.24 -16.56 -22.03
C GLU A 433 21.70 -16.40 -20.61
N PHE A 434 20.91 -17.36 -20.17
CA PHE A 434 20.31 -17.29 -18.84
C PHE A 434 21.31 -17.78 -17.81
N ASP A 435 21.36 -17.06 -16.68
CA ASP A 435 22.31 -17.42 -15.64
C ASP A 435 21.87 -18.68 -14.90
N GLU A 436 22.75 -19.19 -14.04
CA GLU A 436 22.50 -20.48 -13.43
C GLU A 436 21.46 -20.34 -12.31
N LEU A 437 20.90 -21.47 -11.94
CA LEU A 437 19.90 -21.54 -10.90
C LEU A 437 20.37 -22.51 -9.82
N GLY A 438 19.81 -22.38 -8.62
CA GLY A 438 20.06 -23.36 -7.59
C GLY A 438 19.46 -24.70 -7.94
N ASN A 439 19.85 -25.72 -7.19
CA ASN A 439 19.41 -27.07 -7.52
C ASN A 439 17.94 -27.24 -7.15
N ASP A 440 17.26 -28.10 -7.91
CA ASP A 440 15.84 -28.31 -7.71
C ASP A 440 15.62 -29.41 -6.69
N VAL A 441 14.99 -29.07 -5.57
CA VAL A 441 14.67 -30.01 -4.51
C VAL A 441 13.19 -30.34 -4.49
N ALA A 442 12.34 -29.33 -4.62
CA ALA A 442 10.91 -29.55 -4.62
C ALA A 442 10.46 -30.15 -5.95
N PRO A 443 9.39 -30.95 -5.95
CA PRO A 443 8.82 -31.43 -7.22
C PRO A 443 8.27 -30.33 -8.10
N ILE A 444 7.79 -29.23 -7.52
CA ILE A 444 7.31 -28.10 -8.29
C ILE A 444 8.48 -27.42 -9.00
N GLU A 445 9.69 -27.51 -8.45
CA GLU A 445 10.86 -26.98 -9.13
C GLU A 445 11.27 -27.85 -10.30
N HIS A 446 11.04 -29.15 -10.20
CA HIS A 446 11.27 -30.02 -11.35
C HIS A 446 10.28 -29.73 -12.47
N ILE A 447 9.01 -29.54 -12.13
CA ILE A 447 7.98 -29.16 -13.10
C ILE A 447 8.29 -27.81 -13.74
N ALA A 448 8.75 -26.86 -12.93
CA ALA A 448 9.06 -25.53 -13.42
C ALA A 448 10.30 -25.53 -14.30
N SER A 449 11.29 -26.37 -13.99
CA SER A 449 12.47 -26.46 -14.83
C SER A 449 12.15 -27.13 -16.16
N ARG A 450 11.28 -28.14 -16.13
CA ARG A 450 10.85 -28.78 -17.36
C ARG A 450 10.05 -27.85 -18.25
N ARG A 451 9.26 -26.96 -17.66
CA ARG A 451 8.54 -25.97 -18.46
C ARG A 451 9.46 -24.83 -18.92
N ARG A 452 10.42 -24.45 -18.08
CA ARG A 452 11.35 -23.39 -18.40
C ARG A 452 12.28 -23.79 -19.54
N ASN A 453 12.59 -25.08 -19.68
CA ASN A 453 13.42 -25.50 -20.80
C ASN A 453 12.70 -25.35 -22.13
N PHE A 454 11.41 -25.67 -22.16
CA PHE A 454 10.58 -25.39 -23.34
C PHE A 454 10.50 -23.90 -23.63
N PHE A 455 10.31 -23.09 -22.58
CA PHE A 455 10.21 -21.64 -22.76
C PHE A 455 11.53 -21.05 -23.28
N THR A 456 12.66 -21.56 -22.82
CA THR A 456 13.94 -21.05 -23.27
C THR A 456 14.24 -21.52 -24.69
N ALA A 457 13.85 -22.76 -25.02
CA ALA A 457 14.04 -23.25 -26.38
C ALA A 457 13.21 -22.48 -27.40
N GLU A 458 12.03 -22.01 -27.00
CA GLU A 458 11.29 -21.16 -27.93
C GLU A 458 11.73 -19.70 -27.91
N VAL A 459 12.10 -19.18 -26.74
CA VAL A 459 12.19 -17.74 -26.58
C VAL A 459 13.58 -17.19 -26.84
N SER A 460 14.62 -18.03 -26.85
CA SER A 460 15.98 -17.53 -26.95
C SER A 460 16.49 -17.47 -28.37
N GLN A 461 15.90 -18.22 -29.29
CA GLN A 461 16.31 -18.17 -30.68
C GLN A 461 15.45 -17.24 -31.52
N CYS A 462 14.52 -16.52 -30.89
CA CYS A 462 13.65 -15.60 -31.59
C CYS A 462 14.42 -14.36 -32.05
N ARG A 463 13.94 -13.74 -33.12
CA ARG A 463 14.56 -12.52 -33.64
C ARG A 463 14.34 -11.34 -32.69
N ALA A 464 13.23 -11.35 -31.96
CA ALA A 464 12.96 -10.32 -30.97
C ALA A 464 13.92 -10.38 -29.80
N SER A 465 14.46 -11.57 -29.50
CA SER A 465 15.48 -11.69 -28.47
C SER A 465 16.79 -11.07 -28.91
N GLU A 466 17.09 -11.16 -30.21
CA GLU A 466 18.23 -10.46 -30.77
C GLU A 466 18.03 -8.95 -30.68
N TYR A 467 16.81 -8.48 -30.92
CA TYR A 467 16.55 -7.05 -30.76
C TYR A 467 16.64 -6.60 -29.30
N ILE A 468 16.25 -7.48 -28.36
CA ILE A 468 16.43 -7.20 -26.94
C ILE A 468 17.89 -7.02 -26.60
N MET A 469 18.74 -7.98 -27.00
CA MET A 469 20.15 -7.91 -26.65
C MET A 469 20.85 -6.76 -27.35
N LYS A 470 20.43 -6.45 -28.58
CA LYS A 470 20.94 -5.29 -29.30
C LYS A 470 20.61 -4.00 -28.57
N ALA A 471 19.36 -3.84 -28.15
CA ALA A 471 18.94 -2.64 -27.45
C ALA A 471 19.59 -2.52 -26.09
N VAL A 472 19.78 -3.64 -25.39
CA VAL A 472 20.39 -3.64 -24.07
C VAL A 472 21.85 -3.23 -24.16
N TYR A 473 22.56 -3.77 -25.15
CA TYR A 473 23.96 -3.41 -25.37
C TYR A 473 24.10 -1.94 -25.78
N ILE A 474 23.23 -1.47 -26.67
CA ILE A 474 23.35 -0.11 -27.20
C ILE A 474 23.05 0.91 -26.11
N ASN A 475 21.96 0.69 -25.36
CA ASN A 475 21.58 1.65 -24.33
C ASN A 475 22.53 1.60 -23.14
N THR A 476 23.12 0.44 -22.86
CA THR A 476 24.12 0.36 -21.81
C THR A 476 25.37 1.13 -22.17
N ALA A 477 25.90 0.88 -23.37
CA ALA A 477 27.12 1.54 -23.78
C ALA A 477 26.91 3.03 -23.98
N LEU A 478 25.71 3.42 -24.40
CA LEU A 478 25.40 4.84 -24.55
C LEU A 478 25.29 5.52 -23.20
N LEU A 479 24.73 4.86 -22.19
CA LEU A 479 24.63 5.46 -20.87
C LEU A 479 26.00 5.61 -20.22
N ASN A 480 26.84 4.58 -20.32
CA ASN A 480 28.19 4.65 -19.76
C ASN A 480 29.04 5.68 -20.48
N SER A 481 28.90 5.78 -21.80
CA SER A 481 29.60 6.81 -22.54
C SER A 481 29.07 8.19 -22.23
N SER A 482 27.76 8.34 -22.05
CA SER A 482 27.17 9.64 -21.83
C SER A 482 27.50 10.18 -20.46
N CYS A 483 27.78 9.31 -19.50
CA CYS A 483 28.15 9.77 -18.18
C CYS A 483 29.66 9.88 -17.97
N THR A 484 30.48 9.11 -18.68
CA THR A 484 31.93 9.20 -18.46
C THR A 484 32.67 10.02 -19.49
N ALA A 485 32.05 10.34 -20.62
CA ALA A 485 32.70 11.03 -21.73
C ALA A 485 31.82 12.15 -22.25
N MET A 486 31.38 13.01 -21.33
CA MET A 486 30.37 14.03 -21.61
C MET A 486 30.80 15.05 -22.66
N GLU A 487 32.09 15.22 -22.89
CA GLU A 487 32.57 16.19 -23.86
C GLU A 487 33.19 15.55 -25.10
N GLU A 488 33.26 14.23 -25.16
CA GLU A 488 33.93 13.55 -26.26
C GLU A 488 32.92 13.11 -27.30
N TYR A 489 33.41 12.96 -28.53
CA TYR A 489 32.62 12.42 -29.63
C TYR A 489 32.99 10.94 -29.74
N GLN A 490 32.46 10.16 -28.81
CA GLN A 490 32.83 8.76 -28.66
C GLN A 490 32.25 7.88 -29.75
N VAL A 491 33.01 6.87 -30.15
CA VAL A 491 32.52 5.83 -31.05
C VAL A 491 32.18 4.61 -30.21
N ILE A 492 30.94 4.16 -30.35
CA ILE A 492 30.37 3.02 -29.64
C ILE A 492 30.04 2.00 -30.71
N PRO A 493 30.70 0.86 -30.76
CA PRO A 493 30.27 -0.18 -31.69
C PRO A 493 28.98 -0.83 -31.25
N ILE A 494 28.21 -1.28 -32.22
CA ILE A 494 26.98 -2.01 -31.98
C ILE A 494 27.34 -3.49 -31.99
N ILE A 495 27.55 -4.05 -30.81
CA ILE A 495 27.99 -5.43 -30.64
C ILE A 495 26.83 -6.25 -30.14
N THR A 496 26.71 -7.48 -30.61
CA THR A 496 26.03 -8.52 -29.84
C THR A 496 26.93 -9.74 -29.74
N LYS A 497 26.49 -10.69 -28.94
CA LYS A 497 27.23 -11.92 -28.69
C LYS A 497 26.24 -13.07 -28.61
N CYS A 498 26.37 -14.03 -29.49
CA CYS A 498 25.46 -15.16 -29.50
C CYS A 498 26.24 -16.47 -29.42
N ARG A 499 25.49 -17.55 -29.29
CA ARG A 499 25.99 -18.91 -29.39
C ARG A 499 25.14 -19.63 -30.42
N ASP A 500 25.79 -20.32 -31.34
CA ASP A 500 25.06 -20.91 -32.45
C ASP A 500 24.47 -22.24 -32.03
N THR A 501 24.01 -23.01 -33.02
CA THR A 501 23.42 -24.32 -32.75
C THR A 501 24.48 -25.35 -32.38
N SER A 502 25.76 -25.07 -32.61
CA SER A 502 26.83 -25.95 -32.20
C SER A 502 27.47 -25.52 -30.88
N GLY A 503 27.00 -24.43 -30.28
CA GLY A 503 27.51 -23.98 -29.00
C GLY A 503 28.74 -23.10 -29.08
N GLN A 504 29.11 -22.62 -30.27
CA GLN A 504 30.28 -21.79 -30.44
C GLN A 504 29.93 -20.32 -30.27
N ARG A 505 30.79 -19.60 -29.55
CA ARG A 505 30.62 -18.16 -29.36
C ARG A 505 30.75 -17.41 -30.66
N ARG A 506 30.08 -16.27 -30.76
CA ARG A 506 30.15 -15.45 -31.96
C ARG A 506 29.90 -14.01 -31.58
N THR A 507 30.77 -13.12 -32.01
CA THR A 507 30.63 -11.69 -31.78
C THR A 507 30.21 -11.01 -33.08
N ASN A 508 29.10 -10.28 -33.02
CA ASN A 508 28.51 -9.63 -34.18
C ASN A 508 28.66 -8.13 -34.07
N LEU A 509 28.97 -7.48 -35.19
CA LEU A 509 29.00 -6.03 -35.31
C LEU A 509 27.93 -5.60 -36.30
N TYR A 510 27.15 -4.58 -35.92
CA TYR A 510 26.08 -4.06 -36.76
C TYR A 510 26.36 -2.67 -37.29
N GLY A 511 27.40 -2.03 -36.82
CA GLY A 511 27.68 -0.67 -37.17
C GLY A 511 28.14 0.08 -35.95
N PHE A 512 28.06 1.40 -36.03
CA PHE A 512 28.66 2.26 -35.04
C PHE A 512 27.69 3.38 -34.66
N ILE A 513 27.97 3.97 -33.51
CA ILE A 513 27.23 5.11 -32.99
C ILE A 513 28.24 6.14 -32.55
N ILE A 514 28.09 7.36 -33.01
CA ILE A 514 28.97 8.45 -32.62
C ILE A 514 28.17 9.35 -31.70
N LYS A 515 28.54 9.39 -30.43
CA LYS A 515 27.86 10.18 -29.43
C LYS A 515 28.25 11.64 -29.54
N GLY A 516 27.30 12.53 -29.32
CA GLY A 516 27.60 13.94 -29.19
C GLY A 516 27.98 14.28 -27.76
N ARG A 517 27.86 15.55 -27.42
CA ARG A 517 28.06 15.95 -26.04
C ARG A 517 26.85 15.58 -25.21
N SER A 518 27.10 15.10 -24.00
CA SER A 518 26.04 14.61 -23.12
C SER A 518 26.18 15.25 -21.75
N HIS A 519 25.67 16.47 -21.61
CA HIS A 519 25.53 17.10 -20.30
C HIS A 519 24.05 17.03 -19.93
N LEU A 520 23.63 15.84 -19.51
CA LEU A 520 22.22 15.54 -19.34
C LEU A 520 21.79 15.85 -17.92
N ARG A 521 21.03 16.93 -17.76
CA ARG A 521 20.56 17.35 -16.44
C ARG A 521 19.12 16.94 -16.17
N ASN A 522 18.18 17.29 -17.05
CA ASN A 522 16.86 16.70 -16.95
C ASN A 522 16.90 15.23 -17.36
N ASP A 523 15.83 14.51 -17.03
CA ASP A 523 15.69 13.14 -17.50
C ASP A 523 15.26 13.06 -18.94
N THR A 524 14.71 14.14 -19.50
CA THR A 524 14.33 14.19 -20.90
C THR A 524 15.33 14.94 -21.76
N ASP A 525 16.49 15.31 -21.21
CA ASP A 525 17.53 15.94 -22.01
C ASP A 525 18.07 14.96 -23.05
N VAL A 526 18.13 15.41 -24.29
CA VAL A 526 18.48 14.56 -25.42
C VAL A 526 19.98 14.66 -25.67
N VAL A 527 20.65 13.52 -25.69
CA VAL A 527 21.97 13.43 -26.29
C VAL A 527 21.79 12.97 -27.74
N ASN A 528 22.46 13.68 -28.65
CA ASN A 528 22.43 13.36 -30.07
C ASN A 528 23.52 12.35 -30.39
N PHE A 529 23.21 11.46 -31.32
CA PHE A 529 24.20 10.54 -31.82
C PHE A 529 23.96 10.34 -33.31
N ILE A 530 25.00 9.87 -33.98
CA ILE A 530 24.92 9.44 -35.37
C ILE A 530 24.94 7.92 -35.36
N SER A 531 23.98 7.31 -36.02
CA SER A 531 23.98 5.87 -36.21
C SER A 531 24.40 5.56 -37.64
N LEU A 532 25.31 4.59 -37.78
CA LEU A 532 25.81 4.13 -39.07
C LEU A 532 25.73 2.62 -39.06
N GLU A 533 24.77 2.06 -39.81
CA GLU A 533 24.45 0.64 -39.70
C GLU A 533 24.62 -0.07 -41.03
N PHE A 534 25.26 -1.24 -40.99
CA PHE A 534 25.46 -2.06 -42.18
C PHE A 534 24.16 -2.70 -42.63
N SER A 535 23.99 -2.83 -43.94
CA SER A 535 22.78 -3.45 -44.45
C SER A 535 23.06 -4.04 -45.82
N LEU A 536 22.23 -5.02 -46.19
CA LEU A 536 22.17 -5.54 -47.55
C LEU A 536 20.89 -5.15 -48.24
N THR A 537 20.19 -4.15 -47.74
CA THR A 537 18.88 -3.77 -48.24
C THR A 537 18.98 -2.47 -49.03
N ASP A 538 18.54 -2.51 -50.26
CA ASP A 538 18.48 -1.34 -51.12
C ASP A 538 17.38 -0.42 -50.61
N PRO A 539 17.68 0.80 -50.20
CA PRO A 539 16.64 1.69 -49.68
C PRO A 539 15.73 2.25 -50.74
N ARG A 540 16.04 2.05 -52.02
CA ARG A 540 15.30 2.68 -53.10
C ARG A 540 14.03 1.91 -53.44
N ASN A 541 13.75 0.79 -52.78
CA ASN A 541 12.48 0.11 -52.97
C ASN A 541 11.39 0.77 -52.12
N GLU A 542 11.54 0.72 -50.80
CA GLU A 542 10.61 1.41 -49.90
C GLU A 542 11.27 2.69 -49.43
N ILE A 543 11.18 3.73 -50.26
CA ILE A 543 11.95 4.94 -50.02
C ILE A 543 11.38 5.73 -48.84
N HIS A 544 10.07 5.62 -48.61
CA HIS A 544 9.37 6.39 -47.59
C HIS A 544 9.69 5.93 -46.20
N LYS A 545 10.10 4.66 -46.05
CA LYS A 545 10.57 4.14 -44.77
C LYS A 545 11.85 4.85 -44.32
N TRP A 546 12.67 5.31 -45.26
CA TRP A 546 14.02 5.75 -44.93
C TRP A 546 14.16 7.26 -45.02
N GLU A 547 13.15 7.98 -44.51
CA GLU A 547 13.06 9.42 -44.67
C GLU A 547 14.19 10.14 -43.93
N LYS A 548 14.55 9.68 -42.74
CA LYS A 548 15.55 10.37 -41.92
C LYS A 548 16.97 9.91 -42.20
N TYR A 549 17.17 9.03 -43.17
CA TYR A 549 18.46 8.40 -43.39
C TYR A 549 19.14 8.98 -44.62
N CYS A 550 20.47 9.00 -44.58
CA CYS A 550 21.30 9.15 -45.75
C CYS A 550 22.00 7.83 -45.97
N VAL A 551 21.57 7.08 -46.97
CA VAL A 551 22.11 5.76 -47.23
C VAL A 551 23.23 5.88 -48.24
N LEU A 552 24.39 5.35 -47.87
CA LEU A 552 25.57 5.24 -48.70
C LEU A 552 25.68 3.83 -49.25
N GLU A 553 26.53 3.67 -50.24
CA GLU A 553 26.94 2.34 -50.70
C GLU A 553 28.43 2.25 -50.44
N ILE A 554 28.82 1.38 -49.52
CA ILE A 554 30.20 1.34 -49.06
C ILE A 554 30.93 0.08 -49.47
N GLY A 555 30.25 -0.92 -49.99
CA GLY A 555 31.01 -2.09 -50.38
C GLY A 555 30.24 -3.07 -51.22
N ASP A 556 30.85 -4.23 -51.40
CA ASP A 556 30.27 -5.36 -52.11
C ASP A 556 30.64 -6.62 -51.35
N MET A 557 29.71 -7.58 -51.30
CA MET A 557 29.89 -8.79 -50.51
C MET A 557 29.47 -10.00 -51.32
N GLU A 558 30.31 -11.03 -51.32
CA GLU A 558 29.94 -12.32 -51.88
C GLU A 558 28.88 -12.96 -51.00
N ILE A 559 27.71 -13.20 -51.57
CA ILE A 559 26.57 -13.78 -50.85
C ILE A 559 26.29 -15.15 -51.47
N ARG A 560 26.39 -16.19 -50.65
CA ARG A 560 26.14 -17.55 -51.11
C ARG A 560 24.68 -17.89 -50.84
N THR A 561 23.91 -18.06 -51.90
CA THR A 561 22.49 -18.37 -51.80
C THR A 561 22.29 -19.88 -51.76
N SER A 562 21.05 -20.32 -51.97
CA SER A 562 20.76 -21.75 -51.94
C SER A 562 21.29 -22.46 -53.18
N ILE A 563 21.47 -21.75 -54.28
CA ILE A 563 21.99 -22.36 -55.51
C ILE A 563 23.46 -22.02 -55.68
N SER A 564 23.77 -20.73 -55.83
CA SER A 564 25.14 -20.32 -56.15
C SER A 564 25.39 -18.93 -55.53
N THR A 565 26.46 -18.28 -55.97
CA THR A 565 27.01 -17.10 -55.29
C THR A 565 26.84 -15.85 -56.14
N ILE A 566 26.34 -14.78 -55.51
CA ILE A 566 26.17 -13.48 -56.13
C ILE A 566 27.07 -12.47 -55.41
N MET A 567 27.12 -11.25 -55.94
CA MET A 567 27.91 -10.16 -55.37
C MET A 567 26.97 -8.99 -55.07
N LYS A 568 26.48 -8.94 -53.86
CA LYS A 568 25.49 -7.93 -53.50
C LYS A 568 26.17 -6.65 -53.01
N PRO A 569 25.54 -5.49 -53.19
CA PRO A 569 26.07 -4.29 -52.56
C PRO A 569 25.83 -4.27 -51.07
N VAL A 570 26.76 -3.63 -50.36
CA VAL A 570 26.67 -3.41 -48.92
C VAL A 570 26.46 -1.93 -48.71
N TYR A 571 25.34 -1.58 -48.09
CA TYR A 571 24.95 -0.22 -47.80
C TYR A 571 25.22 0.13 -46.36
N LEU A 572 25.35 1.43 -46.10
CA LEU A 572 25.52 1.97 -44.76
C LEU A 572 24.44 3.01 -44.54
N TYR A 573 23.53 2.72 -43.64
CA TYR A 573 22.44 3.62 -43.30
C TYR A 573 22.90 4.57 -42.21
N VAL A 574 22.94 5.86 -42.52
CA VAL A 574 23.46 6.87 -41.61
C VAL A 574 22.33 7.83 -41.27
N ARG A 575 22.15 8.11 -39.98
CA ARG A 575 21.20 9.12 -39.59
C ARG A 575 21.65 9.78 -38.30
N THR A 576 21.08 10.94 -38.03
CA THR A 576 21.09 11.52 -36.70
C THR A 576 19.93 10.94 -35.92
N ASN A 577 20.17 10.58 -34.67
CA ASN A 577 19.11 10.18 -33.77
C ASN A 577 19.45 10.76 -32.41
N GLY A 578 18.56 10.56 -31.45
CA GLY A 578 18.77 11.14 -30.15
C GLY A 578 18.05 10.33 -29.11
N THR A 579 18.55 10.41 -27.88
CA THR A 579 17.94 9.63 -26.82
C THR A 579 18.11 10.39 -25.51
N SER A 580 17.21 10.12 -24.58
CA SER A 580 17.27 10.69 -23.25
C SER A 580 17.74 9.63 -22.26
N LYS A 581 17.92 10.04 -21.00
CA LYS A 581 18.34 9.09 -19.99
C LYS A 581 17.23 8.12 -19.60
N ILE A 582 15.97 8.55 -19.67
CA ILE A 582 14.91 7.61 -19.35
C ILE A 582 14.69 6.63 -20.48
N LYS A 583 14.93 7.04 -21.73
CA LYS A 583 14.85 6.10 -22.84
C LYS A 583 15.98 5.08 -22.77
N MET A 584 17.19 5.52 -22.39
CA MET A 584 18.30 4.58 -22.19
C MET A 584 18.03 3.66 -21.01
N LYS A 585 17.42 4.18 -19.95
CA LYS A 585 17.08 3.39 -18.78
C LYS A 585 16.09 2.28 -19.12
N TRP A 586 15.04 2.63 -19.84
CA TRP A 586 14.07 1.62 -20.23
C TRP A 586 14.54 0.74 -21.36
N GLY A 587 15.60 1.14 -22.09
CA GLY A 587 16.17 0.26 -23.07
C GLY A 587 17.14 -0.73 -22.51
N MET A 588 17.81 -0.38 -21.40
CA MET A 588 18.71 -1.33 -20.74
C MET A 588 17.97 -2.45 -20.02
N GLU A 589 16.65 -2.36 -19.91
CA GLU A 589 15.83 -3.32 -19.21
C GLU A 589 14.81 -3.93 -20.13
N MET A 590 15.16 -4.16 -21.38
CA MET A 590 14.24 -4.78 -22.31
C MET A 590 14.07 -6.27 -22.06
N ARG A 591 14.91 -6.89 -21.23
CA ARG A 591 14.77 -8.31 -20.96
C ARG A 591 13.53 -8.66 -20.14
N ARG A 592 12.92 -7.67 -19.48
CA ARG A 592 11.64 -7.92 -18.82
C ARG A 592 10.50 -8.10 -19.81
N CYS A 593 10.70 -7.78 -21.09
CA CYS A 593 9.77 -8.21 -22.13
C CYS A 593 9.63 -9.73 -22.13
N LEU A 594 10.74 -10.44 -21.87
CA LEU A 594 10.72 -11.89 -21.72
C LEU A 594 9.81 -12.34 -20.60
N LEU A 595 9.61 -11.52 -19.58
CA LEU A 595 8.66 -11.88 -18.55
C LEU A 595 7.23 -11.73 -19.05
N GLN A 596 6.94 -10.62 -19.74
CA GLN A 596 5.56 -10.29 -20.09
C GLN A 596 4.98 -11.29 -21.06
N SER A 597 5.79 -11.77 -22.00
CA SER A 597 5.39 -12.87 -22.87
C SER A 597 5.12 -14.12 -22.05
N LEU A 598 6.09 -14.53 -21.24
CA LEU A 598 6.07 -15.91 -20.75
C LEU A 598 5.06 -16.11 -19.65
N GLN A 599 4.86 -15.09 -18.81
CA GLN A 599 3.79 -15.10 -17.82
C GLN A 599 2.43 -15.24 -18.48
N GLN A 600 2.26 -14.71 -19.68
CA GLN A 600 0.99 -14.93 -20.36
C GLN A 600 0.87 -16.37 -20.78
N VAL A 601 1.93 -16.91 -21.39
CA VAL A 601 1.86 -18.23 -22.00
C VAL A 601 1.71 -19.30 -20.93
N GLU A 602 2.48 -19.16 -19.85
CA GLU A 602 2.39 -20.07 -18.71
C GLU A 602 1.00 -20.02 -18.08
N SER A 603 0.37 -18.83 -18.07
CA SER A 603 -0.97 -18.74 -17.49
C SER A 603 -1.97 -19.52 -18.32
N MET A 604 -1.79 -19.50 -19.65
CA MET A 604 -2.64 -20.32 -20.50
C MET A 604 -2.37 -21.79 -20.24
N ILE A 605 -1.10 -22.16 -20.09
CA ILE A 605 -0.72 -23.52 -19.75
C ILE A 605 -1.26 -23.88 -18.39
N GLU A 606 -1.32 -22.92 -17.47
CA GLU A 606 -1.81 -23.27 -16.16
C GLU A 606 -3.32 -23.40 -16.15
N ALA A 607 -4.01 -22.64 -17.02
CA ALA A 607 -5.46 -22.65 -17.01
C ALA A 607 -5.99 -24.02 -17.46
N GLU A 608 -5.43 -24.54 -18.55
CA GLU A 608 -5.74 -25.89 -18.99
C GLU A 608 -5.31 -26.93 -17.96
N SER A 609 -4.22 -26.66 -17.23
CA SER A 609 -3.78 -27.60 -16.21
C SER A 609 -4.73 -27.65 -15.03
N ALA A 610 -5.52 -26.61 -14.82
CA ALA A 610 -6.54 -26.69 -13.78
C ALA A 610 -7.70 -27.54 -14.22
N VAL A 611 -7.91 -27.70 -15.52
CA VAL A 611 -9.07 -28.39 -16.05
C VAL A 611 -8.76 -29.85 -16.33
N LYS A 612 -7.63 -30.13 -16.99
CA LYS A 612 -7.22 -31.49 -17.26
C LYS A 612 -6.61 -32.18 -16.05
N GLU A 613 -6.38 -31.44 -14.96
CA GLU A 613 -5.92 -31.96 -13.67
C GLU A 613 -4.54 -32.61 -13.75
N LYS A 614 -3.72 -32.17 -14.70
CA LYS A 614 -2.35 -32.62 -14.83
C LYS A 614 -1.58 -31.51 -15.49
N ASP A 615 -0.26 -31.62 -15.49
CA ASP A 615 0.56 -30.63 -16.15
C ASP A 615 0.44 -30.82 -17.66
N MET A 616 0.01 -29.76 -18.35
CA MET A 616 -0.21 -29.80 -19.79
C MET A 616 0.90 -29.12 -20.56
N THR A 617 2.12 -29.12 -20.02
CA THR A 617 3.24 -28.47 -20.68
C THR A 617 3.72 -29.27 -21.88
N GLU A 618 4.05 -30.54 -21.67
CA GLU A 618 4.45 -31.41 -22.76
C GLU A 618 3.34 -31.74 -23.75
N PRO A 619 2.05 -31.83 -23.38
CA PRO A 619 1.01 -31.79 -24.42
C PRO A 619 0.99 -30.50 -25.25
N PHE A 620 1.25 -29.35 -24.66
CA PHE A 620 1.18 -28.11 -25.43
C PHE A 620 2.40 -27.94 -26.34
N PHE A 621 3.57 -28.41 -25.93
CA PHE A 621 4.75 -28.22 -26.74
C PHE A 621 5.12 -29.41 -27.61
N ARG A 622 4.65 -30.61 -27.28
CA ARG A 622 5.03 -31.80 -28.05
C ARG A 622 3.97 -32.20 -29.06
N ASN A 623 2.72 -32.27 -28.65
CA ASN A 623 1.62 -32.47 -29.59
C ASN A 623 1.48 -31.21 -30.42
N ARG A 624 1.95 -31.27 -31.67
CA ARG A 624 2.06 -30.09 -32.53
C ARG A 624 0.71 -29.78 -33.15
N GLU A 625 -0.23 -29.37 -32.30
CA GLU A 625 -1.53 -28.89 -32.73
C GLU A 625 -1.46 -27.40 -32.99
N ASN A 626 -2.22 -26.95 -33.99
CA ASN A 626 -2.39 -25.54 -34.29
C ASN A 626 -3.71 -25.09 -33.66
N ASP A 627 -3.64 -24.42 -32.51
CA ASP A 627 -4.86 -24.15 -31.80
C ASP A 627 -4.90 -22.76 -31.16
N TRP A 628 -4.13 -21.82 -31.68
CA TRP A 628 -4.31 -20.43 -31.28
C TRP A 628 -4.25 -19.52 -32.50
N PRO A 629 -5.27 -18.70 -32.74
CA PRO A 629 -5.25 -17.75 -33.86
C PRO A 629 -4.18 -16.69 -33.65
N ILE A 630 -3.22 -16.61 -34.58
CA ILE A 630 -2.14 -15.65 -34.47
C ILE A 630 -1.93 -14.86 -35.75
N GLY A 631 -2.74 -15.06 -36.77
CA GLY A 631 -2.44 -14.40 -38.01
C GLY A 631 -3.55 -14.51 -39.01
N GLU A 632 -3.46 -13.68 -40.04
CA GLU A 632 -4.46 -13.60 -41.09
C GLU A 632 -3.73 -13.72 -42.43
N SER A 633 -3.87 -14.86 -43.07
CA SER A 633 -3.43 -15.05 -44.45
C SER A 633 -4.57 -14.72 -45.39
N PRO A 634 -4.34 -14.68 -46.71
CA PRO A 634 -5.47 -14.64 -47.66
C PRO A 634 -6.40 -15.84 -47.59
N GLN A 635 -5.95 -16.99 -47.06
CA GLN A 635 -6.86 -18.08 -46.79
C GLN A 635 -7.69 -17.88 -45.53
N GLY A 636 -7.38 -16.86 -44.73
CA GLY A 636 -8.15 -16.59 -43.53
C GLY A 636 -7.32 -16.57 -42.26
N ILE A 637 -7.92 -17.00 -41.16
CA ILE A 637 -7.26 -16.95 -39.85
C ILE A 637 -6.31 -18.13 -39.72
N GLU A 638 -5.06 -17.82 -39.44
CA GLU A 638 -4.03 -18.83 -39.27
C GLU A 638 -3.82 -19.16 -37.80
N LYS A 639 -3.70 -20.45 -37.51
CA LYS A 639 -3.55 -20.92 -36.14
C LYS A 639 -2.13 -21.43 -35.94
N GLY A 640 -1.53 -21.04 -34.82
CA GLY A 640 -0.17 -21.43 -34.49
C GLY A 640 -0.11 -22.21 -33.18
N THR A 641 1.05 -22.81 -32.95
CA THR A 641 1.32 -23.56 -31.73
C THR A 641 1.60 -22.58 -30.59
N ILE A 642 1.82 -23.12 -29.39
CA ILE A 642 2.04 -22.28 -28.23
C ILE A 642 3.43 -21.66 -28.24
N GLY A 643 4.37 -22.24 -28.98
CA GLY A 643 5.68 -21.62 -29.10
C GLY A 643 5.67 -20.44 -30.05
N LYS A 644 4.86 -20.53 -31.10
CA LYS A 644 4.62 -19.37 -31.96
C LYS A 644 3.94 -18.26 -31.18
N VAL A 645 3.02 -18.61 -30.28
CA VAL A 645 2.36 -17.63 -29.43
C VAL A 645 3.36 -16.98 -28.48
N CYS A 646 4.32 -17.77 -27.97
CA CYS A 646 5.44 -17.24 -27.20
C CYS A 646 6.21 -16.19 -27.98
N ARG A 647 6.56 -16.49 -29.23
CA ARG A 647 7.38 -15.58 -30.00
C ARG A 647 6.60 -14.34 -30.47
N VAL A 648 5.30 -14.50 -30.71
CA VAL A 648 4.47 -13.37 -31.15
C VAL A 648 4.22 -12.41 -29.99
N LEU A 649 3.91 -12.93 -28.81
CA LEU A 649 3.73 -12.06 -27.65
C LEU A 649 5.05 -11.45 -27.20
N LEU A 650 6.16 -12.17 -27.38
CA LEU A 650 7.48 -11.60 -27.13
C LEU A 650 7.76 -10.45 -28.07
N ALA A 651 7.50 -10.63 -29.36
CA ALA A 651 7.71 -9.57 -30.34
C ALA A 651 6.82 -8.37 -30.07
N LYS A 652 5.61 -8.60 -29.58
CA LYS A 652 4.71 -7.50 -29.22
C LYS A 652 5.24 -6.70 -28.05
N SER A 653 5.80 -7.37 -27.04
CA SER A 653 6.38 -6.65 -25.91
C SER A 653 7.65 -5.90 -26.31
N VAL A 654 8.45 -6.50 -27.20
CA VAL A 654 9.67 -5.86 -27.67
C VAL A 654 9.35 -4.62 -28.48
N PHE A 655 8.36 -4.71 -29.36
CA PHE A 655 7.97 -3.57 -30.16
C PHE A 655 7.24 -2.51 -29.35
N ASN A 656 6.57 -2.89 -28.26
CA ASN A 656 6.07 -1.91 -27.30
C ASN A 656 7.21 -1.16 -26.64
N SER A 657 8.33 -1.85 -26.41
CA SER A 657 9.47 -1.21 -25.78
C SER A 657 10.26 -0.34 -26.74
N ILE A 658 10.35 -0.73 -28.01
CA ILE A 658 11.14 0.01 -29.01
C ILE A 658 10.40 1.25 -29.48
N TYR A 659 9.10 1.13 -29.72
CA TYR A 659 8.27 2.22 -30.22
C TYR A 659 7.39 2.81 -29.15
N ALA A 660 7.91 2.96 -27.93
CA ALA A 660 7.12 3.47 -26.82
C ALA A 660 6.81 4.95 -27.01
N SER A 661 5.53 5.30 -26.95
CA SER A 661 5.10 6.67 -27.17
C SER A 661 3.87 6.95 -26.33
N ALA A 662 3.49 8.23 -26.28
CA ALA A 662 2.24 8.60 -25.62
C ALA A 662 1.03 8.21 -26.44
N GLN A 663 1.20 8.14 -27.76
CA GLN A 663 0.17 7.62 -28.64
C GLN A 663 -0.15 6.18 -28.32
N LEU A 664 0.87 5.39 -28.01
CA LEU A 664 0.68 3.99 -27.64
C LEU A 664 -0.03 3.85 -26.30
N GLU A 665 0.36 4.66 -25.32
CA GLU A 665 -0.26 4.62 -23.99
C GLU A 665 -1.74 4.98 -24.06
N GLY A 666 -2.05 6.09 -24.72
CA GLY A 666 -3.43 6.49 -24.92
C GLY A 666 -4.24 5.49 -25.70
N PHE A 667 -3.68 4.96 -26.80
CA PHE A 667 -4.40 4.00 -27.63
C PHE A 667 -4.71 2.72 -26.89
N SER A 668 -3.76 2.22 -26.09
CA SER A 668 -3.98 0.97 -25.37
C SER A 668 -5.05 1.14 -24.30
N ALA A 669 -4.94 2.22 -23.51
CA ALA A 669 -5.93 2.45 -22.47
C ALA A 669 -7.32 2.71 -23.03
N GLU A 670 -7.42 3.32 -24.20
CA GLU A 670 -8.74 3.62 -24.76
C GLU A 670 -9.35 2.45 -25.50
N SER A 671 -8.55 1.69 -26.25
CA SER A 671 -9.07 0.56 -26.99
C SER A 671 -9.29 -0.65 -26.11
N ARG A 672 -8.75 -0.66 -24.89
CA ARG A 672 -9.08 -1.69 -23.92
C ARG A 672 -10.57 -1.69 -23.58
N LYS A 673 -11.20 -0.53 -23.54
CA LYS A 673 -12.63 -0.45 -23.24
C LYS A 673 -13.47 -1.08 -24.33
N LEU A 674 -13.10 -0.85 -25.59
CA LEU A 674 -13.82 -1.44 -26.70
C LEU A 674 -13.58 -2.95 -26.78
N LEU A 675 -12.38 -3.39 -26.43
CA LEU A 675 -12.11 -4.83 -26.33
C LEU A 675 -12.95 -5.49 -25.25
N LEU A 676 -13.08 -4.85 -24.08
CA LEU A 676 -13.89 -5.39 -23.01
C LEU A 676 -15.38 -5.36 -23.35
N LEU A 677 -15.81 -4.37 -24.12
CA LEU A 677 -17.20 -4.33 -24.57
C LEU A 677 -17.52 -5.45 -25.56
N ILE A 678 -16.59 -5.73 -26.47
CA ILE A 678 -16.78 -6.85 -27.40
C ILE A 678 -16.80 -8.17 -26.64
N GLN A 679 -15.94 -8.30 -25.62
CA GLN A 679 -15.96 -9.49 -24.78
C GLN A 679 -17.26 -9.61 -24.01
N ALA A 680 -17.81 -8.49 -23.53
CA ALA A 680 -19.08 -8.53 -22.81
C ALA A 680 -20.23 -8.87 -23.73
N PHE A 681 -20.13 -8.55 -25.01
CA PHE A 681 -21.11 -9.05 -25.96
C PHE A 681 -20.99 -10.54 -26.16
N ARG A 682 -19.76 -11.05 -26.27
CA ARG A 682 -19.63 -12.48 -26.54
C ARG A 682 -19.90 -13.36 -25.32
N ASP A 683 -20.04 -12.77 -24.15
CA ASP A 683 -20.42 -13.50 -22.95
C ASP A 683 -21.93 -13.52 -22.73
N ASN A 684 -22.68 -12.92 -23.65
CA ASN A 684 -24.12 -12.64 -23.52
C ASN A 684 -24.42 -11.86 -22.25
N LEU A 685 -23.62 -10.83 -21.98
CA LEU A 685 -23.81 -10.00 -20.82
C LEU A 685 -24.48 -8.68 -21.15
N ASP A 686 -24.97 -8.54 -22.38
CA ASP A 686 -25.77 -7.44 -22.90
C ASP A 686 -25.13 -6.08 -22.69
N PRO A 687 -24.00 -5.78 -23.35
CA PRO A 687 -23.32 -4.52 -23.08
C PRO A 687 -24.06 -3.32 -23.64
N GLY A 688 -23.77 -2.18 -23.05
CA GLY A 688 -24.38 -0.93 -23.48
C GLY A 688 -23.45 0.21 -23.18
N THR A 689 -23.53 1.23 -24.02
CA THR A 689 -22.69 2.41 -23.88
C THR A 689 -23.54 3.62 -23.56
N PHE A 690 -22.87 4.70 -23.21
CA PHE A 690 -23.49 6.00 -23.02
C PHE A 690 -23.02 7.03 -24.02
N ASP A 691 -21.77 6.93 -24.47
CA ASP A 691 -21.25 7.71 -25.58
C ASP A 691 -20.20 6.84 -26.28
N LEU A 692 -20.63 6.08 -27.28
CA LEU A 692 -19.70 5.28 -28.05
C LEU A 692 -18.95 6.13 -29.08
N LYS A 693 -19.63 7.14 -29.61
CA LYS A 693 -18.99 8.08 -30.52
C LYS A 693 -17.86 8.84 -29.83
N GLY A 694 -18.05 9.22 -28.57
CA GLY A 694 -17.00 9.85 -27.81
C GLY A 694 -15.85 8.92 -27.50
N LEU A 695 -16.14 7.63 -27.30
CA LEU A 695 -15.08 6.64 -27.11
C LEU A 695 -14.25 6.46 -28.38
N TYR A 696 -14.92 6.46 -29.54
CA TYR A 696 -14.19 6.34 -30.80
C TYR A 696 -13.35 7.57 -31.07
N GLU A 697 -13.85 8.75 -30.72
CA GLU A 697 -13.04 9.96 -30.86
C GLU A 697 -11.93 10.02 -29.84
N ALA A 698 -12.08 9.34 -28.70
CA ALA A 698 -10.99 9.27 -27.74
C ALA A 698 -9.91 8.29 -28.19
N ILE A 699 -10.29 7.22 -28.89
CA ILE A 699 -9.32 6.30 -29.46
C ILE A 699 -8.56 6.96 -30.60
N GLU A 700 -9.29 7.52 -31.56
CA GLU A 700 -8.70 7.95 -32.83
C GLU A 700 -7.88 9.22 -32.73
N GLU A 701 -7.94 9.94 -31.62
CA GLU A 701 -7.05 11.07 -31.43
C GLU A 701 -5.67 10.65 -30.96
N CYS A 702 -5.50 9.38 -30.61
CA CYS A 702 -4.22 8.82 -30.21
C CYS A 702 -3.50 8.13 -31.35
N ILE A 703 -4.06 8.16 -32.55
CA ILE A 703 -3.42 7.53 -33.69
C ILE A 703 -2.92 8.63 -34.62
N ILE A 704 -1.67 9.05 -34.45
CA ILE A 704 -1.22 10.20 -35.21
C ILE A 704 -0.17 9.81 -36.24
N ASN A 705 1.03 9.44 -35.78
CA ASN A 705 2.11 9.18 -36.71
C ASN A 705 3.01 8.02 -36.31
N ASP A 706 2.81 7.40 -35.18
CA ASP A 706 3.66 6.31 -34.77
C ASP A 706 3.29 5.05 -35.55
N PRO A 707 4.25 4.41 -36.22
CA PRO A 707 3.91 3.25 -37.06
C PRO A 707 3.40 2.05 -36.29
N TRP A 708 3.85 1.92 -35.04
CA TRP A 708 3.39 0.82 -34.19
C TRP A 708 1.95 1.04 -33.76
N VAL A 709 1.58 2.29 -33.48
CA VAL A 709 0.21 2.60 -33.09
C VAL A 709 -0.75 2.40 -34.26
N LEU A 710 -0.32 2.79 -35.46
CA LEU A 710 -1.13 2.56 -36.66
C LEU A 710 -1.26 1.07 -36.94
N LEU A 711 -0.21 0.31 -36.69
CA LEU A 711 -0.29 -1.14 -36.84
C LEU A 711 -1.23 -1.77 -35.82
N ASN A 712 -1.22 -1.27 -34.58
CA ASN A 712 -2.11 -1.81 -33.55
C ASN A 712 -3.57 -1.44 -33.84
N ALA A 713 -3.81 -0.26 -34.38
CA ALA A 713 -5.16 0.14 -34.75
C ALA A 713 -5.68 -0.67 -35.93
N SER A 714 -4.82 -0.93 -36.92
CA SER A 714 -5.17 -1.85 -37.99
C SER A 714 -5.40 -3.27 -37.49
N TRP A 715 -4.64 -3.69 -36.47
CA TRP A 715 -4.85 -4.99 -35.85
C TRP A 715 -6.20 -5.07 -35.17
N PHE A 716 -6.62 -3.98 -34.52
CA PHE A 716 -7.93 -3.96 -33.90
C PHE A 716 -9.03 -4.03 -34.95
N ASN A 717 -8.83 -3.37 -36.09
CA ASN A 717 -9.82 -3.46 -37.17
C ASN A 717 -9.91 -4.88 -37.73
N SER A 718 -8.78 -5.57 -37.84
CA SER A 718 -8.79 -6.95 -38.32
C SER A 718 -9.44 -7.89 -37.31
N PHE A 719 -9.21 -7.65 -36.02
CA PHE A 719 -9.84 -8.47 -34.98
C PHE A 719 -11.35 -8.25 -34.95
N LEU A 720 -11.78 -7.02 -35.16
CA LEU A 720 -13.20 -6.71 -35.22
C LEU A 720 -13.87 -7.37 -36.42
N LYS A 721 -13.20 -7.37 -37.58
CA LYS A 721 -13.74 -8.07 -38.74
C LYS A 721 -13.80 -9.57 -38.50
N ALA A 722 -12.82 -10.14 -37.80
CA ALA A 722 -12.84 -11.57 -37.49
C ALA A 722 -13.96 -11.91 -36.51
N VAL A 723 -14.22 -11.03 -35.55
CA VAL A 723 -15.30 -11.27 -34.58
C VAL A 723 -16.66 -11.15 -35.26
N GLN A 724 -16.81 -10.19 -36.17
CA GLN A 724 -18.05 -10.06 -36.92
C GLN A 724 -18.26 -11.22 -37.89
N LEU A 725 -17.18 -11.79 -38.43
CA LEU A 725 -17.33 -12.98 -39.27
C LEU A 725 -17.64 -14.22 -38.46
N SER A 726 -17.20 -14.29 -37.21
CA SER A 726 -17.53 -15.45 -36.38
C SER A 726 -18.99 -15.46 -35.94
N MET A 727 -19.69 -14.34 -36.05
CA MET A 727 -21.09 -14.22 -35.71
C MET A 727 -21.99 -14.20 -36.94
N GLY A 728 -21.43 -14.47 -38.11
CA GLY A 728 -22.17 -14.33 -39.36
C GLY A 728 -23.27 -15.34 -39.56
N MET B 10 1.49 -14.99 -44.48
CA MET B 10 0.70 -14.74 -43.28
C MET B 10 1.19 -13.52 -42.52
N ASP B 11 0.31 -12.56 -42.32
CA ASP B 11 0.58 -11.40 -41.48
C ASP B 11 0.19 -11.75 -40.05
N VAL B 12 1.05 -11.43 -39.10
CA VAL B 12 0.90 -11.86 -37.72
C VAL B 12 0.13 -10.80 -36.93
N ASN B 13 -0.98 -11.20 -36.33
CA ASN B 13 -1.84 -10.33 -35.54
C ASN B 13 -1.94 -10.88 -34.12
N PRO B 14 -1.39 -10.20 -33.12
CA PRO B 14 -1.54 -10.66 -31.73
C PRO B 14 -2.98 -10.62 -31.21
N MET B 15 -3.77 -9.64 -31.66
CA MET B 15 -5.11 -9.45 -31.13
C MET B 15 -6.06 -10.58 -31.49
N LEU B 16 -5.72 -11.39 -32.49
CA LEU B 16 -6.53 -12.56 -32.81
C LEU B 16 -6.46 -13.63 -31.74
N ILE B 17 -5.50 -13.56 -30.82
CA ILE B 17 -5.52 -14.44 -29.65
C ILE B 17 -6.76 -14.18 -28.79
N PHE B 18 -7.31 -12.95 -28.84
CA PHE B 18 -8.56 -12.65 -28.17
C PHE B 18 -9.76 -13.33 -28.80
N LEU B 19 -9.62 -13.99 -29.95
CA LEU B 19 -10.70 -14.81 -30.48
C LEU B 19 -10.95 -16.03 -29.61
N LYS B 20 -9.88 -16.68 -29.16
CA LYS B 20 -9.98 -17.89 -28.38
C LYS B 20 -9.92 -17.62 -26.88
N VAL B 21 -9.02 -16.76 -26.45
CA VAL B 21 -8.86 -16.43 -25.03
C VAL B 21 -9.77 -15.24 -24.73
N PRO B 22 -10.54 -15.27 -23.63
CA PRO B 22 -11.25 -14.07 -23.19
C PRO B 22 -10.30 -12.93 -22.87
N VAL B 23 -10.81 -11.71 -23.01
CA VAL B 23 -9.97 -10.52 -22.99
C VAL B 23 -9.41 -10.28 -21.60
N GLN B 24 -10.18 -10.59 -20.56
CA GLN B 24 -9.68 -10.44 -19.19
C GLN B 24 -8.59 -11.44 -18.86
N ASN B 25 -8.63 -12.63 -19.45
CA ASN B 25 -7.60 -13.62 -19.20
C ASN B 25 -6.32 -13.39 -19.98
N ALA B 26 -6.31 -12.40 -20.89
CA ALA B 26 -5.12 -11.98 -21.59
C ALA B 26 -4.97 -10.47 -21.53
N ILE B 27 -5.50 -9.84 -20.47
CA ILE B 27 -5.53 -8.39 -20.34
C ILE B 27 -4.15 -7.80 -20.20
N SER B 28 -3.17 -8.61 -19.76
CA SER B 28 -1.79 -8.19 -19.67
C SER B 28 -1.17 -7.93 -21.04
N THR B 29 -1.74 -8.46 -22.13
CA THR B 29 -1.25 -8.06 -23.44
C THR B 29 -1.83 -6.75 -23.93
N THR B 30 -2.60 -6.05 -23.11
CA THR B 30 -3.13 -4.74 -23.47
C THR B 30 -2.41 -3.61 -22.76
N PHE B 31 -1.48 -3.93 -21.87
CA PHE B 31 -0.71 -2.92 -21.16
C PHE B 31 0.69 -2.87 -21.75
N PRO B 32 1.08 -1.79 -22.41
CA PRO B 32 2.41 -1.71 -23.01
C PRO B 32 3.46 -1.20 -22.03
N TYR B 33 3.62 -1.90 -20.92
CA TYR B 33 4.35 -1.37 -19.77
C TYR B 33 5.81 -1.79 -19.75
N THR B 34 6.39 -2.13 -20.90
CA THR B 34 7.82 -2.36 -20.98
C THR B 34 8.57 -1.17 -21.55
N GLY B 35 7.87 -0.23 -22.18
CA GLY B 35 8.50 0.98 -22.65
C GLY B 35 8.43 2.07 -21.62
N ASP B 36 9.09 3.17 -21.92
CA ASP B 36 9.11 4.30 -21.02
C ASP B 36 7.76 5.01 -21.03
N PRO B 37 7.35 5.58 -19.89
CA PRO B 37 6.13 6.35 -19.85
C PRO B 37 6.34 7.74 -20.41
N PRO B 38 5.28 8.45 -20.79
CA PRO B 38 5.45 9.81 -21.31
C PRO B 38 5.83 10.78 -20.20
N TYR B 39 6.83 11.59 -20.47
CA TYR B 39 7.26 12.63 -19.55
C TYR B 39 6.93 13.99 -20.14
N SER B 40 6.90 14.99 -19.29
CA SER B 40 6.66 16.35 -19.72
C SER B 40 7.98 17.07 -19.92
N HIS B 41 8.04 17.88 -20.97
CA HIS B 41 9.23 18.64 -21.32
C HIS B 41 8.93 20.10 -21.08
N GLY B 42 9.78 20.75 -20.30
CA GLY B 42 9.60 22.17 -20.08
C GLY B 42 8.54 22.52 -19.06
N THR B 43 7.69 23.46 -19.42
CA THR B 43 6.86 24.14 -18.44
C THR B 43 5.57 23.36 -18.14
N GLY B 44 4.91 23.78 -17.08
CA GLY B 44 3.60 23.27 -16.74
C GLY B 44 2.58 24.38 -16.65
N THR B 45 2.92 25.55 -17.18
CA THR B 45 2.06 26.71 -17.14
C THR B 45 0.84 26.54 -18.02
N GLY B 46 0.97 25.84 -19.14
CA GLY B 46 -0.15 25.67 -20.04
C GLY B 46 -1.21 24.75 -19.47
N TYR B 47 -0.79 23.70 -18.77
CA TYR B 47 -1.76 22.80 -18.16
C TYR B 47 -2.42 23.45 -16.94
N THR B 48 -1.69 24.30 -16.22
CA THR B 48 -2.28 25.08 -15.14
C THR B 48 -3.34 26.02 -15.69
N MET B 49 -3.03 26.72 -16.78
CA MET B 49 -4.00 27.63 -17.38
C MET B 49 -5.18 26.89 -17.98
N ASP B 50 -4.94 25.71 -18.55
CA ASP B 50 -6.02 24.86 -19.05
C ASP B 50 -6.97 24.45 -17.94
N THR B 51 -6.43 24.08 -16.77
CA THR B 51 -7.32 23.65 -15.71
C THR B 51 -8.04 24.83 -15.06
N VAL B 52 -7.43 26.02 -15.07
CA VAL B 52 -8.12 27.21 -14.55
C VAL B 52 -9.25 27.60 -15.48
N ILE B 53 -9.01 27.53 -16.78
CA ILE B 53 -10.01 27.87 -17.79
C ILE B 53 -11.15 26.87 -17.76
N ARG B 54 -10.85 25.59 -17.60
CA ARG B 54 -11.91 24.58 -17.58
C ARG B 54 -12.73 24.63 -16.29
N THR B 55 -12.07 24.88 -15.16
CA THR B 55 -12.79 25.02 -13.90
C THR B 55 -13.71 26.23 -13.92
N HIS B 56 -13.30 27.32 -14.55
CA HIS B 56 -14.23 28.43 -14.68
C HIS B 56 -15.20 28.28 -15.84
N ASP B 57 -14.99 27.31 -16.71
CA ASP B 57 -15.91 27.06 -17.83
C ASP B 57 -17.08 26.18 -17.41
N TYR B 58 -16.87 25.25 -16.48
CA TYR B 58 -17.93 24.39 -15.99
C TYR B 58 -18.76 25.04 -14.90
N SER B 59 -18.48 26.30 -14.58
CA SER B 59 -19.14 27.00 -13.49
C SER B 59 -19.54 28.40 -13.90
N SER B 60 -19.54 28.69 -15.21
CA SER B 60 -19.56 30.05 -15.72
C SER B 60 -20.89 30.77 -15.46
N ARG B 61 -21.95 30.04 -15.19
CA ARG B 61 -23.25 30.63 -14.91
C ARG B 61 -23.45 30.92 -13.43
N GLY B 62 -22.38 30.88 -12.65
CA GLY B 62 -22.43 31.24 -11.25
C GLY B 62 -22.16 32.72 -11.05
N ILE B 63 -22.10 33.10 -9.79
CA ILE B 63 -21.97 34.49 -9.38
C ILE B 63 -20.49 34.85 -9.29
N TRP B 64 -20.16 36.07 -9.69
CA TRP B 64 -18.81 36.61 -9.60
C TRP B 64 -18.74 37.65 -8.49
N LYS B 65 -17.74 37.54 -7.62
CA LYS B 65 -17.52 38.52 -6.57
C LYS B 65 -16.04 38.80 -6.44
N THR B 66 -15.72 39.97 -5.90
CA THR B 66 -14.36 40.34 -5.58
C THR B 66 -14.12 40.09 -4.10
N ASN B 67 -13.05 39.38 -3.78
CA ASN B 67 -12.71 39.10 -2.40
C ASN B 67 -12.26 40.37 -1.70
N SER B 68 -12.70 40.55 -0.46
CA SER B 68 -12.31 41.76 0.26
C SER B 68 -10.90 41.69 0.80
N GLU B 69 -10.37 40.49 1.03
CA GLU B 69 -9.07 40.32 1.66
C GLU B 69 -7.94 40.15 0.64
N THR B 70 -8.15 39.30 -0.36
CA THR B 70 -7.15 39.08 -1.39
C THR B 70 -7.36 39.90 -2.64
N GLY B 71 -8.58 40.36 -2.88
CA GLY B 71 -8.84 41.18 -4.05
C GLY B 71 -9.07 40.40 -5.31
N ALA B 72 -9.30 39.11 -5.21
CA ALA B 72 -9.39 38.22 -6.36
C ALA B 72 -10.83 38.05 -6.82
N GLN B 73 -10.98 37.68 -8.08
CA GLN B 73 -12.28 37.38 -8.66
C GLN B 73 -12.65 35.95 -8.37
N GLN B 74 -13.75 35.74 -7.64
CA GLN B 74 -14.14 34.41 -7.20
C GLN B 74 -15.48 34.05 -7.82
N LEU B 75 -15.58 32.86 -8.37
CA LEU B 75 -16.78 32.38 -9.02
C LEU B 75 -17.51 31.40 -8.10
N ASN B 76 -18.78 31.66 -7.85
CA ASN B 76 -19.62 30.86 -6.96
C ASN B 76 -20.69 30.13 -7.77
N PRO B 77 -20.49 28.88 -8.15
CA PRO B 77 -21.53 28.13 -8.88
C PRO B 77 -22.52 27.39 -8.00
N ILE B 78 -22.42 27.53 -6.70
CA ILE B 78 -23.20 26.71 -5.78
C ILE B 78 -24.61 27.26 -5.73
N ASP B 79 -25.59 26.34 -5.72
CA ASP B 79 -27.01 26.63 -5.90
C ASP B 79 -27.28 27.41 -7.18
N GLY B 80 -26.51 27.10 -8.21
CA GLY B 80 -26.62 27.79 -9.48
C GLY B 80 -27.75 27.21 -10.28
N PRO B 81 -27.88 27.64 -11.53
CA PRO B 81 -28.94 27.10 -12.38
C PRO B 81 -28.67 25.65 -12.70
N LEU B 82 -29.72 24.83 -12.60
CA LEU B 82 -29.62 23.40 -12.85
C LEU B 82 -29.18 23.16 -14.29
N PRO B 83 -28.37 22.14 -14.55
CA PRO B 83 -27.86 21.93 -15.91
C PRO B 83 -28.96 21.51 -16.88
N GLU B 84 -28.75 21.85 -18.14
CA GLU B 84 -29.72 21.57 -19.20
C GLU B 84 -29.16 20.65 -20.27
N ASP B 85 -27.98 20.08 -20.06
CA ASP B 85 -27.43 19.12 -21.00
C ASP B 85 -26.50 18.19 -20.22
N ASN B 86 -25.72 17.41 -20.97
CA ASN B 86 -24.83 16.41 -20.39
C ASN B 86 -23.38 16.85 -20.38
N GLU B 87 -23.14 18.15 -20.31
CA GLU B 87 -21.80 18.66 -20.15
C GLU B 87 -21.39 18.64 -18.68
N PRO B 88 -20.09 18.68 -18.38
CA PRO B 88 -19.66 18.77 -16.98
C PRO B 88 -20.10 20.08 -16.34
N SER B 89 -20.71 19.97 -15.16
CA SER B 89 -21.28 21.12 -14.49
C SER B 89 -20.76 21.19 -13.06
N GLY B 90 -20.68 22.40 -12.54
CA GLY B 90 -20.31 22.61 -11.17
C GLY B 90 -21.43 23.15 -10.31
N TYR B 91 -22.66 23.09 -10.79
CA TYR B 91 -23.80 23.68 -10.09
C TYR B 91 -24.38 22.67 -9.11
N ALA B 92 -23.66 22.48 -8.02
CA ALA B 92 -24.11 21.59 -6.96
C ALA B 92 -25.11 22.31 -6.08
N GLN B 93 -26.15 21.59 -5.68
CA GLN B 93 -27.21 22.14 -4.85
C GLN B 93 -26.94 21.79 -3.40
N THR B 94 -26.91 22.82 -2.54
CA THR B 94 -26.49 22.62 -1.15
C THR B 94 -27.50 21.81 -0.36
N ASP B 95 -28.79 22.00 -0.67
CA ASP B 95 -29.84 21.22 0.00
C ASP B 95 -29.78 19.75 -0.37
N CYS B 96 -29.43 19.43 -1.63
CA CYS B 96 -29.34 18.02 -2.02
C CYS B 96 -28.11 17.36 -1.41
N VAL B 97 -27.01 18.12 -1.26
CA VAL B 97 -25.83 17.60 -0.58
C VAL B 97 -26.12 17.34 0.88
N LEU B 98 -26.84 18.26 1.52
CA LEU B 98 -27.20 18.08 2.92
C LEU B 98 -28.18 16.92 3.11
N GLU B 99 -29.09 16.72 2.16
CA GLU B 99 -30.00 15.58 2.21
C GLU B 99 -29.26 14.27 2.07
N LEU B 100 -28.25 14.21 1.20
CA LEU B 100 -27.48 12.99 1.04
C LEU B 100 -26.62 12.69 2.25
N ILE B 101 -26.04 13.72 2.88
CA ILE B 101 -25.25 13.49 4.09
C ILE B 101 -26.16 13.12 5.26
N GLU B 102 -27.37 13.66 5.29
CA GLU B 102 -28.36 13.26 6.29
C GLU B 102 -28.80 11.81 6.11
N GLY B 103 -28.95 11.37 4.86
CA GLY B 103 -29.25 9.97 4.61
C GLY B 103 -28.11 9.04 4.96
N LEU B 104 -26.87 9.51 4.76
CA LEU B 104 -25.72 8.73 5.17
C LEU B 104 -25.65 8.61 6.70
N ASP B 105 -26.03 9.67 7.41
CA ASP B 105 -26.09 9.59 8.86
C ASP B 105 -27.24 8.71 9.33
N ARG B 106 -28.35 8.69 8.60
CA ARG B 106 -29.49 7.88 8.99
C ARG B 106 -29.22 6.40 8.79
N SER B 107 -28.58 6.03 7.68
CA SER B 107 -28.30 4.62 7.44
C SER B 107 -27.16 4.11 8.31
N HIS B 108 -26.35 4.99 8.86
CA HIS B 108 -25.24 4.63 9.73
C HIS B 108 -25.35 5.44 11.02
N PRO B 109 -26.15 4.97 11.98
CA PRO B 109 -26.28 5.70 13.24
C PRO B 109 -25.05 5.54 14.12
N GLY B 110 -24.57 6.66 14.65
CA GLY B 110 -23.37 6.66 15.47
C GLY B 110 -22.08 6.62 14.70
N LEU B 111 -22.13 6.76 13.38
CA LEU B 111 -20.92 6.76 12.57
C LEU B 111 -20.20 8.10 12.63
N PHE B 112 -20.95 9.20 12.45
CA PHE B 112 -20.36 10.52 12.45
C PHE B 112 -19.82 10.89 13.83
N GLU B 113 -20.49 10.44 14.88
CA GLU B 113 -20.06 10.77 16.23
C GLU B 113 -18.81 10.00 16.61
N THR B 114 -18.73 8.72 16.24
CA THR B 114 -17.52 7.93 16.48
C THR B 114 -16.33 8.48 15.70
N ALA B 115 -16.54 8.85 14.43
CA ALA B 115 -15.46 9.41 13.63
C ALA B 115 -15.02 10.76 14.15
N CYS B 116 -15.96 11.58 14.62
CA CYS B 116 -15.60 12.87 15.19
C CYS B 116 -14.87 12.72 16.52
N GLN B 117 -15.24 11.70 17.31
CA GLN B 117 -14.54 11.48 18.57
C GLN B 117 -13.12 10.99 18.35
N GLU B 118 -12.91 10.12 17.35
CA GLU B 118 -11.56 9.70 17.01
C GLU B 118 -10.73 10.86 16.47
N THR B 119 -11.34 11.75 15.69
CA THR B 119 -10.62 12.92 15.22
C THR B 119 -10.33 13.90 16.35
N ILE B 120 -11.22 14.03 17.33
CA ILE B 120 -10.97 14.90 18.48
C ILE B 120 -9.83 14.35 19.33
N ASP B 121 -9.79 13.03 19.52
CA ASP B 121 -8.68 12.43 20.26
C ASP B 121 -7.36 12.55 19.49
N ALA B 122 -7.41 12.52 18.16
CA ALA B 122 -6.19 12.64 17.39
C ALA B 122 -5.71 14.09 17.22
N ILE B 123 -6.59 15.08 17.33
CA ILE B 123 -6.19 16.47 17.21
C ILE B 123 -5.34 16.88 18.39
N GLN B 124 -5.72 16.44 19.59
CA GLN B 124 -5.04 16.86 20.80
C GLN B 124 -3.68 16.21 20.96
N GLN B 125 -3.40 15.11 20.25
CA GLN B 125 -2.15 14.37 20.41
C GLN B 125 -1.32 14.35 19.14
N THR B 126 -1.49 15.32 18.25
CA THR B 126 -0.74 15.40 17.01
C THR B 126 0.27 16.52 17.14
N ARG B 127 1.52 16.21 16.83
CA ARG B 127 2.62 17.16 16.91
C ARG B 127 2.74 17.96 15.63
N VAL B 128 3.58 19.00 15.66
CA VAL B 128 3.79 19.81 14.46
C VAL B 128 4.55 19.03 13.40
N ASP B 129 5.44 18.13 13.82
CA ASP B 129 6.33 17.41 12.91
C ASP B 129 5.61 16.38 12.07
N LYS B 130 4.32 16.12 12.33
CA LYS B 130 3.49 15.37 11.41
C LYS B 130 3.48 16.02 10.02
N LEU B 131 3.52 17.35 9.97
CA LEU B 131 3.58 18.06 8.70
C LEU B 131 4.90 17.85 7.96
N THR B 132 5.91 17.26 8.59
CA THR B 132 7.12 16.90 7.86
C THR B 132 6.99 15.58 7.13
N GLN B 133 5.84 14.91 7.22
CA GLN B 133 5.61 13.67 6.49
C GLN B 133 5.47 13.88 4.99
N GLY B 134 5.28 15.12 4.53
CA GLY B 134 5.02 15.37 3.14
C GLY B 134 6.26 15.30 2.29
N ARG B 135 6.01 15.34 0.98
CA ARG B 135 7.01 15.53 -0.04
C ARG B 135 7.10 17.02 -0.37
N GLN B 136 7.61 17.37 -1.54
CA GLN B 136 7.88 18.75 -1.98
C GLN B 136 6.73 19.71 -1.75
N THR B 137 6.95 20.66 -0.87
CA THR B 137 5.93 21.57 -0.38
C THR B 137 6.24 22.95 -0.93
N TYR B 138 5.19 23.68 -1.33
CA TYR B 138 5.40 25.07 -1.72
C TYR B 138 5.84 25.88 -0.51
N ASP B 139 7.01 26.48 -0.61
CA ASP B 139 7.58 27.28 0.47
C ASP B 139 7.28 28.74 0.17
N TRP B 140 6.39 29.32 0.96
CA TRP B 140 5.96 30.69 0.70
C TRP B 140 7.03 31.71 1.07
N THR B 141 7.96 31.36 1.96
CA THR B 141 9.06 32.25 2.29
C THR B 141 10.08 32.34 1.17
N LEU B 142 10.12 31.35 0.28
CA LEU B 142 11.07 31.35 -0.83
C LEU B 142 10.40 31.49 -2.18
N ASN B 143 9.06 31.36 -2.25
CA ASN B 143 8.28 31.36 -3.50
C ASN B 143 8.74 30.26 -4.45
N ARG B 144 8.79 29.04 -3.93
CA ARG B 144 9.49 27.91 -4.54
C ARG B 144 9.06 26.66 -3.78
N ASN B 145 9.24 25.51 -4.40
CA ASN B 145 9.08 24.25 -3.69
C ASN B 145 10.32 23.94 -2.86
N GLN B 146 10.10 23.39 -1.69
CA GLN B 146 11.14 22.89 -0.82
C GLN B 146 10.66 21.55 -0.28
N PRO B 147 11.51 20.73 0.34
CA PRO B 147 11.00 19.59 1.11
C PRO B 147 10.14 20.04 2.28
N ALA B 148 9.33 19.11 2.78
CA ALA B 148 8.28 19.45 3.74
C ALA B 148 8.84 19.87 5.08
N ALA B 149 9.90 19.21 5.54
CA ALA B 149 10.52 19.58 6.80
C ALA B 149 11.25 20.92 6.69
N THR B 150 11.87 21.18 5.54
CA THR B 150 12.51 22.47 5.29
C THR B 150 11.47 23.59 5.24
N ALA B 151 10.34 23.35 4.58
CA ALA B 151 9.30 24.36 4.47
C ALA B 151 8.65 24.66 5.81
N LEU B 152 8.45 23.61 6.62
CA LEU B 152 7.92 23.82 7.97
C LEU B 152 8.90 24.55 8.86
N ALA B 153 10.21 24.26 8.74
CA ALA B 153 11.20 24.95 9.55
C ALA B 153 11.30 26.41 9.16
N ASN B 154 11.17 26.73 7.87
CA ASN B 154 11.17 28.12 7.44
C ASN B 154 9.93 28.86 7.92
N THR B 155 8.78 28.19 7.91
CA THR B 155 7.54 28.81 8.38
C THR B 155 7.59 29.07 9.89
N ILE B 156 8.07 28.09 10.66
CA ILE B 156 8.18 28.26 12.11
C ILE B 156 9.21 29.33 12.46
N GLU B 157 10.30 29.41 11.69
CA GLU B 157 11.29 30.46 11.89
C GLU B 157 10.73 31.85 11.63
N VAL B 158 9.99 32.02 10.52
CA VAL B 158 9.40 33.31 10.20
C VAL B 158 8.32 33.69 11.21
N PHE B 159 7.55 32.70 11.69
CA PHE B 159 6.50 32.97 12.66
C PHE B 159 7.08 33.42 13.99
N ARG B 160 8.07 32.70 14.51
CA ARG B 160 8.65 33.06 15.78
C ARG B 160 9.50 34.32 15.71
N LYS B 161 10.00 34.66 14.52
CA LYS B 161 10.60 35.97 14.34
C LYS B 161 9.57 37.10 14.39
N ASN B 162 8.29 36.80 14.13
CA ASN B 162 7.25 37.80 14.08
C ASN B 162 6.34 37.80 15.31
N GLY B 163 6.60 36.93 16.28
CA GLY B 163 5.84 36.94 17.51
C GLY B 163 4.70 35.96 17.60
N TYR B 164 4.77 34.86 16.86
CA TYR B 164 3.74 33.82 16.90
C TYR B 164 4.38 32.58 17.52
N LYS B 165 4.31 32.50 18.84
CA LYS B 165 5.02 31.49 19.60
C LYS B 165 4.08 30.49 20.26
N LEU B 166 2.89 30.28 19.69
CA LEU B 166 2.04 29.22 20.21
C LEU B 166 2.58 27.85 19.82
N ASN B 167 3.15 27.75 18.61
CA ASN B 167 3.73 26.51 18.10
C ASN B 167 4.94 26.04 18.89
N GLU B 168 5.45 26.84 19.83
CA GLU B 168 6.46 26.40 20.77
C GLU B 168 5.96 25.31 21.71
N SER B 169 4.65 25.14 21.86
CA SER B 169 4.15 24.04 22.65
C SER B 169 4.35 22.69 21.97
N GLY B 170 4.50 22.67 20.65
CA GLY B 170 4.76 21.46 19.93
C GLY B 170 3.53 20.75 19.41
N ARG B 171 2.33 21.18 19.79
CA ARG B 171 1.13 20.59 19.26
C ARG B 171 0.78 21.24 17.93
N LEU B 172 0.15 20.45 17.05
CA LEU B 172 -0.18 20.94 15.72
C LEU B 172 -1.27 22.01 15.77
N ILE B 173 -2.16 21.93 16.76
CA ILE B 173 -3.29 22.86 16.81
C ILE B 173 -2.84 24.24 17.26
N ASP B 174 -1.73 24.32 18.01
CA ASP B 174 -1.20 25.63 18.34
C ASP B 174 -0.48 26.26 17.16
N PHE B 175 0.14 25.44 16.32
CA PHE B 175 0.66 25.93 15.05
C PHE B 175 -0.47 26.42 14.15
N LEU B 176 -1.62 25.74 14.17
CA LEU B 176 -2.75 26.18 13.36
C LEU B 176 -3.36 27.47 13.88
N LYS B 177 -3.37 27.66 15.21
CA LYS B 177 -3.77 28.93 15.79
C LYS B 177 -2.80 30.05 15.39
N ASP B 178 -1.51 29.73 15.29
CA ASP B 178 -0.54 30.73 14.83
C ASP B 178 -0.71 31.05 13.35
N VAL B 179 -1.06 30.05 12.55
CA VAL B 179 -1.35 30.26 11.13
C VAL B 179 -2.53 31.21 10.97
N LEU B 180 -3.58 31.00 11.75
CA LEU B 180 -4.73 31.88 11.67
C LEU B 180 -4.45 33.26 12.26
N LEU B 181 -3.60 33.35 13.27
CA LEU B 181 -3.28 34.65 13.84
C LEU B 181 -2.32 35.46 13.00
N SER B 182 -1.53 34.81 12.14
CA SER B 182 -0.57 35.54 11.31
C SER B 182 -1.22 36.31 10.18
N PHE B 183 -2.49 36.07 9.88
CA PHE B 183 -3.16 36.81 8.82
C PHE B 183 -3.50 38.23 9.26
N GLU B 184 -3.50 38.49 10.55
CA GLU B 184 -3.69 39.84 11.08
C GLU B 184 -2.42 40.67 11.05
N ASN B 185 -1.27 40.05 10.84
CA ASN B 185 0.00 40.76 10.78
C ASN B 185 0.02 41.68 9.57
N ASP B 186 0.28 42.96 9.81
CA ASP B 186 0.24 43.93 8.74
C ASP B 186 1.48 43.94 7.87
N SER B 187 2.58 43.33 8.34
CA SER B 187 3.82 43.35 7.58
C SER B 187 4.66 42.15 8.02
N MET B 188 4.68 41.12 7.21
CA MET B 188 5.52 39.96 7.49
C MET B 188 6.94 40.23 7.01
N GLU B 189 7.90 39.71 7.76
CA GLU B 189 9.32 39.89 7.46
C GLU B 189 9.95 38.52 7.29
N VAL B 190 10.19 38.12 6.04
CA VAL B 190 10.67 36.79 5.74
C VAL B 190 12.10 36.86 5.22
N THR B 191 12.76 35.71 5.20
CA THR B 191 14.10 35.56 4.65
C THR B 191 13.99 34.90 3.28
N THR B 192 14.56 35.54 2.27
CA THR B 192 14.47 35.08 0.90
C THR B 192 15.84 34.71 0.37
N HIS B 193 15.87 33.76 -0.56
CA HIS B 193 17.09 33.39 -1.28
C HIS B 193 17.22 34.28 -2.50
N PHE B 194 18.21 35.14 -2.51
CA PHE B 194 18.60 35.88 -3.69
C PHE B 194 19.88 35.28 -4.26
N GLN B 195 20.27 35.73 -5.45
CA GLN B 195 21.48 35.24 -6.07
C GLN B 195 22.33 36.39 -6.57
N LYS B 196 23.64 36.12 -6.68
CA LYS B 196 24.62 37.08 -7.16
C LYS B 196 25.33 36.47 -8.35
N LYS B 197 25.13 37.05 -9.53
CA LYS B 197 25.73 36.55 -10.75
C LYS B 197 27.09 37.20 -10.99
N LYS B 198 27.96 36.47 -11.68
CA LYS B 198 29.29 36.95 -12.00
C LYS B 198 29.80 36.19 -13.21
N ARG B 199 30.31 36.90 -14.21
CA ARG B 199 30.79 36.28 -15.44
C ARG B 199 32.24 35.83 -15.24
N ILE B 200 32.44 34.51 -15.24
CA ILE B 200 33.78 33.92 -15.18
C ILE B 200 34.01 33.14 -16.47
N ARG B 201 35.23 32.64 -16.61
CA ARG B 201 35.60 31.77 -17.71
C ARG B 201 35.69 30.34 -17.23
N ASP B 202 35.02 29.43 -17.94
CA ASP B 202 35.13 28.02 -17.65
C ASP B 202 36.52 27.51 -18.01
N ASN B 203 37.10 26.69 -17.13
CA ASN B 203 38.49 26.32 -17.29
C ASN B 203 38.69 25.08 -18.16
N HIS B 204 37.65 24.29 -18.38
CA HIS B 204 37.80 23.08 -19.17
C HIS B 204 37.13 23.14 -20.53
N SER B 205 36.46 24.24 -20.85
CA SER B 205 35.88 24.43 -22.17
C SER B 205 36.13 25.81 -22.74
N LYS B 206 36.71 26.73 -21.94
CA LYS B 206 37.12 28.08 -22.36
C LYS B 206 35.93 28.90 -22.84
N LYS B 207 34.82 28.80 -22.13
CA LYS B 207 33.58 29.48 -22.46
C LYS B 207 33.16 30.34 -21.28
N MET B 208 32.81 31.60 -21.54
CA MET B 208 32.38 32.52 -20.49
C MET B 208 31.00 32.11 -19.98
N ILE B 209 30.93 31.68 -18.73
CA ILE B 209 29.69 31.24 -18.10
C ILE B 209 29.33 32.20 -16.98
N THR B 210 28.19 31.97 -16.34
CA THR B 210 27.69 32.81 -15.26
C THR B 210 27.76 32.04 -13.95
N GLN B 211 28.53 32.56 -12.99
CA GLN B 211 28.63 31.96 -11.67
C GLN B 211 27.48 32.47 -10.81
N ARG B 212 26.61 31.57 -10.39
CA ARG B 212 25.50 31.90 -9.52
C ARG B 212 25.89 31.60 -8.08
N THR B 213 25.66 32.56 -7.19
CA THR B 213 26.00 32.43 -5.78
C THR B 213 24.79 32.82 -4.96
N ILE B 214 24.20 31.86 -4.27
CA ILE B 214 22.95 32.06 -3.56
C ILE B 214 23.26 32.52 -2.14
N GLY B 215 22.61 33.61 -1.72
CA GLY B 215 22.65 34.05 -0.35
C GLY B 215 21.24 34.30 0.18
N LYS B 216 21.17 34.64 1.46
CA LYS B 216 19.92 34.94 2.13
C LYS B 216 19.71 36.45 2.21
N LYS B 217 18.44 36.86 2.25
CA LYS B 217 18.09 38.26 2.24
C LYS B 217 16.74 38.43 2.92
N ARG B 218 16.60 39.47 3.73
CA ARG B 218 15.38 39.76 4.44
C ARG B 218 14.55 40.79 3.67
N VAL B 219 13.30 40.45 3.39
CA VAL B 219 12.36 41.35 2.72
C VAL B 219 11.14 41.52 3.64
N LYS B 220 10.27 42.45 3.27
CA LYS B 220 9.05 42.74 4.01
C LYS B 220 7.86 42.46 3.11
N LEU B 221 7.08 41.43 3.44
CA LEU B 221 5.83 41.19 2.74
C LEU B 221 4.74 42.13 3.25
N THR B 222 3.85 42.52 2.35
CA THR B 222 2.65 43.24 2.74
C THR B 222 1.64 42.26 3.33
N LYS B 223 0.50 42.78 3.78
CA LYS B 223 -0.54 41.90 4.31
C LYS B 223 -1.23 41.13 3.20
N LYS B 224 -1.52 41.81 2.08
CA LYS B 224 -2.19 41.13 0.96
C LYS B 224 -1.26 40.15 0.27
N ASN B 225 0.02 40.50 0.14
CA ASN B 225 0.98 39.58 -0.46
C ASN B 225 1.18 38.33 0.39
N TYR B 226 1.23 38.49 1.70
CA TYR B 226 1.32 37.35 2.59
C TYR B 226 0.06 36.50 2.52
N LEU B 227 -1.10 37.13 2.42
CA LEU B 227 -2.34 36.37 2.36
C LEU B 227 -2.46 35.63 1.04
N ILE B 228 -1.96 36.21 -0.05
CA ILE B 228 -1.98 35.53 -1.34
C ILE B 228 -0.99 34.37 -1.36
N ARG B 229 0.19 34.55 -0.72
CA ARG B 229 1.14 33.44 -0.63
C ARG B 229 0.65 32.33 0.29
N ALA B 230 -0.13 32.68 1.31
CA ALA B 230 -0.62 31.69 2.23
C ALA B 230 -1.77 30.88 1.67
N LEU B 231 -2.39 31.36 0.60
CA LEU B 231 -3.45 30.62 -0.09
C LEU B 231 -2.98 30.05 -1.41
N THR B 232 -1.68 30.03 -1.67
CA THR B 232 -1.12 29.72 -2.97
C THR B 232 -0.80 28.24 -3.05
N LEU B 233 -1.30 27.60 -4.11
CA LEU B 233 -0.93 26.24 -4.45
C LEU B 233 -0.01 26.30 -5.66
N ASN B 234 1.22 25.86 -5.47
CA ASN B 234 2.15 25.79 -6.57
C ASN B 234 1.81 24.62 -7.47
N THR B 235 2.02 24.78 -8.76
CA THR B 235 1.60 23.78 -9.73
C THR B 235 2.77 23.28 -10.56
N MET B 236 2.63 22.07 -11.08
CA MET B 236 3.58 21.46 -12.00
C MET B 236 2.87 20.32 -12.73
N THR B 237 3.54 19.75 -13.72
CA THR B 237 2.99 18.67 -14.52
C THR B 237 3.31 17.32 -13.89
N LYS B 238 2.32 16.44 -13.87
CA LYS B 238 2.54 15.07 -13.42
C LYS B 238 3.33 14.29 -14.47
N ASP B 239 4.48 13.77 -14.07
CA ASP B 239 5.34 12.99 -14.97
C ASP B 239 5.07 11.50 -14.82
N ALA B 240 5.53 10.74 -15.82
CA ALA B 240 5.51 9.28 -15.85
C ALA B 240 4.11 8.70 -15.68
N GLU B 241 3.14 9.32 -16.32
CA GLU B 241 1.74 8.89 -16.21
C GLU B 241 1.40 7.96 -17.37
N ARG B 242 0.92 6.78 -17.06
CA ARG B 242 0.55 5.80 -18.07
C ARG B 242 -0.91 5.93 -18.45
N GLY B 243 -1.24 5.50 -19.66
CA GLY B 243 -2.60 5.43 -20.11
C GLY B 243 -3.15 6.67 -20.76
N LYS B 244 -2.41 7.76 -20.77
CA LYS B 244 -2.94 9.02 -21.28
C LYS B 244 -2.13 9.47 -22.48
N LEU B 245 -2.78 10.20 -23.38
CA LEU B 245 -2.04 10.84 -24.45
C LEU B 245 -1.47 12.18 -24.02
N LYS B 246 -2.26 12.98 -23.30
CA LYS B 246 -1.86 14.33 -22.94
C LYS B 246 -1.70 14.47 -21.44
N ARG B 247 -0.89 15.44 -21.05
CA ARG B 247 -0.48 15.63 -19.67
C ARG B 247 -1.47 16.51 -18.90
N ARG B 248 -1.47 16.35 -17.59
CA ARG B 248 -2.26 17.20 -16.71
C ARG B 248 -1.37 17.71 -15.59
N ALA B 249 -1.84 18.75 -14.92
CA ALA B 249 -1.07 19.41 -13.87
C ALA B 249 -1.52 18.95 -12.50
N ILE B 250 -0.58 18.98 -11.56
CA ILE B 250 -0.86 18.69 -10.16
C ILE B 250 -0.44 19.90 -9.34
N ALA B 251 -0.92 19.95 -8.11
CA ALA B 251 -0.68 21.11 -7.26
C ALA B 251 -0.10 20.67 -5.92
N THR B 252 0.70 21.55 -5.32
CA THR B 252 1.18 21.35 -3.97
C THR B 252 0.80 22.55 -3.13
N PRO B 253 0.15 22.35 -1.99
CA PRO B 253 -0.16 23.47 -1.11
C PRO B 253 1.01 23.82 -0.20
N GLY B 254 0.95 25.01 0.37
CA GLY B 254 1.95 25.47 1.29
C GLY B 254 1.71 24.95 2.68
N MET B 255 2.46 25.51 3.63
CA MET B 255 2.42 24.99 4.99
C MET B 255 1.24 25.52 5.79
N GLN B 256 0.64 26.64 5.40
CA GLN B 256 -0.52 27.16 6.10
C GLN B 256 -1.80 26.40 5.80
N ILE B 257 -1.82 25.60 4.73
CA ILE B 257 -2.99 24.82 4.39
C ILE B 257 -2.91 23.38 4.89
N ARG B 258 -1.69 22.85 5.06
CA ARG B 258 -1.48 21.42 5.15
C ARG B 258 -1.94 20.82 6.48
N GLY B 259 -1.87 21.56 7.58
CA GLY B 259 -2.34 21.01 8.84
C GLY B 259 -3.84 20.89 8.90
N PHE B 260 -4.54 21.88 8.35
CA PHE B 260 -5.99 21.82 8.29
C PHE B 260 -6.45 20.74 7.33
N VAL B 261 -5.76 20.60 6.20
CA VAL B 261 -6.09 19.53 5.26
C VAL B 261 -5.83 18.17 5.89
N TYR B 262 -4.80 18.08 6.74
CA TYR B 262 -4.53 16.85 7.46
C TYR B 262 -5.66 16.47 8.39
N PHE B 263 -6.20 17.44 9.15
CA PHE B 263 -7.27 17.12 10.09
C PHE B 263 -8.58 16.79 9.37
N VAL B 264 -8.87 17.48 8.27
CA VAL B 264 -10.09 17.20 7.51
C VAL B 264 -10.02 15.82 6.87
N GLU B 265 -8.87 15.47 6.28
CA GLU B 265 -8.72 14.16 5.70
C GLU B 265 -8.62 13.06 6.75
N LEU B 266 -8.21 13.37 7.98
CA LEU B 266 -8.24 12.38 9.04
C LEU B 266 -9.67 12.06 9.46
N LEU B 267 -10.51 13.10 9.59
CA LEU B 267 -11.93 12.88 9.85
C LEU B 267 -12.58 12.06 8.73
N ALA B 268 -12.29 12.42 7.48
CA ALA B 268 -12.90 11.71 6.37
C ALA B 268 -12.34 10.30 6.21
N ARG B 269 -11.10 10.05 6.64
CA ARG B 269 -10.57 8.70 6.68
C ARG B 269 -11.27 7.87 7.74
N ASN B 270 -11.56 8.47 8.89
CA ASN B 270 -12.33 7.77 9.93
C ASN B 270 -13.74 7.45 9.49
N ILE B 271 -14.35 8.31 8.66
CA ILE B 271 -15.67 7.99 8.11
C ILE B 271 -15.56 6.88 7.07
N CYS B 272 -14.61 7.00 6.15
CA CYS B 272 -14.46 6.06 5.05
C CYS B 272 -14.05 4.66 5.48
N GLU B 273 -13.37 4.53 6.63
CA GLU B 273 -13.01 3.21 7.13
C GLU B 273 -14.24 2.37 7.50
N ARG B 274 -15.31 3.00 7.95
CA ARG B 274 -16.47 2.28 8.45
C ARG B 274 -17.62 2.21 7.45
N LEU B 275 -17.39 2.62 6.21
CA LEU B 275 -18.39 2.55 5.15
C LEU B 275 -18.11 1.33 4.29
N GLU B 276 -19.15 0.54 4.04
CA GLU B 276 -19.00 -0.66 3.24
C GLU B 276 -19.00 -0.37 1.74
N GLN B 277 -19.32 0.86 1.35
CA GLN B 277 -19.36 1.26 -0.05
C GLN B 277 -18.19 2.14 -0.43
N SER B 278 -17.20 2.25 0.45
CA SER B 278 -16.02 3.07 0.18
C SER B 278 -14.86 2.18 -0.20
N GLY B 279 -14.11 2.58 -1.22
CA GLY B 279 -12.92 1.89 -1.64
C GLY B 279 -11.66 2.42 -1.02
N LEU B 280 -11.78 3.33 -0.07
CA LEU B 280 -10.67 3.95 0.63
C LEU B 280 -10.92 3.85 2.12
N PRO B 281 -9.87 3.63 2.92
CA PRO B 281 -8.47 3.37 2.61
C PRO B 281 -8.08 1.90 2.41
N VAL B 282 -8.86 1.10 1.71
CA VAL B 282 -8.44 -0.26 1.44
C VAL B 282 -7.66 -0.28 0.14
N GLY B 283 -6.89 -1.34 -0.05
CA GLY B 283 -6.08 -1.46 -1.25
C GLY B 283 -5.42 -2.81 -1.34
N GLY B 284 -5.19 -3.31 -2.55
CA GLY B 284 -4.53 -4.58 -2.71
C GLY B 284 -5.50 -5.73 -2.60
N ASN B 285 -5.15 -6.74 -1.82
CA ASN B 285 -6.03 -7.89 -1.64
C ASN B 285 -7.26 -7.54 -0.83
N GLU B 286 -7.15 -6.56 0.07
CA GLU B 286 -8.27 -6.15 0.90
C GLU B 286 -9.35 -5.46 0.07
N LYS B 287 -8.93 -4.67 -0.91
CA LYS B 287 -9.88 -4.02 -1.81
C LYS B 287 -10.59 -5.03 -2.71
N LYS B 288 -9.87 -6.06 -3.16
CA LYS B 288 -10.49 -7.08 -4.00
C LYS B 288 -11.45 -7.94 -3.20
N ALA B 289 -11.11 -8.23 -1.94
CA ALA B 289 -12.04 -8.92 -1.07
C ALA B 289 -13.30 -8.10 -0.83
N LYS B 290 -13.14 -6.78 -0.68
CA LYS B 290 -14.30 -5.90 -0.48
C LYS B 290 -15.18 -5.84 -1.71
N LEU B 291 -14.60 -5.77 -2.90
CA LEU B 291 -15.40 -5.75 -4.13
C LEU B 291 -16.10 -7.07 -4.40
N ALA B 292 -15.45 -8.19 -4.08
CA ALA B 292 -16.10 -9.48 -4.23
C ALA B 292 -17.23 -9.66 -3.23
N ASN B 293 -17.05 -9.14 -2.01
CA ASN B 293 -18.11 -9.16 -1.01
C ASN B 293 -19.29 -8.30 -1.45
N VAL B 294 -19.02 -7.16 -2.10
CA VAL B 294 -20.09 -6.31 -2.59
C VAL B 294 -20.89 -7.01 -3.69
N ILE B 295 -20.20 -7.71 -4.60
CA ILE B 295 -20.87 -8.46 -5.66
C ILE B 295 -21.75 -9.55 -5.09
N LYS B 296 -21.23 -10.31 -4.11
CA LYS B 296 -21.97 -11.43 -3.57
C LYS B 296 -23.14 -10.98 -2.68
N LYS B 297 -22.95 -9.89 -1.93
CA LYS B 297 -24.05 -9.34 -1.15
C LYS B 297 -25.12 -8.70 -2.02
N MET B 298 -24.72 -8.11 -3.16
CA MET B 298 -25.71 -7.54 -4.07
C MET B 298 -26.51 -8.64 -4.76
N MET B 299 -25.88 -9.76 -5.06
CA MET B 299 -26.68 -10.88 -5.54
C MET B 299 -27.43 -11.58 -4.42
N ALA B 300 -27.04 -11.35 -3.16
CA ALA B 300 -27.78 -11.88 -2.02
C ALA B 300 -29.03 -11.05 -1.72
N LYS B 301 -28.90 -9.73 -1.77
CA LYS B 301 -30.04 -8.83 -1.63
C LYS B 301 -30.76 -8.62 -2.95
N SER B 302 -31.21 -9.72 -3.55
CA SER B 302 -31.98 -9.69 -4.78
C SER B 302 -32.87 -10.91 -4.78
N THR B 303 -34.04 -10.79 -5.38
CA THR B 303 -34.85 -11.96 -5.63
C THR B 303 -34.49 -12.50 -7.01
N ASP B 304 -35.17 -13.56 -7.43
CA ASP B 304 -34.80 -14.23 -8.67
C ASP B 304 -35.44 -13.61 -9.89
N GLU B 305 -36.50 -12.83 -9.72
CA GLU B 305 -37.11 -12.11 -10.84
C GLU B 305 -36.53 -10.71 -10.99
N GLU B 306 -35.20 -10.61 -11.03
CA GLU B 306 -34.54 -9.33 -11.07
C GLU B 306 -33.36 -9.37 -12.01
N LEU B 307 -33.31 -8.41 -12.91
CA LEU B 307 -32.10 -8.14 -13.66
C LEU B 307 -31.07 -7.46 -12.77
N SER B 308 -29.81 -7.60 -13.14
CA SER B 308 -28.73 -6.95 -12.43
C SER B 308 -27.71 -6.50 -13.47
N TYR B 309 -27.39 -5.22 -13.46
CA TYR B 309 -26.44 -4.65 -14.39
C TYR B 309 -25.39 -3.88 -13.59
N THR B 310 -24.16 -3.88 -14.10
CA THR B 310 -23.06 -3.19 -13.44
C THR B 310 -22.52 -2.11 -14.37
N ILE B 311 -22.39 -0.89 -13.86
CA ILE B 311 -21.71 0.18 -14.56
C ILE B 311 -20.25 0.16 -14.15
N THR B 312 -19.35 0.10 -15.13
CA THR B 312 -17.93 0.37 -14.93
C THR B 312 -17.74 1.85 -15.21
N GLY B 313 -17.68 2.65 -14.16
CA GLY B 313 -17.84 4.09 -14.29
C GLY B 313 -16.62 4.89 -13.89
N ASP B 314 -16.39 5.98 -14.60
CA ASP B 314 -15.48 7.04 -14.21
C ASP B 314 -16.26 8.34 -14.21
N ASN B 315 -15.63 9.41 -13.74
CA ASN B 315 -16.26 10.71 -13.73
C ASN B 315 -15.40 11.72 -14.48
N THR B 316 -16.06 12.56 -15.26
CA THR B 316 -15.37 13.57 -16.06
C THR B 316 -14.97 14.73 -15.16
N LYS B 317 -13.67 15.03 -15.15
CA LYS B 317 -13.07 16.20 -14.51
C LYS B 317 -13.49 16.31 -13.05
N TRP B 318 -13.15 15.26 -12.30
CA TRP B 318 -13.65 15.09 -10.94
C TRP B 318 -13.22 16.22 -10.03
N ASN B 319 -11.93 16.54 -10.04
CA ASN B 319 -11.40 17.54 -9.14
C ASN B 319 -11.78 18.95 -9.53
N GLU B 320 -12.08 19.20 -10.80
CA GLU B 320 -12.47 20.53 -11.25
C GLU B 320 -13.93 20.85 -10.98
N ASN B 321 -14.77 19.84 -10.82
CA ASN B 321 -16.19 20.04 -10.59
C ASN B 321 -16.59 19.86 -9.14
N GLN B 322 -15.66 19.44 -8.28
CA GLN B 322 -15.89 19.47 -6.84
C GLN B 322 -15.86 20.92 -6.36
N ASN B 323 -16.38 21.16 -5.18
CA ASN B 323 -16.42 22.53 -4.71
C ASN B 323 -16.08 22.61 -3.24
N PRO B 324 -15.24 23.56 -2.84
CA PRO B 324 -14.93 23.76 -1.43
C PRO B 324 -16.10 24.26 -0.59
N ARG B 325 -17.08 24.94 -1.19
CA ARG B 325 -18.25 25.35 -0.41
C ARG B 325 -19.15 24.17 -0.09
N ILE B 326 -19.25 23.22 -1.02
CA ILE B 326 -19.95 21.96 -0.76
C ILE B 326 -19.22 21.15 0.29
N PHE B 327 -17.89 21.15 0.26
CA PHE B 327 -17.10 20.51 1.29
C PHE B 327 -17.29 21.19 2.65
N LEU B 328 -17.49 22.50 2.66
CA LEU B 328 -17.81 23.21 3.90
C LEU B 328 -19.15 22.75 4.47
N ALA B 329 -20.15 22.59 3.62
CA ALA B 329 -21.46 22.10 4.09
C ALA B 329 -21.37 20.66 4.56
N MET B 330 -20.59 19.82 3.86
CA MET B 330 -20.39 18.43 4.26
C MET B 330 -19.71 18.33 5.62
N VAL B 331 -18.65 19.11 5.83
CA VAL B 331 -17.90 19.08 7.08
C VAL B 331 -18.76 19.59 8.22
N LEU B 332 -19.57 20.62 7.97
CA LEU B 332 -20.42 21.12 9.05
C LEU B 332 -21.57 20.16 9.38
N ARG B 333 -22.07 19.41 8.40
CA ARG B 333 -23.15 18.47 8.71
C ARG B 333 -22.63 17.19 9.34
N ILE B 334 -21.41 16.76 8.99
CA ILE B 334 -20.83 15.58 9.62
C ILE B 334 -20.53 15.86 11.08
N THR B 335 -20.04 17.06 11.39
CA THR B 335 -19.70 17.44 12.74
C THR B 335 -20.84 18.14 13.46
N ALA B 336 -22.08 17.81 13.15
CA ALA B 336 -23.21 18.46 13.83
C ALA B 336 -23.35 17.92 15.24
N GLY B 337 -23.53 18.83 16.20
CA GLY B 337 -23.63 18.43 17.58
C GLY B 337 -22.30 18.15 18.24
N GLN B 338 -21.24 18.75 17.74
CA GLN B 338 -19.88 18.59 18.23
C GLN B 338 -19.43 19.91 18.84
N PRO B 339 -18.30 19.91 19.58
CA PRO B 339 -17.77 21.19 20.08
C PRO B 339 -17.44 22.17 18.98
N GLU B 340 -17.76 23.44 19.22
CA GLU B 340 -17.66 24.46 18.18
C GLU B 340 -16.23 24.83 17.85
N TRP B 341 -15.28 24.61 18.75
CA TRP B 341 -13.87 24.74 18.36
C TRP B 341 -13.49 23.69 17.33
N PHE B 342 -14.07 22.49 17.44
CA PHE B 342 -13.77 21.41 16.53
C PHE B 342 -14.44 21.64 15.18
N ARG B 343 -15.66 22.18 15.20
CA ARG B 343 -16.33 22.53 13.96
C ARG B 343 -15.67 23.71 13.27
N ASP B 344 -15.10 24.63 14.05
CA ASP B 344 -14.40 25.75 13.44
C ASP B 344 -13.02 25.34 12.95
N LEU B 345 -12.37 24.39 13.60
CA LEU B 345 -11.08 23.91 13.14
C LEU B 345 -11.23 23.10 11.87
N LEU B 346 -12.28 22.30 11.77
CA LEU B 346 -12.41 21.48 10.58
C LEU B 346 -13.02 22.23 9.41
N ALA B 347 -13.48 23.44 9.61
CA ALA B 347 -14.02 24.24 8.53
C ALA B 347 -12.97 25.09 7.83
N VAL B 348 -11.76 25.19 8.39
CA VAL B 348 -10.76 26.12 7.89
C VAL B 348 -10.25 25.69 6.53
N ALA B 349 -10.03 24.39 6.33
CA ALA B 349 -9.50 23.90 5.06
C ALA B 349 -10.46 24.09 3.87
N PRO B 350 -11.78 23.87 3.98
CA PRO B 350 -12.64 24.28 2.86
C PRO B 350 -12.75 25.78 2.65
N ILE B 351 -12.62 26.59 3.72
CA ILE B 351 -12.64 28.03 3.55
C ILE B 351 -11.38 28.51 2.84
N MET B 352 -10.24 27.91 3.17
CA MET B 352 -8.99 28.24 2.51
C MET B 352 -8.95 27.75 1.07
N PHE B 353 -9.62 26.63 0.78
CA PHE B 353 -9.69 26.17 -0.60
C PHE B 353 -10.76 26.88 -1.41
N SER B 354 -11.67 27.59 -0.75
CA SER B 354 -12.59 28.43 -1.48
C SER B 354 -11.97 29.73 -1.92
N ASN B 355 -10.84 30.10 -1.32
CA ASN B 355 -10.16 31.36 -1.59
C ASN B 355 -8.74 31.13 -2.09
N LYS B 356 -8.49 30.02 -2.74
CA LYS B 356 -7.12 29.70 -3.13
C LYS B 356 -6.77 30.36 -4.46
N VAL B 357 -5.48 30.55 -4.65
CA VAL B 357 -4.93 30.94 -5.94
C VAL B 357 -3.97 29.85 -6.37
N ALA B 358 -3.70 29.80 -7.66
CA ALA B 358 -2.80 28.82 -8.24
C ALA B 358 -1.62 29.56 -8.85
N ARG B 359 -0.43 29.30 -8.34
CA ARG B 359 0.77 29.81 -8.96
C ARG B 359 0.93 29.14 -10.32
N LEU B 360 1.22 29.93 -11.34
CA LEU B 360 1.07 29.45 -12.71
C LEU B 360 2.20 28.52 -13.12
N GLY B 361 3.39 28.65 -12.53
CA GLY B 361 4.45 27.70 -12.80
C GLY B 361 5.77 28.35 -13.18
N ARG B 362 6.50 27.73 -14.11
CA ARG B 362 7.79 28.28 -14.51
C ARG B 362 7.65 29.45 -15.47
N GLY B 363 6.53 29.57 -16.15
CA GLY B 363 6.41 30.55 -17.21
C GLY B 363 6.62 29.90 -18.55
N TYR B 364 7.24 30.59 -19.49
CA TYR B 364 7.46 30.04 -20.82
C TYR B 364 8.84 30.39 -21.31
N MET B 365 9.38 29.54 -22.16
CA MET B 365 10.65 29.82 -22.82
C MET B 365 10.36 30.57 -24.11
N PHE B 366 10.97 31.73 -24.25
CA PHE B 366 10.84 32.59 -25.40
C PHE B 366 12.15 32.54 -26.16
N GLU B 367 12.07 32.77 -27.46
CA GLU B 367 13.21 32.59 -28.36
C GLU B 367 13.40 33.84 -29.19
N SER B 368 14.66 34.22 -29.41
CA SER B 368 15.01 35.32 -30.27
C SER B 368 15.87 34.79 -31.40
N LYS B 369 15.38 34.94 -32.64
CA LYS B 369 16.09 34.41 -33.80
C LYS B 369 17.15 35.36 -34.31
N SER B 370 16.99 36.66 -34.09
CA SER B 370 18.03 37.60 -34.49
C SER B 370 19.19 37.58 -33.50
N MET B 371 18.88 37.53 -32.21
CA MET B 371 19.94 37.46 -31.21
C MET B 371 20.37 36.03 -30.91
N HIS B 372 19.63 35.04 -31.43
CA HIS B 372 19.87 33.60 -31.22
C HIS B 372 19.91 33.26 -29.74
N LEU B 373 18.93 33.75 -29.00
CA LEU B 373 18.90 33.48 -27.58
C LEU B 373 17.57 32.84 -27.19
N ARG B 374 17.51 32.39 -25.95
CA ARG B 374 16.29 31.88 -25.36
C ARG B 374 16.27 32.31 -23.91
N THR B 375 15.10 32.71 -23.42
CA THR B 375 15.00 33.09 -22.03
C THR B 375 13.70 32.55 -21.44
N GLN B 376 13.75 32.15 -20.18
CA GLN B 376 12.55 31.75 -19.47
C GLN B 376 11.93 32.99 -18.84
N ILE B 377 10.76 33.37 -19.34
CA ILE B 377 9.97 34.43 -18.75
C ILE B 377 9.06 33.80 -17.72
N SER B 378 9.16 34.25 -16.48
CA SER B 378 8.49 33.61 -15.38
C SER B 378 6.99 33.92 -15.40
N ALA B 379 6.26 33.22 -14.54
CA ALA B 379 4.81 33.37 -14.49
C ALA B 379 4.40 34.74 -13.99
N GLU B 380 5.21 35.37 -13.15
CA GLU B 380 4.90 36.70 -12.66
C GLU B 380 5.22 37.80 -13.66
N ASN B 381 5.93 37.49 -14.75
CA ASN B 381 6.21 38.47 -15.78
C ASN B 381 5.36 38.29 -17.02
N LEU B 382 4.42 37.35 -17.02
CA LEU B 382 3.61 37.09 -18.21
C LEU B 382 2.47 38.07 -18.39
N SER B 383 2.12 38.84 -17.36
CA SER B 383 1.07 39.84 -17.51
C SER B 383 1.56 41.12 -18.17
N ASP B 384 2.87 41.29 -18.28
CA ASP B 384 3.45 42.46 -18.90
C ASP B 384 3.96 42.21 -20.31
N ILE B 385 3.98 40.95 -20.75
CA ILE B 385 4.41 40.62 -22.11
C ILE B 385 3.29 41.00 -23.07
N ASN B 386 3.64 41.65 -24.17
CA ASN B 386 2.67 41.97 -25.21
C ASN B 386 2.15 40.69 -25.85
N LEU B 387 0.86 40.69 -26.18
CA LEU B 387 0.17 39.49 -26.60
C LEU B 387 0.60 38.97 -27.96
N ARG B 388 1.27 39.80 -28.77
CA ARG B 388 1.74 39.34 -30.06
C ARG B 388 2.92 38.37 -29.95
N TYR B 389 3.53 38.25 -28.77
CA TYR B 389 4.71 37.43 -28.55
C TYR B 389 4.37 36.01 -28.14
N PHE B 390 3.11 35.68 -27.94
CA PHE B 390 2.73 34.32 -27.63
C PHE B 390 2.31 33.60 -28.89
N ASN B 391 2.27 32.27 -28.82
CA ASN B 391 1.68 31.52 -29.91
C ASN B 391 0.17 31.48 -29.72
N GLU B 392 -0.54 30.82 -30.64
CA GLU B 392 -1.99 31.02 -30.78
C GLU B 392 -2.76 30.46 -29.59
N ASP B 393 -2.45 29.23 -29.19
CA ASP B 393 -3.14 28.59 -28.07
C ASP B 393 -2.84 29.31 -26.76
N THR B 394 -1.60 29.74 -26.58
CA THR B 394 -1.27 30.48 -25.37
C THR B 394 -1.85 31.88 -25.40
N LYS B 395 -2.00 32.49 -26.58
CA LYS B 395 -2.68 33.77 -26.69
C LYS B 395 -4.13 33.66 -26.26
N LYS B 396 -4.82 32.61 -26.72
CA LYS B 396 -6.19 32.37 -26.29
C LYS B 396 -6.28 32.05 -24.80
N LYS B 397 -5.30 31.32 -24.25
CA LYS B 397 -5.30 31.03 -22.81
C LYS B 397 -5.02 32.29 -21.98
N ILE B 398 -4.08 33.14 -22.40
CA ILE B 398 -3.73 34.33 -21.64
C ILE B 398 -4.88 35.33 -21.67
N GLU B 399 -5.60 35.41 -22.79
CA GLU B 399 -6.64 36.43 -22.89
C GLU B 399 -7.89 36.08 -22.09
N LYS B 400 -8.20 34.80 -21.88
CA LYS B 400 -9.39 34.47 -21.10
C LYS B 400 -9.07 34.10 -19.66
N ILE B 401 -7.88 34.46 -19.19
CA ILE B 401 -7.47 34.22 -17.81
C ILE B 401 -7.03 35.50 -17.13
N ARG B 402 -7.06 36.63 -17.83
CA ARG B 402 -6.41 37.85 -17.38
C ARG B 402 -7.14 38.51 -16.23
N HIS B 403 -8.46 38.35 -16.14
CA HIS B 403 -9.20 38.91 -15.03
C HIS B 403 -9.03 38.10 -13.75
N LEU B 404 -8.48 36.90 -13.83
CA LEU B 404 -8.21 36.08 -12.67
C LEU B 404 -6.80 36.24 -12.13
N MET B 405 -5.91 36.81 -12.91
CA MET B 405 -4.49 36.80 -12.57
C MET B 405 -4.19 37.82 -11.48
N VAL B 406 -3.47 37.38 -10.45
CA VAL B 406 -3.07 38.27 -9.37
C VAL B 406 -1.75 37.80 -8.81
N GLU B 407 -0.73 38.68 -8.86
CA GLU B 407 0.59 38.49 -8.23
C GLU B 407 1.33 37.27 -8.77
N GLY B 408 1.20 36.99 -10.05
CA GLY B 408 1.81 35.82 -10.64
C GLY B 408 1.02 34.54 -10.46
N THR B 409 -0.11 34.61 -9.80
CA THR B 409 -1.02 33.51 -9.58
C THR B 409 -2.34 33.83 -10.27
N ALA B 410 -3.18 32.82 -10.45
CA ALA B 410 -4.52 33.01 -10.94
C ALA B 410 -5.52 32.58 -9.89
N SER B 411 -6.58 33.35 -9.74
CA SER B 411 -7.62 33.05 -8.77
C SER B 411 -8.42 31.83 -9.18
N LEU B 412 -8.57 30.87 -8.27
CA LEU B 412 -9.27 29.62 -8.58
C LEU B 412 -10.20 29.29 -7.43
N SER B 413 -11.38 29.85 -7.44
CA SER B 413 -12.31 29.57 -6.35
C SER B 413 -13.08 28.25 -6.51
N PRO B 414 -13.66 27.89 -7.68
CA PRO B 414 -14.23 26.55 -7.77
C PRO B 414 -13.15 25.49 -7.97
N GLY B 415 -13.56 24.23 -7.85
CA GLY B 415 -12.62 23.14 -8.00
C GLY B 415 -11.79 22.89 -6.77
N MET B 416 -11.44 21.64 -6.45
CA MET B 416 -10.64 21.46 -5.26
C MET B 416 -9.14 21.51 -5.51
N MET B 417 -8.57 20.51 -6.17
CA MET B 417 -7.40 20.44 -7.05
C MET B 417 -7.18 18.95 -7.15
N MET B 418 -6.19 18.48 -7.89
CA MET B 418 -6.00 17.03 -7.99
C MET B 418 -5.52 16.43 -6.68
N GLY B 419 -6.39 15.67 -6.03
CA GLY B 419 -6.04 14.86 -4.89
C GLY B 419 -6.07 15.53 -3.54
N MET B 420 -6.65 16.72 -3.43
CA MET B 420 -6.56 17.46 -2.18
C MET B 420 -7.52 16.91 -1.13
N PHE B 421 -8.72 16.50 -1.55
CA PHE B 421 -9.71 15.89 -0.68
C PHE B 421 -10.19 14.61 -1.37
N ASN B 422 -9.46 13.51 -1.18
CA ASN B 422 -9.87 12.27 -1.83
C ASN B 422 -10.93 11.54 -1.02
N MET B 423 -10.77 11.53 0.30
CA MET B 423 -11.71 10.81 1.15
C MET B 423 -13.03 11.56 1.30
N LEU B 424 -12.98 12.89 1.28
CA LEU B 424 -14.23 13.65 1.40
C LEU B 424 -15.06 13.54 0.12
N SER B 425 -14.39 13.60 -1.03
CA SER B 425 -15.04 13.31 -2.31
C SER B 425 -15.54 11.86 -2.37
N THR B 426 -14.82 10.94 -1.74
CA THR B 426 -15.29 9.57 -1.64
C THR B 426 -16.56 9.47 -0.81
N VAL B 427 -16.66 10.24 0.27
CA VAL B 427 -17.85 10.24 1.12
C VAL B 427 -19.05 10.79 0.36
N LEU B 428 -18.83 11.80 -0.50
CA LEU B 428 -19.90 12.33 -1.33
C LEU B 428 -20.42 11.29 -2.34
N GLY B 429 -19.50 10.62 -3.03
CA GLY B 429 -19.90 9.54 -3.92
C GLY B 429 -20.57 8.38 -3.21
N VAL B 430 -20.15 8.07 -1.98
CA VAL B 430 -20.77 7.02 -1.19
C VAL B 430 -22.17 7.44 -0.74
N SER B 431 -22.40 8.73 -0.51
CA SER B 431 -23.74 9.20 -0.17
C SER B 431 -24.71 9.05 -1.35
N VAL B 432 -24.23 9.29 -2.56
CA VAL B 432 -25.08 9.02 -3.72
C VAL B 432 -25.30 7.52 -3.92
N LEU B 433 -24.28 6.70 -3.64
CA LEU B 433 -24.47 5.24 -3.67
C LEU B 433 -25.44 4.77 -2.60
N ASN B 434 -25.46 5.44 -1.46
CA ASN B 434 -26.28 5.12 -0.30
C ASN B 434 -27.73 5.53 -0.50
N LEU B 435 -27.98 6.48 -1.40
CA LEU B 435 -29.36 6.85 -1.75
C LEU B 435 -30.14 5.67 -2.32
N GLY B 436 -29.47 4.73 -2.98
CA GLY B 436 -30.19 3.72 -3.73
C GLY B 436 -30.59 2.48 -2.99
N GLN B 437 -30.75 2.54 -1.67
CA GLN B 437 -31.29 1.42 -0.94
C GLN B 437 -32.78 1.29 -1.24
N ARG B 438 -33.27 0.06 -1.22
CA ARG B 438 -34.63 -0.17 -1.68
C ARG B 438 -35.69 0.25 -0.69
N GLU B 439 -35.34 0.42 0.58
CA GLU B 439 -36.30 0.93 1.55
C GLU B 439 -36.37 2.45 1.53
N ILE B 440 -35.29 3.12 1.14
CA ILE B 440 -35.31 4.56 0.95
C ILE B 440 -36.08 4.91 -0.32
N LEU B 441 -35.75 4.25 -1.42
CA LEU B 441 -36.22 4.67 -2.73
C LEU B 441 -37.68 4.31 -2.94
N LYS B 442 -38.05 3.07 -2.60
CA LYS B 442 -39.37 2.48 -2.87
C LYS B 442 -39.77 2.62 -4.33
N ARG B 443 -38.83 2.32 -5.20
CA ARG B 443 -39.03 2.32 -6.64
C ARG B 443 -39.09 0.89 -7.12
N THR B 444 -39.13 0.73 -8.43
CA THR B 444 -38.97 -0.59 -9.01
C THR B 444 -37.50 -0.97 -9.20
N TYR B 445 -36.58 -0.04 -8.93
CA TYR B 445 -35.15 -0.26 -9.03
C TYR B 445 -34.49 0.04 -7.69
N TRP B 446 -33.26 -0.43 -7.54
CA TRP B 446 -32.40 -0.01 -6.44
C TRP B 446 -30.97 -0.25 -6.88
N TRP B 447 -30.04 0.42 -6.22
CA TRP B 447 -28.66 0.25 -6.59
C TRP B 447 -27.81 0.08 -5.34
N ASP B 448 -26.51 -0.16 -5.59
CA ASP B 448 -25.51 -0.40 -4.58
C ASP B 448 -24.16 -0.29 -5.27
N GLY B 449 -23.10 -0.34 -4.51
CA GLY B 449 -21.82 -0.44 -5.18
C GLY B 449 -20.67 -0.01 -4.30
N LEU B 450 -19.61 0.44 -4.96
CA LEU B 450 -18.38 0.84 -4.29
C LEU B 450 -17.82 2.04 -5.02
N GLN B 451 -17.19 2.93 -4.27
CA GLN B 451 -16.73 4.20 -4.81
C GLN B 451 -15.37 4.50 -4.23
N SER B 452 -14.36 4.62 -5.08
CA SER B 452 -13.05 5.15 -4.73
C SER B 452 -13.06 6.65 -5.02
N SER B 453 -11.89 7.25 -5.22
CA SER B 453 -11.76 8.70 -5.38
C SER B 453 -12.71 9.30 -6.41
N ASP B 454 -12.73 8.75 -7.61
CA ASP B 454 -13.78 9.07 -8.57
C ASP B 454 -14.33 7.85 -9.28
N ASP B 455 -13.69 6.71 -9.14
CA ASP B 455 -14.11 5.50 -9.82
C ASP B 455 -15.22 4.84 -9.03
N PHE B 456 -16.21 4.33 -9.74
CA PHE B 456 -17.28 3.63 -9.07
C PHE B 456 -17.62 2.38 -9.86
N ALA B 457 -18.09 1.37 -9.14
CA ALA B 457 -18.75 0.22 -9.73
C ALA B 457 -20.17 0.25 -9.19
N LEU B 458 -21.14 0.55 -10.03
CA LEU B 458 -22.52 0.68 -9.60
C LEU B 458 -23.32 -0.50 -10.10
N ILE B 459 -23.96 -1.21 -9.18
CA ILE B 459 -24.79 -2.36 -9.51
C ILE B 459 -26.23 -1.91 -9.38
N ILE B 460 -26.95 -1.89 -10.48
CA ILE B 460 -28.36 -1.52 -10.50
C ILE B 460 -29.17 -2.79 -10.66
N ASN B 461 -30.09 -3.03 -9.75
CA ASN B 461 -31.03 -4.13 -9.87
C ASN B 461 -32.41 -3.59 -10.19
N GLY B 462 -33.17 -4.36 -10.96
CA GLY B 462 -34.50 -3.94 -11.35
C GLY B 462 -35.20 -5.14 -11.92
N HIS B 463 -36.51 -4.99 -12.12
CA HIS B 463 -37.29 -6.11 -12.64
C HIS B 463 -37.32 -6.16 -14.15
N PHE B 464 -37.11 -5.04 -14.82
CA PHE B 464 -37.06 -5.01 -16.27
C PHE B 464 -35.89 -4.14 -16.69
N LYS B 465 -35.56 -4.19 -17.97
CA LYS B 465 -34.44 -3.41 -18.47
C LYS B 465 -34.76 -1.93 -18.50
N GLU B 466 -36.05 -1.59 -18.63
CA GLU B 466 -36.46 -0.19 -18.53
C GLU B 466 -36.39 0.31 -17.10
N ASP B 467 -36.57 -0.57 -16.11
CA ASP B 467 -36.33 -0.16 -14.73
C ASP B 467 -34.85 0.05 -14.48
N ILE B 468 -33.99 -0.74 -15.13
CA ILE B 468 -32.55 -0.49 -15.09
C ILE B 468 -32.24 0.86 -15.69
N GLN B 469 -32.92 1.23 -16.77
CA GLN B 469 -32.69 2.53 -17.39
C GLN B 469 -33.15 3.68 -16.49
N GLN B 470 -34.31 3.53 -15.86
CA GLN B 470 -34.79 4.55 -14.92
C GLN B 470 -33.88 4.69 -13.71
N GLY B 471 -33.30 3.59 -13.26
CA GLY B 471 -32.36 3.67 -12.14
C GLY B 471 -31.05 4.32 -12.52
N VAL B 472 -30.55 4.03 -13.72
CA VAL B 472 -29.35 4.70 -14.22
C VAL B 472 -29.60 6.18 -14.37
N ASN B 473 -30.78 6.56 -14.87
CA ASN B 473 -31.13 7.96 -15.03
C ASN B 473 -31.25 8.67 -13.69
N HIS B 474 -31.83 8.00 -12.70
CA HIS B 474 -31.96 8.57 -11.36
C HIS B 474 -30.61 8.77 -10.70
N PHE B 475 -29.73 7.77 -10.79
CA PHE B 475 -28.38 7.90 -10.24
C PHE B 475 -27.61 9.02 -10.93
N TYR B 476 -27.70 9.09 -12.26
CA TYR B 476 -26.96 10.08 -13.03
C TYR B 476 -27.43 11.49 -12.71
N ARG B 477 -28.74 11.67 -12.53
CA ARG B 477 -29.26 13.01 -12.28
C ARG B 477 -29.06 13.45 -10.84
N THR B 478 -29.06 12.51 -9.87
CA THR B 478 -28.68 12.85 -8.51
C THR B 478 -27.20 13.24 -8.43
N CYS B 479 -26.35 12.51 -9.15
CA CYS B 479 -24.93 12.86 -9.22
C CYS B 479 -24.73 14.23 -9.85
N LYS B 480 -25.53 14.55 -10.87
CA LYS B 480 -25.49 15.89 -11.46
C LYS B 480 -25.94 16.96 -10.49
N LEU B 481 -26.91 16.64 -9.62
CA LEU B 481 -27.36 17.59 -8.62
C LEU B 481 -26.27 17.92 -7.62
N VAL B 482 -25.38 16.98 -7.31
CA VAL B 482 -24.33 17.27 -6.35
C VAL B 482 -22.99 17.59 -6.99
N GLY B 483 -22.96 17.87 -8.30
CA GLY B 483 -21.75 18.30 -8.96
C GLY B 483 -20.92 17.21 -9.58
N ILE B 484 -21.34 15.95 -9.47
CA ILE B 484 -20.59 14.81 -9.99
C ILE B 484 -21.06 14.52 -11.41
N ASN B 485 -20.11 14.39 -12.34
CA ASN B 485 -20.44 14.25 -13.75
C ASN B 485 -19.91 12.91 -14.24
N MET B 486 -20.81 11.97 -14.49
CA MET B 486 -20.39 10.66 -14.98
C MET B 486 -19.90 10.78 -16.42
N SER B 487 -18.78 10.12 -16.69
CA SER B 487 -18.18 10.15 -18.02
C SER B 487 -18.98 9.24 -18.93
N GLN B 488 -19.58 9.79 -19.96
CA GLN B 488 -20.38 8.95 -20.84
C GLN B 488 -19.54 8.15 -21.81
N LYS B 489 -18.32 8.62 -22.11
CA LYS B 489 -17.46 7.91 -23.04
C LYS B 489 -16.51 6.94 -22.38
N LYS B 490 -16.22 7.11 -21.09
CA LYS B 490 -15.34 6.19 -20.38
C LYS B 490 -16.12 5.20 -19.53
N SER B 491 -17.44 5.24 -19.55
CA SER B 491 -18.25 4.30 -18.80
C SER B 491 -19.09 3.47 -19.74
N TYR B 492 -19.49 2.31 -19.24
CA TYR B 492 -20.38 1.42 -19.97
C TYR B 492 -21.09 0.55 -18.95
N ILE B 493 -22.05 -0.22 -19.41
CA ILE B 493 -22.88 -1.04 -18.56
C ILE B 493 -22.99 -2.42 -19.19
N ASN B 494 -22.97 -3.46 -18.37
CA ASN B 494 -23.26 -4.81 -18.82
C ASN B 494 -23.89 -5.53 -17.65
N LYS B 495 -24.30 -6.77 -17.87
CA LYS B 495 -24.86 -7.58 -16.79
C LYS B 495 -23.80 -7.87 -15.75
N THR B 496 -24.26 -8.19 -14.54
CA THR B 496 -23.34 -8.42 -13.44
C THR B 496 -22.61 -9.75 -13.62
N GLY B 497 -21.31 -9.73 -13.36
CA GLY B 497 -20.44 -10.87 -13.60
C GLY B 497 -19.07 -10.45 -14.09
N THR B 498 -18.99 -9.33 -14.81
CA THR B 498 -17.71 -8.74 -15.18
C THR B 498 -17.79 -7.24 -14.96
N PHE B 499 -16.68 -6.65 -14.53
CA PHE B 499 -16.51 -5.21 -14.47
C PHE B 499 -15.03 -4.89 -14.33
N GLU B 500 -14.73 -3.61 -14.20
CA GLU B 500 -13.38 -3.14 -13.92
C GLU B 500 -13.46 -2.10 -12.81
N PHE B 501 -12.48 -2.11 -11.93
CA PHE B 501 -12.38 -1.10 -10.88
C PHE B 501 -10.91 -0.82 -10.67
N THR B 502 -10.46 0.35 -11.15
CA THR B 502 -9.09 0.87 -10.97
C THR B 502 -8.03 -0.12 -11.42
N SER B 503 -8.17 -0.58 -12.67
CA SER B 503 -7.32 -1.59 -13.31
C SER B 503 -7.33 -2.92 -12.57
N PHE B 504 -8.39 -3.19 -11.83
CA PHE B 504 -8.71 -4.54 -11.39
C PHE B 504 -9.81 -5.05 -12.31
N PHE B 505 -9.61 -6.22 -12.88
CA PHE B 505 -10.53 -6.76 -13.87
C PHE B 505 -11.22 -7.97 -13.29
N TYR B 506 -12.54 -7.88 -13.13
CA TYR B 506 -13.34 -8.93 -12.54
C TYR B 506 -14.08 -9.62 -13.66
N ARG B 507 -13.77 -10.90 -13.87
CA ARG B 507 -14.51 -11.79 -14.74
C ARG B 507 -14.89 -12.97 -13.86
N TYR B 508 -16.02 -12.83 -13.16
CA TYR B 508 -16.51 -13.77 -12.14
C TYR B 508 -15.49 -13.99 -11.03
N GLY B 509 -14.71 -12.99 -10.71
CA GLY B 509 -13.58 -13.13 -9.81
C GLY B 509 -12.46 -12.37 -10.49
N PHE B 510 -11.55 -11.86 -9.67
CA PHE B 510 -10.49 -10.98 -10.16
C PHE B 510 -9.41 -11.78 -10.86
N VAL B 511 -9.10 -11.37 -12.08
CA VAL B 511 -8.01 -11.98 -12.83
C VAL B 511 -6.71 -11.26 -12.46
N ALA B 512 -5.59 -11.84 -12.83
CA ALA B 512 -4.31 -11.23 -12.55
C ALA B 512 -3.88 -10.34 -13.70
N ASN B 513 -3.27 -9.21 -13.35
CA ASN B 513 -2.74 -8.25 -14.31
C ASN B 513 -1.27 -8.07 -13.94
N PHE B 514 -0.43 -8.91 -14.53
CA PHE B 514 0.97 -8.97 -14.15
C PHE B 514 1.78 -7.81 -14.72
N SER B 515 1.37 -7.29 -15.89
CA SER B 515 2.08 -6.20 -16.57
C SER B 515 2.18 -4.96 -15.71
N MET B 516 1.17 -4.75 -14.86
CA MET B 516 1.13 -3.63 -13.92
C MET B 516 2.31 -3.64 -12.96
N GLU B 517 2.88 -4.80 -12.69
CA GLU B 517 4.01 -4.93 -11.78
C GLU B 517 5.35 -4.98 -12.49
N LEU B 518 5.37 -4.94 -13.82
CA LEU B 518 6.64 -5.05 -14.55
C LEU B 518 7.68 -3.96 -14.27
N PRO B 519 7.38 -2.68 -13.99
CA PRO B 519 8.45 -1.74 -13.65
C PRO B 519 9.18 -2.01 -12.35
N SER B 520 8.74 -2.94 -11.51
CA SER B 520 9.42 -3.23 -10.26
C SER B 520 10.39 -4.43 -10.35
N PHE B 521 10.50 -5.07 -11.51
CA PHE B 521 11.44 -6.16 -11.72
C PHE B 521 12.76 -5.59 -12.23
N GLY B 522 13.76 -5.52 -11.38
CA GLY B 522 15.04 -4.96 -11.78
C GLY B 522 15.89 -4.66 -10.57
N VAL B 523 17.07 -4.10 -10.84
CA VAL B 523 18.03 -3.79 -9.80
C VAL B 523 17.70 -2.43 -9.23
N ALA B 524 17.52 -2.35 -7.90
CA ALA B 524 16.90 -1.18 -7.29
C ALA B 524 17.89 -0.04 -7.09
N GLY B 525 19.16 -0.36 -6.85
CA GLY B 525 20.16 0.68 -6.73
C GLY B 525 20.43 1.25 -5.36
N ASN B 526 20.31 0.45 -4.30
CA ASN B 526 20.75 0.93 -2.99
C ASN B 526 22.19 0.51 -2.71
N ASN B 527 22.44 -0.79 -2.66
CA ASN B 527 23.76 -1.40 -2.52
C ASN B 527 23.58 -2.87 -2.92
N GLU B 528 24.63 -3.67 -2.75
CA GLU B 528 24.59 -5.04 -3.25
C GLU B 528 23.63 -5.92 -2.46
N SER B 529 23.69 -5.84 -1.13
CA SER B 529 22.86 -6.69 -0.28
C SER B 529 21.39 -6.29 -0.33
N ALA B 530 21.11 -4.98 -0.27
CA ALA B 530 19.75 -4.49 -0.28
C ALA B 530 19.06 -4.82 -1.60
N ASP B 531 19.79 -4.69 -2.71
CA ASP B 531 19.22 -5.01 -4.01
C ASP B 531 18.95 -6.49 -4.18
N MET B 532 19.82 -7.34 -3.61
CA MET B 532 19.56 -8.78 -3.65
C MET B 532 18.28 -9.14 -2.91
N SER B 533 18.10 -8.54 -1.72
CA SER B 533 16.89 -8.76 -0.92
C SER B 533 15.63 -8.28 -1.65
N ILE B 534 15.68 -7.07 -2.23
CA ILE B 534 14.56 -6.52 -2.98
C ILE B 534 14.20 -7.39 -4.19
N GLY B 535 15.21 -7.89 -4.92
CA GLY B 535 14.93 -8.65 -6.12
C GLY B 535 14.25 -9.97 -5.84
N THR B 536 14.76 -10.72 -4.86
CA THR B 536 14.10 -11.97 -4.48
C THR B 536 12.72 -11.73 -3.89
N THR B 537 12.54 -10.65 -3.13
CA THR B 537 11.25 -10.39 -2.52
C THR B 537 10.20 -9.95 -3.54
N VAL B 538 10.61 -9.22 -4.56
CA VAL B 538 9.67 -8.78 -5.60
C VAL B 538 9.21 -9.98 -6.41
N ILE B 539 10.14 -10.90 -6.75
CA ILE B 539 9.76 -12.14 -7.43
C ILE B 539 8.78 -12.96 -6.58
N LYS B 540 9.02 -13.04 -5.26
CA LYS B 540 8.16 -13.83 -4.39
C LYS B 540 6.77 -13.20 -4.22
N THR B 541 6.71 -11.87 -4.06
CA THR B 541 5.44 -11.17 -3.91
C THR B 541 4.59 -11.28 -5.17
N ASN B 542 5.22 -11.28 -6.34
CA ASN B 542 4.45 -11.48 -7.54
C ASN B 542 4.09 -12.94 -7.79
N MET B 543 4.85 -13.88 -7.22
CA MET B 543 4.40 -15.27 -7.22
C MET B 543 3.13 -15.43 -6.41
N ILE B 544 3.05 -14.75 -5.26
CA ILE B 544 1.91 -14.90 -4.38
C ILE B 544 0.69 -14.16 -4.94
N ASN B 545 0.84 -12.86 -5.22
CA ASN B 545 -0.32 -12.00 -5.45
C ASN B 545 -0.67 -11.81 -6.92
N ASN B 546 0.31 -11.76 -7.81
CA ASN B 546 0.06 -11.36 -9.19
C ASN B 546 0.18 -12.52 -10.17
N ASP B 547 0.17 -13.75 -9.65
CA ASP B 547 0.12 -15.00 -10.41
C ASP B 547 1.31 -15.15 -11.36
N LEU B 548 2.50 -14.88 -10.84
CA LEU B 548 3.72 -15.18 -11.58
C LEU B 548 3.99 -16.67 -11.44
N GLY B 549 3.89 -17.39 -12.56
CA GLY B 549 4.03 -18.81 -12.58
C GLY B 549 5.42 -19.26 -12.20
N PRO B 550 5.57 -20.54 -11.85
CA PRO B 550 6.85 -21.01 -11.31
C PRO B 550 7.99 -21.03 -12.34
N ALA B 551 7.69 -21.36 -13.59
CA ALA B 551 8.72 -21.32 -14.62
C ALA B 551 9.12 -19.89 -14.94
N THR B 552 8.14 -18.99 -14.99
CA THR B 552 8.45 -17.58 -15.20
C THR B 552 9.13 -16.97 -13.98
N ALA B 553 8.87 -17.50 -12.79
CA ALA B 553 9.58 -16.99 -11.62
C ALA B 553 11.04 -17.45 -11.59
N GLN B 554 11.30 -18.67 -12.07
CA GLN B 554 12.69 -19.10 -12.23
C GLN B 554 13.42 -18.28 -13.27
N MET B 555 12.75 -18.00 -14.39
CA MET B 555 13.31 -17.10 -15.40
C MET B 555 13.53 -15.70 -14.84
N ALA B 556 12.64 -15.25 -13.95
CA ALA B 556 12.79 -13.95 -13.32
C ALA B 556 13.97 -13.90 -12.37
N ILE B 557 14.22 -14.99 -11.64
CA ILE B 557 15.41 -15.11 -10.79
C ILE B 557 16.67 -15.01 -11.64
N GLN B 558 16.68 -15.71 -12.77
CA GLN B 558 17.85 -15.68 -13.65
C GLN B 558 18.06 -14.31 -14.28
N LEU B 559 16.99 -13.64 -14.67
CA LEU B 559 17.12 -12.31 -15.26
C LEU B 559 17.57 -11.28 -14.24
N PHE B 560 17.09 -11.39 -13.01
CA PHE B 560 17.54 -10.51 -11.95
C PHE B 560 19.01 -10.74 -11.63
N ILE B 561 19.45 -11.99 -11.58
CA ILE B 561 20.84 -12.27 -11.25
C ILE B 561 21.76 -11.80 -12.37
N LYS B 562 21.30 -11.88 -13.62
CA LYS B 562 22.07 -11.35 -14.74
C LYS B 562 22.22 -9.83 -14.67
N ASP B 563 21.13 -9.11 -14.44
CA ASP B 563 21.23 -7.66 -14.36
C ASP B 563 21.97 -7.20 -13.11
N TYR B 564 21.87 -7.95 -12.02
CA TYR B 564 22.60 -7.66 -10.81
C TYR B 564 24.10 -7.87 -10.98
N ARG B 565 24.48 -8.97 -11.63
CA ARG B 565 25.89 -9.25 -11.86
C ARG B 565 26.49 -8.29 -12.85
N TYR B 566 25.71 -7.77 -13.79
CA TYR B 566 26.25 -6.68 -14.60
C TYR B 566 26.41 -5.41 -13.79
N THR B 567 25.37 -5.03 -13.02
CA THR B 567 25.30 -3.71 -12.43
C THR B 567 26.39 -3.47 -11.39
N TYR B 568 26.66 -4.46 -10.56
CA TYR B 568 27.70 -4.33 -9.57
C TYR B 568 29.01 -4.99 -9.99
N ARG B 569 29.08 -5.44 -11.24
CA ARG B 569 30.30 -5.95 -11.88
C ARG B 569 30.89 -7.12 -11.12
N CYS B 570 30.01 -8.02 -10.70
CA CYS B 570 30.35 -9.09 -9.80
C CYS B 570 30.04 -10.43 -10.44
N HIS B 571 30.48 -10.61 -11.68
CA HIS B 571 30.34 -11.89 -12.36
C HIS B 571 31.13 -12.97 -11.65
N ARG B 572 30.82 -14.22 -11.98
CA ARG B 572 31.35 -15.37 -11.26
C ARG B 572 32.87 -15.44 -11.34
N GLY B 573 33.46 -16.11 -10.34
CA GLY B 573 34.91 -16.11 -10.22
C GLY B 573 35.61 -16.92 -11.29
N ASP B 574 34.89 -17.78 -11.99
CA ASP B 574 35.44 -18.53 -13.11
C ASP B 574 34.99 -17.98 -14.45
N THR B 575 34.63 -16.71 -14.52
CA THR B 575 34.15 -16.16 -15.77
C THR B 575 35.31 -15.80 -16.69
N ASN B 576 35.00 -15.61 -17.97
CA ASN B 576 35.98 -15.13 -18.94
C ASN B 576 35.87 -13.64 -19.21
N LEU B 577 34.86 -12.98 -18.64
CA LEU B 577 34.72 -11.55 -18.76
C LEU B 577 35.80 -10.85 -17.93
N GLU B 578 36.02 -9.57 -18.22
CA GLU B 578 37.00 -8.78 -17.50
C GLU B 578 36.41 -7.43 -17.17
N THR B 579 36.42 -7.07 -15.89
CA THR B 579 35.92 -5.77 -15.49
C THR B 579 36.98 -5.06 -14.65
N ARG B 580 36.58 -3.98 -13.99
CA ARG B 580 37.47 -3.30 -13.07
C ARG B 580 37.74 -4.12 -11.82
N ARG B 581 36.89 -5.09 -11.48
CA ARG B 581 37.08 -5.89 -10.29
C ARG B 581 37.08 -7.39 -10.59
N THR B 582 37.47 -7.78 -11.78
CA THR B 582 37.58 -9.20 -12.11
C THR B 582 38.79 -9.85 -11.44
N LYS B 583 39.89 -9.12 -11.27
CA LYS B 583 41.12 -9.73 -10.76
C LYS B 583 41.02 -10.03 -9.28
N SER B 584 40.44 -9.12 -8.50
CA SER B 584 40.30 -9.38 -7.07
C SER B 584 39.24 -10.45 -6.78
N ILE B 585 38.17 -10.47 -7.57
CA ILE B 585 37.16 -11.53 -7.45
C ILE B 585 37.76 -12.87 -7.85
N LYS B 586 38.68 -12.88 -8.82
CA LYS B 586 39.35 -14.12 -9.20
C LYS B 586 40.31 -14.60 -8.12
N ARG B 587 41.01 -13.66 -7.47
CA ARG B 587 41.84 -14.01 -6.31
C ARG B 587 41.00 -14.61 -5.20
N LEU B 588 39.86 -13.98 -4.88
CA LEU B 588 38.97 -14.48 -3.84
C LEU B 588 38.37 -15.83 -4.22
N TRP B 589 38.16 -16.07 -5.51
CA TRP B 589 37.64 -17.34 -5.98
C TRP B 589 38.68 -18.45 -5.87
N THR B 590 39.94 -18.12 -6.15
CA THR B 590 40.97 -19.15 -6.17
C THR B 590 41.41 -19.57 -4.78
N GLU B 591 41.42 -18.64 -3.83
CA GLU B 591 41.87 -18.89 -2.48
C GLU B 591 40.80 -19.52 -1.59
N THR B 592 39.59 -19.72 -2.11
CA THR B 592 38.44 -20.14 -1.32
C THR B 592 38.22 -21.63 -1.51
N ILE B 593 38.03 -22.34 -0.40
CA ILE B 593 37.76 -23.77 -0.47
C ILE B 593 36.32 -24.04 -0.87
N SER B 594 35.38 -23.49 -0.11
CA SER B 594 33.96 -23.69 -0.39
C SER B 594 33.47 -22.50 -1.21
N LYS B 595 33.47 -22.67 -2.54
CA LYS B 595 33.05 -21.60 -3.43
C LYS B 595 31.54 -21.38 -3.40
N ALA B 596 30.77 -22.41 -3.01
CA ALA B 596 29.32 -22.32 -2.94
C ALA B 596 28.81 -21.43 -1.83
N GLY B 597 29.68 -20.96 -0.94
CA GLY B 597 29.32 -20.04 0.11
C GLY B 597 29.68 -18.61 -0.13
N LEU B 598 30.25 -18.30 -1.28
CA LEU B 598 30.54 -16.92 -1.63
C LEU B 598 29.27 -16.23 -2.12
N LEU B 599 29.08 -14.98 -1.70
CA LEU B 599 27.93 -14.21 -2.15
C LEU B 599 28.06 -13.88 -3.63
N VAL B 600 26.92 -13.56 -4.25
CA VAL B 600 26.89 -13.20 -5.66
C VAL B 600 27.63 -11.88 -5.89
N ALA B 601 27.64 -11.00 -4.90
CA ALA B 601 28.46 -9.80 -4.97
C ALA B 601 29.96 -10.07 -4.79
N ASP B 602 30.36 -11.30 -4.53
CA ASP B 602 31.77 -11.68 -4.47
C ASP B 602 32.10 -12.74 -5.51
N GLY B 603 31.34 -12.78 -6.60
CA GLY B 603 31.60 -13.76 -7.63
C GLY B 603 31.11 -15.15 -7.33
N GLY B 604 30.25 -15.30 -6.35
CA GLY B 604 29.77 -16.61 -5.98
C GLY B 604 28.57 -17.03 -6.80
N PRO B 605 28.20 -18.29 -6.67
CA PRO B 605 27.07 -18.81 -7.44
C PRO B 605 25.75 -18.31 -6.89
N ASN B 606 24.76 -18.30 -7.76
CA ASN B 606 23.42 -17.94 -7.37
C ASN B 606 22.80 -19.09 -6.59
N PRO B 607 22.37 -18.87 -5.34
CA PRO B 607 21.79 -19.96 -4.55
C PRO B 607 20.30 -20.11 -4.71
N TYR B 608 19.66 -19.20 -5.42
CA TYR B 608 18.22 -19.04 -5.33
C TYR B 608 17.48 -19.88 -6.35
N ASN B 609 16.41 -20.50 -5.87
CA ASN B 609 15.45 -21.20 -6.69
C ASN B 609 14.10 -20.82 -6.09
N LEU B 610 13.06 -21.57 -6.41
CA LEU B 610 11.72 -21.19 -5.97
C LEU B 610 11.52 -21.35 -4.47
N ARG B 611 12.12 -22.38 -3.88
CA ARG B 611 11.77 -22.73 -2.51
C ARG B 611 12.40 -21.81 -1.47
N ASN B 612 13.49 -21.12 -1.78
CA ASN B 612 14.21 -20.36 -0.78
C ASN B 612 14.22 -18.88 -1.08
N LEU B 613 13.19 -18.40 -1.77
CA LEU B 613 13.10 -16.99 -2.15
C LEU B 613 12.88 -16.06 -0.98
N HIS B 614 12.48 -16.58 0.17
CA HIS B 614 12.17 -15.81 1.35
C HIS B 614 13.29 -15.82 2.37
N ILE B 615 14.46 -16.35 2.01
CA ILE B 615 15.62 -16.43 2.89
C ILE B 615 16.70 -15.51 2.35
N PRO B 616 17.26 -14.62 3.18
CA PRO B 616 18.32 -13.73 2.70
C PRO B 616 19.57 -14.49 2.32
N GLU B 617 20.40 -13.83 1.50
CA GLU B 617 21.50 -14.54 0.86
C GLU B 617 22.63 -14.87 1.82
N VAL B 618 22.80 -14.08 2.87
CA VAL B 618 23.83 -14.39 3.85
C VAL B 618 23.42 -15.57 4.72
N CYS B 619 22.15 -15.62 5.12
CA CYS B 619 21.63 -16.76 5.86
C CYS B 619 21.62 -18.02 5.00
N LEU B 620 21.35 -17.88 3.71
CA LEU B 620 21.23 -19.04 2.84
C LEU B 620 22.57 -19.71 2.60
N LYS B 621 23.64 -18.93 2.61
CA LYS B 621 24.97 -19.42 2.30
C LYS B 621 25.84 -19.63 3.54
N TRP B 622 25.28 -19.41 4.73
CA TRP B 622 26.08 -19.28 5.96
C TRP B 622 26.76 -20.59 6.33
N SER B 623 26.09 -21.72 6.15
CA SER B 623 26.70 -23.00 6.48
C SER B 623 27.69 -23.47 5.43
N LEU B 624 27.88 -22.70 4.36
CA LEU B 624 28.83 -23.02 3.31
C LEU B 624 29.97 -22.02 3.20
N MET B 625 30.02 -21.03 4.08
CA MET B 625 31.09 -20.05 4.03
C MET B 625 32.35 -20.61 4.67
N ASP B 626 33.49 -20.11 4.21
CA ASP B 626 34.72 -20.34 4.94
C ASP B 626 34.73 -19.46 6.19
N PRO B 627 35.27 -19.96 7.30
CA PRO B 627 35.34 -19.13 8.52
C PRO B 627 36.19 -17.89 8.37
N ASP B 628 37.20 -17.92 7.48
CA ASP B 628 37.94 -16.71 7.15
C ASP B 628 37.08 -15.73 6.37
N TYR B 629 36.37 -16.22 5.35
CA TYR B 629 35.49 -15.36 4.56
C TYR B 629 34.31 -14.86 5.37
N ARG B 630 33.75 -15.70 6.22
CA ARG B 630 32.66 -15.28 7.08
C ARG B 630 33.12 -14.29 8.14
N GLY B 631 34.34 -14.48 8.65
CA GLY B 631 34.89 -13.53 9.61
C GLY B 631 35.26 -12.20 9.00
N ARG B 632 35.63 -12.18 7.72
CA ARG B 632 35.92 -10.91 7.06
C ARG B 632 34.65 -10.21 6.57
N LEU B 633 33.71 -10.99 6.05
CA LEU B 633 32.49 -10.46 5.46
C LEU B 633 31.58 -9.86 6.53
N CYS B 634 31.39 -10.57 7.63
CA CYS B 634 30.62 -10.08 8.77
C CYS B 634 31.53 -9.63 9.89
N ASN B 635 32.63 -8.98 9.55
CA ASN B 635 33.52 -8.42 10.55
C ASN B 635 32.84 -7.28 11.28
N PRO B 636 32.84 -7.29 12.62
CA PRO B 636 32.21 -6.20 13.38
C PRO B 636 33.00 -4.90 13.38
N ASN B 637 34.19 -4.88 12.79
CA ASN B 637 34.93 -3.65 12.56
C ASN B 637 34.79 -3.17 11.12
N ASN B 638 33.65 -3.47 10.49
CA ASN B 638 33.29 -3.20 9.10
C ASN B 638 33.43 -1.73 8.77
N PRO B 639 34.40 -1.36 7.94
CA PRO B 639 34.69 0.05 7.69
C PRO B 639 33.80 0.73 6.67
N PHE B 640 32.75 0.06 6.19
CA PHE B 640 31.89 0.62 5.17
C PHE B 640 30.53 1.04 5.71
N VAL B 641 30.19 0.66 6.94
CA VAL B 641 28.93 1.03 7.56
C VAL B 641 29.21 2.12 8.59
N HIS B 642 28.14 2.70 9.11
CA HIS B 642 28.26 3.67 10.19
C HIS B 642 28.34 2.95 11.53
N HIS B 643 29.22 3.45 12.40
CA HIS B 643 29.41 2.89 13.73
C HIS B 643 28.95 3.89 14.78
N MET B 644 28.04 3.45 15.64
CA MET B 644 27.52 4.29 16.71
C MET B 644 28.49 4.27 17.90
N GLU B 645 28.92 5.44 18.33
CA GLU B 645 29.76 5.54 19.51
C GLU B 645 28.95 5.25 20.77
N VAL B 646 29.52 4.42 21.63
CA VAL B 646 28.85 3.94 22.84
C VAL B 646 28.57 5.06 23.85
N SER B 663 38.15 6.52 21.08
CA SER B 663 36.81 6.32 21.59
C SER B 663 36.42 4.84 21.53
N LEU B 664 35.14 4.55 21.69
CA LEU B 664 34.64 3.19 21.56
C LEU B 664 33.31 3.21 20.83
N GLU B 665 33.23 2.41 19.78
CA GLU B 665 32.03 2.28 18.97
C GLU B 665 31.44 0.88 19.15
N TYR B 666 30.15 0.76 18.83
CA TYR B 666 29.51 -0.53 18.87
C TYR B 666 30.00 -1.44 17.74
N ASP B 667 29.72 -2.72 17.88
CA ASP B 667 30.05 -3.64 16.81
C ASP B 667 29.06 -3.48 15.66
N ALA B 668 29.49 -3.90 14.48
CA ALA B 668 28.62 -3.94 13.32
C ALA B 668 27.98 -5.31 13.19
N VAL B 669 26.84 -5.34 12.51
CA VAL B 669 26.15 -6.58 12.19
C VAL B 669 26.13 -6.84 10.68
N ALA B 670 25.90 -5.80 9.89
CA ALA B 670 25.77 -5.92 8.45
C ALA B 670 27.10 -6.29 7.80
N THR B 671 27.01 -6.78 6.57
CA THR B 671 28.20 -7.22 5.85
C THR B 671 28.88 -6.04 5.18
N THR B 672 29.96 -6.33 4.46
CA THR B 672 30.70 -5.28 3.77
C THR B 672 29.98 -4.76 2.53
N HIS B 673 29.00 -5.51 2.04
CA HIS B 673 28.25 -5.14 0.85
C HIS B 673 27.14 -4.15 1.12
N SER B 674 27.00 -3.67 2.36
CA SER B 674 25.97 -2.71 2.73
C SER B 674 26.51 -1.30 2.79
N TRP B 675 27.42 -0.97 1.88
CA TRP B 675 28.02 0.35 1.81
C TRP B 675 27.01 1.38 1.33
N THR B 676 27.37 2.63 1.48
CA THR B 676 26.54 3.67 0.93
C THR B 676 27.18 4.26 -0.31
N PRO B 677 26.41 4.52 -1.37
CA PRO B 677 26.98 5.18 -2.54
C PRO B 677 27.03 6.68 -2.35
N LYS B 678 28.02 7.31 -2.98
CA LYS B 678 28.23 8.73 -2.77
C LYS B 678 27.15 9.54 -3.48
N ARG B 679 26.99 10.78 -3.04
CA ARG B 679 25.93 11.65 -3.50
C ARG B 679 26.50 12.77 -4.36
N ASN B 680 25.60 13.42 -5.11
CA ASN B 680 25.96 14.61 -5.89
C ASN B 680 24.76 15.55 -5.84
N ARG B 681 24.80 16.49 -4.89
CA ARG B 681 23.76 17.49 -4.75
C ARG B 681 24.14 18.81 -5.41
N SER B 682 25.14 18.81 -6.29
CA SER B 682 25.58 20.03 -6.90
C SER B 682 24.59 20.51 -7.96
N ILE B 683 24.61 21.82 -8.19
CA ILE B 683 23.83 22.45 -9.23
C ILE B 683 24.83 23.16 -10.14
N LEU B 684 24.60 23.09 -11.45
CA LEU B 684 25.53 23.60 -12.45
C LEU B 684 25.76 25.10 -12.30
N ASN B 685 27.02 25.47 -12.12
CA ASN B 685 27.51 26.85 -11.98
C ASN B 685 26.95 27.55 -10.75
N THR B 686 26.53 26.81 -9.74
CA THR B 686 25.85 27.40 -8.60
C THR B 686 26.59 27.06 -7.32
N ASN B 687 27.20 28.08 -6.72
CA ASN B 687 27.79 28.00 -5.39
C ASN B 687 26.69 28.29 -4.37
N GLN B 688 26.49 27.38 -3.42
CA GLN B 688 25.41 27.54 -2.47
C GLN B 688 25.86 27.14 -1.07
N ARG B 689 27.08 27.48 -0.69
CA ARG B 689 27.59 27.17 0.65
C ARG B 689 26.85 27.96 1.73
N GLY B 690 26.44 29.19 1.40
CA GLY B 690 25.72 30.03 2.34
C GLY B 690 24.35 29.51 2.71
N ILE B 691 23.70 28.73 1.83
CA ILE B 691 22.44 28.10 2.19
C ILE B 691 22.63 26.65 2.64
N LEU B 692 23.82 26.09 2.51
CA LEU B 692 24.10 24.75 3.01
C LEU B 692 24.79 24.75 4.36
N GLU B 693 25.07 25.92 4.92
CA GLU B 693 25.64 25.97 6.27
C GLU B 693 24.66 25.48 7.33
N ASP B 694 23.39 25.90 7.22
CA ASP B 694 22.39 25.63 8.25
C ASP B 694 22.08 24.15 8.40
N GLU B 695 22.14 23.40 7.29
CA GLU B 695 21.88 21.97 7.37
C GLU B 695 23.01 21.26 8.11
N ARG B 696 24.25 21.67 7.88
CA ARG B 696 25.39 21.11 8.62
C ARG B 696 25.31 21.43 10.11
N ILE B 697 24.92 22.66 10.44
CA ILE B 697 24.84 23.04 11.86
C ILE B 697 23.70 22.30 12.56
N TYR B 698 22.58 22.11 11.87
CA TYR B 698 21.49 21.31 12.43
C TYR B 698 21.89 19.85 12.60
N GLN B 699 22.67 19.31 11.66
CA GLN B 699 23.10 17.92 11.79
C GLN B 699 24.06 17.74 12.95
N LYS B 700 24.93 18.72 13.19
CA LYS B 700 25.84 18.65 14.33
C LYS B 700 25.10 18.74 15.66
N CYS B 701 24.11 19.64 15.75
CA CYS B 701 23.31 19.74 16.96
C CYS B 701 22.51 18.47 17.22
N CYS B 702 21.92 17.87 16.18
CA CYS B 702 21.19 16.63 16.35
C CYS B 702 22.09 15.44 16.62
N GLN B 703 23.36 15.50 16.21
CA GLN B 703 24.30 14.45 16.59
C GLN B 703 24.69 14.57 18.06
N VAL B 704 24.89 15.79 18.55
CA VAL B 704 25.27 15.94 19.95
C VAL B 704 24.09 15.68 20.87
N PHE B 705 22.85 15.77 20.38
CA PHE B 705 21.71 15.41 21.22
C PHE B 705 21.65 13.91 21.45
N GLU B 706 22.00 13.11 20.45
CA GLU B 706 21.88 11.66 20.53
C GLU B 706 22.99 11.03 21.37
N LYS B 707 23.98 11.80 21.80
CA LYS B 707 24.91 11.32 22.81
C LYS B 707 24.29 11.32 24.20
N PHE B 708 23.24 12.11 24.41
CA PHE B 708 22.57 12.19 25.70
C PHE B 708 21.27 11.40 25.74
N PHE B 709 20.67 11.16 24.58
CA PHE B 709 19.39 10.46 24.48
C PHE B 709 19.55 9.37 23.44
N PRO B 710 19.77 8.12 23.87
CA PRO B 710 20.12 7.06 22.92
C PRO B 710 18.98 6.64 22.01
N SER B 711 17.74 6.72 22.48
CA SER B 711 16.61 6.23 21.70
C SER B 711 16.03 7.26 20.77
N SER B 712 16.74 8.38 20.52
CA SER B 712 16.22 9.41 19.63
C SER B 712 16.13 8.94 18.19
N THR B 713 17.03 8.08 17.75
CA THR B 713 16.94 7.55 16.40
C THR B 713 15.96 6.40 16.29
N TYR B 714 15.59 5.78 17.41
CA TYR B 714 14.62 4.70 17.39
C TYR B 714 13.19 5.23 17.49
N ARG B 715 12.91 6.03 18.51
CA ARG B 715 11.63 6.67 18.68
C ARG B 715 11.83 8.18 18.76
N ARG B 716 10.94 8.91 18.14
CA ARG B 716 11.05 10.37 18.14
C ARG B 716 10.81 10.92 19.53
N PRO B 717 11.76 11.65 20.12
CA PRO B 717 11.59 12.12 21.49
C PRO B 717 10.64 13.30 21.58
N ILE B 718 9.83 13.29 22.62
CA ILE B 718 8.86 14.33 22.87
C ILE B 718 9.46 15.33 23.86
N GLY B 719 8.94 16.55 23.86
CA GLY B 719 9.40 17.52 24.82
C GLY B 719 9.16 18.95 24.43
N MET B 720 8.96 19.81 25.43
CA MET B 720 8.79 21.24 25.20
C MET B 720 9.98 22.05 25.66
N ALA B 721 10.84 21.49 26.50
CA ALA B 721 12.06 22.17 26.88
C ALA B 721 13.02 22.17 25.71
N SER B 722 14.00 23.08 25.76
CA SER B 722 14.96 23.19 24.67
C SER B 722 15.90 21.98 24.68
N MET B 723 16.64 21.82 23.59
CA MET B 723 17.58 20.71 23.50
C MET B 723 18.69 20.83 24.52
N LEU B 724 19.12 22.06 24.83
CA LEU B 724 20.23 22.26 25.75
C LEU B 724 19.82 21.96 27.19
N ASP B 725 18.60 22.36 27.58
CA ASP B 725 18.12 22.06 28.92
C ASP B 725 17.92 20.56 29.12
N ALA B 726 17.40 19.88 28.10
CA ALA B 726 17.27 18.43 28.15
C ALA B 726 18.62 17.75 28.29
N MET B 727 19.63 18.24 27.56
CA MET B 727 20.95 17.65 27.61
C MET B 727 21.62 17.90 28.96
N LEU B 728 21.44 19.08 29.54
CA LEU B 728 22.07 19.39 30.82
C LEU B 728 21.39 18.65 31.97
N SER B 729 20.06 18.52 31.92
CA SER B 729 19.35 17.74 32.92
C SER B 729 19.75 16.27 32.86
N ARG B 730 19.87 15.73 31.65
CA ARG B 730 20.28 14.34 31.49
C ARG B 730 21.71 14.12 31.95
N ALA B 731 22.60 15.08 31.70
CA ALA B 731 23.99 14.95 32.13
C ALA B 731 24.11 14.99 33.65
N ARG B 732 23.31 15.85 34.30
CA ARG B 732 23.34 15.92 35.75
C ARG B 732 22.79 14.66 36.40
N ILE B 733 21.65 14.15 35.91
CA ILE B 733 21.08 12.96 36.54
C ILE B 733 21.92 11.72 36.17
N ASP B 734 22.59 11.72 35.01
CA ASP B 734 23.45 10.60 34.67
C ASP B 734 24.69 10.58 35.53
N ALA B 735 25.29 11.75 35.80
CA ALA B 735 26.44 11.82 36.68
C ALA B 735 26.07 11.46 38.11
N ARG B 736 24.86 11.84 38.55
CA ARG B 736 24.45 11.51 39.91
C ARG B 736 24.17 10.01 40.06
N ILE B 737 23.52 9.39 39.08
CA ILE B 737 23.29 7.94 39.15
C ILE B 737 24.59 7.18 39.01
N ASP B 738 25.55 7.70 38.24
CA ASP B 738 26.85 7.04 38.14
C ASP B 738 27.66 7.18 39.43
N LEU B 739 27.51 8.30 40.13
CA LEU B 739 28.18 8.44 41.42
C LEU B 739 27.52 7.58 42.49
N GLU B 740 26.20 7.37 42.38
CA GLU B 740 25.52 6.47 43.31
C GLU B 740 25.90 5.02 43.06
N SER B 741 26.10 4.64 41.81
CA SER B 741 26.44 3.28 41.46
C SER B 741 27.93 3.01 41.49
N GLY B 742 28.73 3.99 41.87
CA GLY B 742 30.16 3.79 41.97
C GLY B 742 30.88 3.66 40.64
N ARG B 743 30.27 4.12 39.55
CA ARG B 743 30.88 4.01 38.24
C ARG B 743 31.69 5.23 37.85
N ILE B 744 31.64 6.30 38.63
CA ILE B 744 32.55 7.45 38.49
C ILE B 744 33.00 7.84 39.90
N SER B 745 34.01 8.72 39.94
CA SER B 745 34.55 9.22 41.19
C SER B 745 33.90 10.56 41.53
N SER B 746 34.22 11.06 42.73
CA SER B 746 33.66 12.34 43.15
C SER B 746 34.28 13.51 42.41
N GLN B 747 35.54 13.37 41.96
CA GLN B 747 36.16 14.42 41.17
C GLN B 747 35.55 14.50 39.77
N ASP B 748 35.23 13.33 39.18
CA ASP B 748 34.56 13.32 37.89
C ASP B 748 33.14 13.87 38.00
N PHE B 749 32.45 13.55 39.10
CA PHE B 749 31.12 14.10 39.34
C PHE B 749 31.16 15.61 39.47
N SER B 750 32.14 16.13 40.23
CA SER B 750 32.28 17.57 40.39
C SER B 750 32.67 18.24 39.09
N GLU B 751 33.46 17.57 38.25
CA GLU B 751 33.87 18.17 36.99
C GLU B 751 32.73 18.19 35.98
N ILE B 752 31.87 17.15 35.99
CA ILE B 752 30.69 17.16 35.14
C ILE B 752 29.71 18.23 35.59
N THR B 753 29.47 18.36 36.90
CA THR B 753 28.55 19.38 37.38
C THR B 753 29.08 20.79 37.16
N ASN B 754 30.40 21.00 37.22
CA ASN B 754 30.92 22.33 36.95
C ASN B 754 30.94 22.64 35.46
N THR B 755 31.13 21.63 34.61
CA THR B 755 30.96 21.85 33.17
C THR B 755 29.53 22.23 32.84
N CYS B 756 28.56 21.60 33.52
CA CYS B 756 27.16 21.99 33.34
C CYS B 756 26.89 23.40 33.84
N LYS B 757 27.54 23.81 34.93
CA LYS B 757 27.35 25.18 35.41
C LYS B 757 28.01 26.22 34.50
N ALA B 758 29.12 25.86 33.85
CA ALA B 758 29.72 26.76 32.87
C ALA B 758 28.83 26.90 31.63
N ILE B 759 28.25 25.78 31.18
CA ILE B 759 27.32 25.83 30.05
C ILE B 759 26.10 26.67 30.39
N GLU B 760 25.61 26.58 31.64
CA GLU B 760 24.49 27.41 32.05
C GLU B 760 24.87 28.87 32.19
N ALA B 761 26.13 29.15 32.57
CA ALA B 761 26.60 30.53 32.59
C ALA B 761 26.65 31.13 31.19
N LEU B 762 27.02 30.33 30.20
CA LEU B 762 26.97 30.80 28.82
C LEU B 762 25.52 30.93 28.34
N LYS B 763 24.67 29.97 28.70
CA LYS B 763 23.28 29.92 28.23
C LYS B 763 22.45 31.05 28.81
N ARG B 764 22.84 31.58 29.97
CA ARG B 764 22.20 32.76 30.51
C ARG B 764 22.40 33.97 29.60
N GLN B 765 23.56 34.08 28.98
CA GLN B 765 23.87 35.21 28.12
C GLN B 765 23.43 34.95 26.68
N SER C 8 33.49 8.31 30.61
CA SER C 8 32.60 8.14 31.76
C SER C 8 31.39 9.04 31.65
N GLY C 9 31.33 9.82 30.58
CA GLY C 9 30.36 10.90 30.45
C GLY C 9 30.97 12.27 30.55
N MET C 10 32.30 12.37 30.64
CA MET C 10 32.97 13.67 30.64
C MET C 10 33.18 14.19 29.23
N GLU C 11 33.34 13.28 28.27
CA GLU C 11 33.63 13.69 26.90
C GLU C 11 32.43 14.39 26.27
N ARG C 12 31.22 13.90 26.52
CA ARG C 12 30.06 14.51 25.90
C ARG C 12 29.72 15.86 26.52
N ILE C 13 30.01 16.06 27.81
CA ILE C 13 29.78 17.38 28.38
C ILE C 13 30.87 18.36 27.94
N LYS C 14 32.09 17.88 27.66
CA LYS C 14 33.11 18.75 27.10
C LYS C 14 32.77 19.13 25.66
N GLU C 15 32.24 18.18 24.89
CA GLU C 15 31.82 18.46 23.52
C GLU C 15 30.63 19.41 23.49
N LEU C 16 29.72 19.29 24.46
CA LEU C 16 28.60 20.21 24.54
C LEU C 16 29.06 21.61 24.94
N MET C 17 30.07 21.70 25.80
CA MET C 17 30.68 22.99 26.11
C MET C 17 31.31 23.62 24.87
N GLU C 18 32.01 22.80 24.07
CA GLU C 18 32.64 23.28 22.84
C GLU C 18 31.62 23.76 21.83
N MET C 19 30.49 23.06 21.72
CA MET C 19 29.44 23.49 20.79
C MET C 19 28.68 24.71 21.29
N VAL C 20 28.48 24.83 22.61
CA VAL C 20 27.79 25.98 23.17
C VAL C 20 28.64 27.24 23.03
N LYS C 21 29.96 27.09 22.98
CA LYS C 21 30.81 28.27 22.75
C LYS C 21 30.67 28.86 21.35
N ASN C 22 30.09 28.15 20.39
CA ASN C 22 29.73 28.73 19.10
C ASN C 22 28.37 29.39 19.20
N SER C 23 28.22 30.55 18.58
CA SER C 23 27.07 31.41 18.81
C SER C 23 25.82 30.91 18.09
N ARG C 24 25.96 30.51 16.81
CA ARG C 24 24.85 29.96 16.05
C ARG C 24 24.38 28.65 16.65
N MET C 25 25.32 27.80 17.06
CA MET C 25 24.99 26.55 17.71
C MET C 25 24.30 26.78 19.04
N ARG C 26 24.73 27.80 19.80
CA ARG C 26 24.08 28.08 21.08
C ARG C 26 22.67 28.60 20.88
N GLU C 27 22.46 29.42 19.85
CA GLU C 27 21.11 29.91 19.55
C GLU C 27 20.19 28.78 19.11
N ILE C 28 20.71 27.83 18.32
CA ILE C 28 19.89 26.69 17.91
C ILE C 28 19.59 25.78 19.10
N LEU C 29 20.59 25.49 19.93
CA LEU C 29 20.37 24.60 21.07
C LEU C 29 19.51 25.23 22.15
N THR C 30 19.44 26.55 22.21
CA THR C 30 18.60 27.20 23.20
C THR C 30 17.22 27.55 22.68
N THR C 31 17.03 27.64 21.37
CA THR C 31 15.72 27.98 20.84
C THR C 31 14.94 26.79 20.30
N THR C 32 15.62 25.72 19.89
CA THR C 32 14.93 24.54 19.39
C THR C 32 14.54 23.65 20.55
N SER C 33 13.28 23.26 20.60
CA SER C 33 12.83 22.33 21.61
C SER C 33 13.10 20.90 21.16
N VAL C 34 12.69 19.93 21.96
CA VAL C 34 12.83 18.54 21.58
C VAL C 34 11.81 18.17 20.52
N ASP C 35 10.65 18.83 20.52
CA ASP C 35 9.67 18.60 19.47
C ASP C 35 10.10 19.21 18.16
N HIS C 36 10.72 20.39 18.21
CA HIS C 36 11.19 21.06 17.00
C HIS C 36 12.46 20.43 16.44
N MET C 37 13.12 19.58 17.22
CA MET C 37 14.30 18.88 16.74
C MET C 37 13.93 17.77 15.75
N ALA C 38 12.72 17.25 15.83
CA ALA C 38 12.24 16.31 14.82
C ALA C 38 12.06 17.00 13.48
N VAL C 39 11.77 18.28 13.48
CA VAL C 39 11.64 19.03 12.24
C VAL C 39 13.00 19.44 11.71
N ILE C 40 13.88 19.96 12.57
CA ILE C 40 15.19 20.40 12.07
C ILE C 40 16.16 19.25 11.85
N LYS C 41 15.82 18.04 12.28
CA LYS C 41 16.66 16.89 11.95
C LYS C 41 16.52 16.50 10.49
N LYS C 42 15.35 16.72 9.90
CA LYS C 42 15.08 16.37 8.52
C LYS C 42 15.23 17.55 7.57
N TYR C 43 15.86 18.63 8.02
CA TYR C 43 16.13 19.78 7.18
C TYR C 43 17.16 19.41 6.12
N THR C 44 16.82 19.64 4.84
CA THR C 44 17.71 19.39 3.71
C THR C 44 17.56 20.53 2.73
N SER C 45 18.68 21.17 2.37
CA SER C 45 18.64 22.35 1.53
C SER C 45 19.16 22.15 0.11
N GLY C 46 19.69 20.97 -0.22
CA GLY C 46 20.20 20.72 -1.54
C GLY C 46 19.13 20.25 -2.51
N ARG C 47 19.55 19.90 -3.72
CA ARG C 47 18.61 19.31 -4.66
C ARG C 47 18.41 17.84 -4.32
N GLN C 48 17.20 17.37 -4.58
CA GLN C 48 16.86 16.01 -4.22
C GLN C 48 17.41 15.04 -5.25
N GLU C 49 17.99 13.94 -4.76
CA GLU C 49 18.45 12.86 -5.61
C GLU C 49 17.28 11.96 -5.96
N LYS C 50 16.96 11.87 -7.23
CA LYS C 50 15.94 10.97 -7.75
C LYS C 50 16.61 9.88 -8.58
N ASN C 51 15.81 8.87 -8.94
CA ASN C 51 16.16 7.74 -9.79
C ASN C 51 17.39 6.97 -9.35
N PRO C 52 17.33 6.20 -8.26
CA PRO C 52 18.54 5.50 -7.80
C PRO C 52 18.92 4.28 -8.63
N ALA C 53 17.98 3.71 -9.39
CA ALA C 53 18.32 2.58 -10.26
C ALA C 53 19.21 3.02 -11.41
N LEU C 54 18.80 4.08 -12.11
CA LEU C 54 19.59 4.64 -13.20
C LEU C 54 20.92 5.17 -12.70
N ARG C 55 20.90 5.82 -11.54
CA ARG C 55 22.10 6.39 -10.95
C ARG C 55 23.08 5.30 -10.55
N MET C 56 22.60 4.18 -10.04
CA MET C 56 23.50 3.08 -9.74
C MET C 56 24.02 2.42 -11.00
N LYS C 57 23.20 2.40 -12.07
CA LYS C 57 23.65 1.86 -13.36
C LYS C 57 24.85 2.63 -13.89
N TRP C 58 24.83 3.95 -13.82
CA TRP C 58 25.97 4.67 -14.36
C TRP C 58 27.07 4.97 -13.35
N MET C 59 26.78 4.96 -12.05
CA MET C 59 27.81 5.25 -11.06
C MET C 59 28.77 4.10 -10.86
N MET C 60 28.35 2.87 -11.15
CA MET C 60 29.25 1.74 -11.04
C MET C 60 30.21 1.64 -12.21
N ALA C 61 30.03 2.43 -13.26
CA ALA C 61 31.04 2.57 -14.29
C ALA C 61 32.19 3.45 -13.84
N MET C 62 31.97 4.28 -12.83
CA MET C 62 33.02 5.12 -12.28
C MET C 62 33.97 4.31 -11.44
N LYS C 63 35.09 4.93 -11.08
CA LYS C 63 36.10 4.27 -10.27
C LYS C 63 35.73 4.27 -8.79
N TYR C 64 35.17 5.38 -8.29
CA TYR C 64 34.88 5.55 -6.87
C TYR C 64 33.44 5.98 -6.66
N PRO C 65 32.51 5.02 -6.64
CA PRO C 65 31.12 5.36 -6.33
C PRO C 65 30.76 5.33 -4.85
N ILE C 66 31.63 4.80 -4.00
CA ILE C 66 31.31 4.54 -2.61
C ILE C 66 31.93 5.64 -1.75
N SER C 67 31.15 6.20 -0.84
CA SER C 67 31.64 7.10 0.19
C SER C 67 31.71 6.36 1.52
N ALA C 68 32.88 6.34 2.12
CA ALA C 68 33.06 5.70 3.41
C ALA C 68 33.81 6.66 4.33
N SER C 69 33.88 6.28 5.60
CA SER C 69 34.59 7.08 6.59
C SER C 69 36.10 7.04 6.34
N SER C 70 36.81 7.98 6.94
CA SER C 70 38.23 8.14 6.70
C SER C 70 39.07 7.07 7.37
N ARG C 71 38.49 6.32 8.31
CA ARG C 71 39.23 5.26 9.00
C ARG C 71 39.66 4.13 8.07
N ILE C 72 39.04 4.04 6.89
CA ILE C 72 39.44 3.10 5.86
C ILE C 72 40.89 3.33 5.42
N ARG C 73 41.36 4.58 5.52
CA ARG C 73 42.75 4.89 5.21
C ARG C 73 43.72 4.16 6.14
N GLU C 74 43.28 3.83 7.35
CA GLU C 74 44.10 3.02 8.23
C GLU C 74 43.82 1.53 8.13
N MET C 75 42.67 1.14 7.54
CA MET C 75 42.30 -0.27 7.52
C MET C 75 42.51 -0.95 6.19
N ILE C 76 42.42 -0.22 5.09
CA ILE C 76 42.52 -0.76 3.74
C ILE C 76 43.61 0.01 3.03
N PRO C 77 44.58 -0.65 2.40
CA PRO C 77 45.65 0.07 1.70
C PRO C 77 45.15 0.83 0.49
N GLU C 78 46.03 1.67 -0.03
CA GLU C 78 45.67 2.46 -1.21
C GLU C 78 45.87 1.70 -2.51
N LYS C 79 46.55 0.56 -2.47
CA LYS C 79 46.88 -0.17 -3.69
C LYS C 79 46.60 -1.64 -3.53
N ASP C 80 45.92 -2.21 -4.51
CA ASP C 80 45.71 -3.64 -4.60
C ASP C 80 47.01 -4.35 -4.97
N GLU C 81 47.00 -5.69 -4.83
CA GLU C 81 48.09 -6.49 -5.38
C GLU C 81 48.09 -6.44 -6.90
N ASP C 82 46.92 -6.33 -7.52
CA ASP C 82 46.83 -6.16 -8.96
C ASP C 82 47.11 -4.74 -9.40
N GLY C 83 47.22 -3.80 -8.47
CA GLY C 83 47.50 -2.42 -8.81
C GLY C 83 46.30 -1.52 -8.88
N ASN C 84 45.14 -1.97 -8.41
CA ASN C 84 43.98 -1.09 -8.37
C ASN C 84 44.13 -0.10 -7.22
N THR C 85 43.61 1.09 -7.42
CA THR C 85 43.55 2.08 -6.36
C THR C 85 42.24 1.90 -5.62
N LEU C 86 42.32 1.68 -4.31
CA LEU C 86 41.14 1.29 -3.55
C LEU C 86 40.39 2.50 -3.00
N TRP C 87 41.08 3.55 -2.58
CA TRP C 87 40.39 4.73 -2.07
C TRP C 87 41.17 5.98 -2.46
N THR C 88 40.46 7.11 -2.48
CA THR C 88 41.04 8.40 -2.80
C THR C 88 40.49 9.47 -1.87
N ASN C 89 41.32 10.45 -1.55
CA ASN C 89 40.88 11.58 -0.74
C ASN C 89 39.99 12.51 -1.56
N THR C 90 39.02 13.13 -0.88
CA THR C 90 38.04 13.98 -1.54
C THR C 90 38.66 15.32 -1.93
N LYS C 91 37.83 16.16 -2.56
CA LYS C 91 38.29 17.45 -3.06
C LYS C 91 38.55 18.44 -1.94
N ASP C 92 37.98 18.21 -0.76
CA ASP C 92 38.21 19.07 0.40
C ASP C 92 39.54 18.68 1.07
N ALA C 93 39.77 19.21 2.26
CA ALA C 93 41.01 18.95 2.99
C ALA C 93 40.80 18.17 4.28
N GLY C 94 39.94 18.66 5.16
CA GLY C 94 39.74 18.01 6.44
C GLY C 94 38.44 17.23 6.51
N SER C 95 38.05 16.62 5.39
CA SER C 95 36.84 15.81 5.37
C SER C 95 37.09 14.47 6.03
N ASN C 96 36.10 14.00 6.80
CA ASN C 96 36.17 12.66 7.39
C ASN C 96 35.47 11.63 6.51
N ARG C 97 35.85 11.60 5.24
CA ARG C 97 35.10 10.87 4.23
C ARG C 97 36.01 10.67 3.03
N VAL C 98 36.09 9.42 2.54
CA VAL C 98 36.90 9.12 1.37
C VAL C 98 36.04 8.44 0.31
N LEU C 99 36.49 8.55 -0.94
CA LEU C 99 35.83 7.94 -2.07
C LEU C 99 36.48 6.59 -2.33
N VAL C 100 35.66 5.54 -2.41
CA VAL C 100 36.12 4.17 -2.28
C VAL C 100 35.71 3.39 -3.52
N SER C 101 36.61 2.58 -4.04
CA SER C 101 36.33 1.65 -5.13
C SER C 101 35.76 0.35 -4.56
N PRO C 102 34.92 -0.35 -5.34
CA PRO C 102 34.42 -1.66 -4.90
C PRO C 102 35.49 -2.74 -4.84
N ASN C 103 36.65 -2.49 -5.44
CA ASN C 103 37.81 -3.35 -5.24
C ASN C 103 38.28 -3.33 -3.80
N ALA C 104 38.00 -2.27 -3.05
CA ALA C 104 38.33 -2.25 -1.62
C ALA C 104 37.45 -3.21 -0.84
N VAL C 105 36.18 -3.30 -1.23
CA VAL C 105 35.25 -4.26 -0.65
C VAL C 105 35.71 -5.69 -0.95
N THR C 106 36.14 -5.93 -2.19
CA THR C 106 36.66 -7.26 -2.51
C THR C 106 37.97 -7.56 -1.80
N TRP C 107 38.83 -6.55 -1.62
CA TRP C 107 40.06 -6.75 -0.86
C TRP C 107 39.77 -7.10 0.58
N TRP C 108 38.80 -6.41 1.20
CA TRP C 108 38.45 -6.74 2.57
C TRP C 108 37.84 -8.13 2.66
N ASN C 109 37.05 -8.54 1.69
CA ASN C 109 36.43 -9.84 1.76
C ASN C 109 37.41 -10.98 1.51
N ARG C 110 38.54 -10.72 0.83
CA ARG C 110 39.51 -11.79 0.62
C ARG C 110 40.74 -11.71 1.52
N ALA C 111 41.10 -10.54 2.03
CA ALA C 111 42.36 -10.39 2.74
C ALA C 111 42.28 -9.46 3.94
N GLY C 112 41.09 -9.07 4.38
CA GLY C 112 40.95 -8.25 5.56
C GLY C 112 41.13 -9.07 6.83
N PRO C 113 40.92 -8.40 7.96
CA PRO C 113 41.09 -9.09 9.26
C PRO C 113 39.95 -10.05 9.52
N VAL C 114 40.30 -11.32 9.70
CA VAL C 114 39.32 -12.33 10.09
C VAL C 114 38.91 -12.07 11.53
N SER C 115 37.60 -12.06 11.77
CA SER C 115 37.07 -11.87 13.10
C SER C 115 36.61 -13.19 13.68
N ASP C 116 36.84 -13.37 14.97
CA ASP C 116 36.35 -14.53 15.67
C ASP C 116 34.91 -14.35 16.14
N VAL C 117 34.45 -13.12 16.24
CA VAL C 117 33.14 -12.79 16.77
C VAL C 117 32.29 -12.26 15.63
N VAL C 118 31.29 -13.03 15.21
CA VAL C 118 30.28 -12.58 14.27
C VAL C 118 28.95 -12.52 14.98
N HIS C 119 28.14 -11.53 14.63
CA HIS C 119 26.87 -11.26 15.29
C HIS C 119 25.67 -11.67 14.46
N TYR C 120 25.89 -12.07 13.21
CA TYR C 120 24.79 -12.34 12.29
C TYR C 120 23.83 -13.46 12.68
N PRO C 121 24.24 -14.62 13.22
CA PRO C 121 23.22 -15.63 13.58
C PRO C 121 22.38 -15.27 14.78
N ARG C 122 22.78 -14.29 15.58
CA ARG C 122 21.97 -13.90 16.72
C ARG C 122 21.00 -12.78 16.38
N VAL C 123 21.44 -11.79 15.60
CA VAL C 123 20.59 -10.67 15.24
C VAL C 123 19.52 -11.11 14.25
N TYR C 124 19.90 -11.92 13.27
CA TYR C 124 19.00 -12.40 12.23
C TYR C 124 18.59 -13.83 12.48
N LYS C 125 18.34 -14.16 13.74
CA LYS C 125 17.95 -15.51 14.16
C LYS C 125 16.61 -15.94 13.57
N MET C 126 15.75 -14.98 13.23
CA MET C 126 14.45 -15.28 12.63
C MET C 126 14.59 -15.92 11.25
N TYR C 127 15.52 -15.40 10.43
CA TYR C 127 15.73 -15.96 9.10
C TYR C 127 16.43 -17.30 9.16
N PHE C 128 17.28 -17.51 10.16
CA PHE C 128 17.87 -18.83 10.33
C PHE C 128 16.85 -19.83 10.83
N ASP C 129 15.86 -19.39 11.62
CA ASP C 129 14.71 -20.23 11.96
C ASP C 129 13.93 -20.62 10.71
N ARG C 130 13.73 -19.66 9.80
CA ARG C 130 13.07 -19.93 8.53
C ARG C 130 13.84 -20.94 7.69
N LEU C 131 15.15 -20.78 7.60
CA LEU C 131 15.95 -21.71 6.81
C LEU C 131 16.02 -23.10 7.45
N GLU C 132 16.00 -23.16 8.79
CA GLU C 132 15.92 -24.46 9.45
C GLU C 132 14.57 -25.12 9.20
N ARG C 133 13.49 -24.34 9.13
CA ARG C 133 12.19 -24.90 8.79
C ARG C 133 12.14 -25.40 7.35
N LEU C 134 12.84 -24.74 6.43
CA LEU C 134 12.81 -25.18 5.04
C LEU C 134 13.72 -26.36 4.78
N THR C 135 14.91 -26.37 5.38
CA THR C 135 15.91 -27.38 5.11
C THR C 135 15.48 -28.76 5.62
N HIS C 136 14.88 -28.82 6.79
CA HIS C 136 14.38 -30.06 7.34
C HIS C 136 12.94 -30.34 6.98
N GLY C 137 12.38 -29.61 6.01
CA GLY C 137 11.02 -29.86 5.57
C GLY C 137 10.94 -30.96 4.55
N THR C 138 9.71 -31.43 4.33
CA THR C 138 9.46 -32.60 3.49
C THR C 138 8.47 -32.23 2.39
N PHE C 139 8.74 -32.68 1.16
CA PHE C 139 7.88 -32.40 0.03
C PHE C 139 7.12 -33.64 -0.37
N GLY C 140 5.80 -33.50 -0.49
CA GLY C 140 4.98 -34.51 -1.10
C GLY C 140 4.85 -34.25 -2.58
N PRO C 141 3.85 -34.84 -3.22
CA PRO C 141 3.65 -34.64 -4.66
C PRO C 141 3.01 -33.29 -4.95
N VAL C 142 2.84 -33.00 -6.24
CA VAL C 142 2.11 -31.85 -6.70
C VAL C 142 0.82 -32.34 -7.35
N LYS C 143 -0.30 -31.79 -6.93
CA LYS C 143 -1.59 -32.11 -7.51
C LYS C 143 -2.11 -30.91 -8.29
N PHE C 144 -2.71 -31.17 -9.43
CA PHE C 144 -3.21 -30.13 -10.31
C PHE C 144 -4.72 -30.09 -10.25
N TYR C 145 -5.27 -28.95 -9.83
CA TYR C 145 -6.71 -28.73 -9.75
C TYR C 145 -6.93 -27.24 -9.64
N ASN C 146 -8.19 -26.83 -9.62
CA ASN C 146 -8.52 -25.42 -9.55
C ASN C 146 -8.43 -24.95 -8.10
N GLN C 147 -7.43 -24.12 -7.82
CA GLN C 147 -7.21 -23.59 -6.48
C GLN C 147 -8.19 -22.46 -6.22
N VAL C 148 -9.00 -22.60 -5.19
CA VAL C 148 -9.92 -21.55 -4.78
C VAL C 148 -9.24 -20.84 -3.62
N LYS C 149 -8.53 -19.77 -3.94
CA LYS C 149 -7.93 -18.94 -2.92
C LYS C 149 -8.96 -17.94 -2.41
N VAL C 150 -8.81 -17.56 -1.16
CA VAL C 150 -9.62 -16.51 -0.57
C VAL C 150 -8.70 -15.52 0.11
N ARG C 151 -8.89 -14.25 -0.18
CA ARG C 151 -8.09 -13.22 0.43
C ARG C 151 -8.53 -13.01 1.86
N LYS C 152 -7.60 -13.14 2.81
CA LYS C 152 -7.90 -13.00 4.21
C LYS C 152 -6.66 -12.53 4.92
N ARG C 153 -6.84 -12.06 6.16
CA ARG C 153 -5.73 -11.55 6.96
C ARG C 153 -5.08 -12.71 7.71
N VAL C 154 -3.78 -12.91 7.49
CA VAL C 154 -2.99 -13.96 8.12
C VAL C 154 -1.74 -13.33 8.72
N ASP C 155 -1.01 -14.12 9.49
CA ASP C 155 0.21 -13.66 10.16
C ASP C 155 1.44 -13.95 9.30
N ILE C 156 2.24 -12.93 9.05
CA ILE C 156 3.54 -13.13 8.42
C ILE C 156 4.66 -13.18 9.44
N ASN C 157 4.40 -12.76 10.67
CA ASN C 157 5.26 -12.91 11.82
C ASN C 157 4.35 -13.26 12.98
N PRO C 158 4.57 -14.37 13.67
CA PRO C 158 3.60 -14.80 14.68
C PRO C 158 3.68 -13.99 15.96
N GLY C 159 4.80 -13.34 16.21
CA GLY C 159 5.01 -12.58 17.41
C GLY C 159 5.14 -13.49 18.61
N HIS C 160 5.04 -12.87 19.78
CA HIS C 160 4.91 -13.62 21.01
C HIS C 160 3.44 -13.90 21.28
N LYS C 161 3.17 -15.07 21.84
CA LYS C 161 1.79 -15.44 22.13
C LYS C 161 1.22 -14.61 23.28
N ASP C 162 2.05 -14.30 24.27
CA ASP C 162 1.59 -13.54 25.42
C ASP C 162 1.40 -12.05 25.13
N LEU C 163 1.99 -11.53 24.06
CA LEU C 163 1.98 -10.11 23.78
C LEU C 163 1.13 -9.78 22.57
N THR C 164 0.53 -8.59 22.58
CA THR C 164 0.05 -7.99 21.36
C THR C 164 1.20 -7.16 20.78
N SER C 165 0.93 -6.42 19.70
CA SER C 165 2.00 -5.66 19.06
C SER C 165 2.40 -4.44 19.89
N ARG C 166 1.43 -3.76 20.49
CA ARG C 166 1.75 -2.56 21.27
C ARG C 166 2.40 -2.92 22.60
N GLU C 167 1.93 -4.00 23.24
CA GLU C 167 2.58 -4.49 24.44
C GLU C 167 3.98 -4.97 24.16
N ALA C 168 4.21 -5.57 22.99
CA ALA C 168 5.56 -5.99 22.63
C ALA C 168 6.47 -4.80 22.39
N GLN C 169 5.94 -3.73 21.77
CA GLN C 169 6.75 -2.53 21.58
C GLN C 169 7.10 -1.87 22.91
N GLU C 170 6.19 -1.92 23.89
CA GLU C 170 6.51 -1.36 25.20
C GLU C 170 7.49 -2.25 25.97
N VAL C 171 7.44 -3.57 25.77
CA VAL C 171 8.45 -4.47 26.32
C VAL C 171 9.81 -4.18 25.71
N ILE C 172 9.85 -3.91 24.40
CA ILE C 172 11.10 -3.61 23.71
C ILE C 172 11.70 -2.30 24.21
N MET C 173 10.85 -1.30 24.47
CA MET C 173 11.36 -0.05 25.03
C MET C 173 11.87 -0.24 26.46
N GLU C 174 11.20 -1.09 27.26
CA GLU C 174 11.69 -1.32 28.62
C GLU C 174 12.97 -2.13 28.63
N VAL C 175 13.19 -3.00 27.64
CA VAL C 175 14.39 -3.81 27.61
C VAL C 175 15.57 -3.02 27.08
N VAL C 176 15.39 -2.31 25.97
CA VAL C 176 16.53 -1.72 25.29
C VAL C 176 16.86 -0.33 25.84
N PHE C 177 15.84 0.49 26.07
CA PHE C 177 16.01 1.88 26.50
C PHE C 177 15.19 2.12 27.77
N PRO C 178 15.59 1.57 28.91
CA PRO C 178 14.69 1.59 30.08
C PRO C 178 14.52 2.96 30.73
N ASN C 179 15.49 3.86 30.60
CA ASN C 179 15.40 5.18 31.21
C ASN C 179 14.72 6.19 30.30
N GLU C 180 14.11 5.75 29.20
CA GLU C 180 13.50 6.63 28.23
C GLU C 180 12.03 6.33 28.04
N VAL C 181 11.45 5.48 28.88
CA VAL C 181 10.10 4.99 28.64
C VAL C 181 9.05 6.03 28.98
N GLY C 182 9.39 7.04 29.76
CA GLY C 182 8.44 8.07 30.09
C GLY C 182 7.45 7.64 31.16
N ALA C 183 6.22 8.10 31.02
CA ALA C 183 5.23 7.96 32.08
C ALA C 183 4.68 6.56 32.20
N ARG C 184 4.69 5.78 31.12
CA ARG C 184 3.93 4.53 31.11
C ARG C 184 4.71 3.38 31.74
N THR C 185 3.96 2.49 32.37
CA THR C 185 4.48 1.27 32.98
C THR C 185 4.07 0.07 32.14
N LEU C 186 4.47 -1.12 32.59
CA LEU C 186 4.15 -2.37 31.92
C LEU C 186 2.96 -3.03 32.61
N SER C 187 1.86 -3.17 31.87
CA SER C 187 0.56 -3.51 32.43
C SER C 187 0.20 -4.98 32.27
N SER C 188 1.19 -5.89 32.35
CA SER C 188 0.93 -7.31 32.30
C SER C 188 2.04 -8.02 33.05
N ASP C 189 1.73 -9.19 33.61
CA ASP C 189 2.78 -10.02 34.20
C ASP C 189 3.56 -10.77 33.13
N ALA C 190 2.92 -10.99 31.98
CA ALA C 190 3.62 -11.60 30.85
C ALA C 190 4.67 -10.66 30.29
N GLN C 191 4.32 -9.37 30.19
CA GLN C 191 5.29 -8.33 29.86
C GLN C 191 6.45 -8.31 30.83
N LEU C 192 6.17 -8.52 32.12
CA LEU C 192 7.22 -8.44 33.14
C LEU C 192 8.16 -9.63 33.05
N THR C 193 7.62 -10.83 32.81
CA THR C 193 8.47 -12.01 32.72
C THR C 193 9.29 -11.99 31.43
N ILE C 194 8.69 -11.56 30.32
CA ILE C 194 9.43 -11.43 29.07
C ILE C 194 10.49 -10.34 29.18
N THR C 195 10.19 -9.26 29.89
CA THR C 195 11.14 -8.18 30.07
C THR C 195 12.34 -8.60 30.91
N LYS C 196 12.11 -9.33 32.00
CA LYS C 196 13.22 -9.81 32.82
C LYS C 196 14.05 -10.87 32.08
N GLU C 197 13.39 -11.72 31.30
CA GLU C 197 14.08 -12.73 30.52
C GLU C 197 14.96 -12.09 29.44
N LYS C 198 14.43 -11.10 28.72
CA LYS C 198 15.19 -10.43 27.67
C LYS C 198 16.28 -9.56 28.24
N LYS C 199 16.07 -8.99 29.42
CA LYS C 199 17.13 -8.20 30.04
C LYS C 199 18.28 -9.08 30.53
N GLU C 200 17.96 -10.28 31.01
CA GLU C 200 19.04 -11.19 31.38
C GLU C 200 19.72 -11.78 30.15
N GLU C 201 19.00 -11.91 29.04
CA GLU C 201 19.59 -12.47 27.83
C GLU C 201 20.56 -11.50 27.16
N LEU C 202 20.25 -10.19 27.20
CA LEU C 202 20.96 -9.18 26.44
C LEU C 202 21.98 -8.41 27.27
N LYS C 203 22.40 -8.94 28.40
CA LYS C 203 23.49 -8.34 29.14
C LYS C 203 24.80 -8.48 28.39
N ASN C 204 25.67 -7.48 28.53
CA ASN C 204 27.03 -7.46 27.95
C ASN C 204 27.00 -7.64 26.44
N CYS C 205 26.10 -6.92 25.78
CA CYS C 205 25.93 -7.00 24.34
C CYS C 205 26.66 -5.83 23.70
N LYS C 206 27.61 -6.13 22.81
CA LYS C 206 28.35 -5.09 22.11
C LYS C 206 27.69 -4.69 20.80
N ILE C 207 26.47 -5.14 20.57
CA ILE C 207 25.65 -4.74 19.44
C ILE C 207 25.02 -3.39 19.77
N SER C 208 24.83 -2.56 18.74
CA SER C 208 24.15 -1.28 18.89
C SER C 208 22.72 -1.51 19.39
N PRO C 209 22.18 -0.60 20.21
CA PRO C 209 20.84 -0.84 20.78
C PRO C 209 19.72 -0.82 19.76
N ILE C 210 19.88 -0.12 18.64
CA ILE C 210 18.83 -0.08 17.63
C ILE C 210 18.71 -1.41 16.92
N MET C 211 19.86 -2.08 16.69
CA MET C 211 19.82 -3.41 16.12
C MET C 211 19.25 -4.42 17.10
N VAL C 212 19.49 -4.24 18.40
CA VAL C 212 18.86 -5.06 19.42
C VAL C 212 17.34 -4.89 19.40
N ALA C 213 16.89 -3.63 19.26
CA ALA C 213 15.46 -3.34 19.21
C ALA C 213 14.80 -3.96 17.99
N TYR C 214 15.48 -3.92 16.84
CA TYR C 214 14.91 -4.53 15.65
C TYR C 214 14.96 -6.05 15.70
N MET C 215 15.96 -6.63 16.36
CA MET C 215 15.96 -8.08 16.57
C MET C 215 14.81 -8.51 17.48
N LEU C 216 14.58 -7.75 18.55
CA LEU C 216 13.45 -8.02 19.42
C LEU C 216 12.11 -7.80 18.73
N GLU C 217 12.05 -6.85 17.78
CA GLU C 217 10.83 -6.67 17.02
C GLU C 217 10.58 -7.81 16.05
N ARG C 218 11.66 -8.39 15.51
CA ARG C 218 11.50 -9.59 14.71
C ARG C 218 11.04 -10.77 15.56
N GLU C 219 11.40 -10.80 16.84
CA GLU C 219 10.97 -11.91 17.68
C GLU C 219 9.57 -11.73 18.27
N LEU C 220 9.20 -10.52 18.68
CA LEU C 220 8.07 -10.32 19.57
C LEU C 220 6.84 -9.70 18.92
N VAL C 221 6.97 -9.02 17.80
CA VAL C 221 5.87 -8.23 17.25
C VAL C 221 5.16 -9.02 16.16
N ARG C 222 3.84 -9.14 16.29
CA ARG C 222 3.02 -9.90 15.36
C ARG C 222 2.60 -9.00 14.20
N ARG C 223 2.95 -9.40 12.98
CA ARG C 223 2.60 -8.66 11.78
C ARG C 223 1.57 -9.43 10.99
N THR C 224 0.62 -8.72 10.39
CA THR C 224 -0.40 -9.35 9.57
C THR C 224 -0.42 -8.71 8.18
N ARG C 225 -0.97 -9.46 7.22
CA ARG C 225 -1.18 -9.00 5.86
C ARG C 225 -2.37 -9.73 5.27
N PHE C 226 -3.02 -9.11 4.30
CA PHE C 226 -4.11 -9.72 3.54
C PHE C 226 -3.51 -10.49 2.37
N LEU C 227 -3.66 -11.80 2.37
CA LEU C 227 -3.06 -12.65 1.36
C LEU C 227 -4.05 -13.68 0.85
N PRO C 228 -3.99 -14.05 -0.43
CA PRO C 228 -4.88 -15.09 -0.96
C PRO C 228 -4.39 -16.49 -0.60
N ILE C 229 -5.08 -17.13 0.35
CA ILE C 229 -4.69 -18.42 0.88
C ILE C 229 -5.66 -19.48 0.38
N ALA C 230 -5.13 -20.63 0.00
CA ALA C 230 -5.95 -21.78 -0.34
C ALA C 230 -5.95 -22.86 0.74
N GLY C 231 -4.82 -23.08 1.40
CA GLY C 231 -4.72 -24.13 2.39
C GLY C 231 -4.57 -23.66 3.81
N ALA C 232 -3.44 -24.00 4.43
CA ALA C 232 -3.21 -23.74 5.84
C ALA C 232 -2.75 -22.31 6.09
N THR C 233 -3.12 -21.77 7.25
CA THR C 233 -2.90 -20.35 7.54
C THR C 233 -2.03 -20.07 8.75
N SER C 234 -1.35 -21.06 9.33
CA SER C 234 -0.39 -20.72 10.36
C SER C 234 0.83 -20.05 9.74
N SER C 235 1.58 -19.36 10.59
CA SER C 235 2.66 -18.49 10.14
C SER C 235 3.81 -19.25 9.50
N THR C 236 3.95 -20.55 9.75
CA THR C 236 4.99 -21.32 9.10
C THR C 236 4.56 -21.87 7.75
N TYR C 237 3.26 -21.87 7.45
CA TYR C 237 2.78 -22.20 6.12
C TYR C 237 2.57 -20.96 5.26
N VAL C 238 2.64 -19.77 5.85
CA VAL C 238 2.50 -18.53 5.11
C VAL C 238 3.85 -18.04 4.58
N GLU C 239 4.95 -18.38 5.24
CA GLU C 239 6.26 -18.01 4.73
C GLU C 239 6.64 -18.77 3.47
N VAL C 240 6.04 -19.93 3.22
CA VAL C 240 6.36 -20.72 2.05
C VAL C 240 5.16 -20.73 1.12
N LEU C 241 4.35 -19.67 1.16
CA LEU C 241 3.14 -19.58 0.37
C LEU C 241 3.42 -19.51 -1.11
N HIS C 242 4.56 -18.94 -1.49
CA HIS C 242 4.98 -18.89 -2.90
C HIS C 242 5.35 -20.26 -3.42
N LEU C 243 5.81 -21.14 -2.54
CA LEU C 243 6.21 -22.49 -2.89
C LEU C 243 5.06 -23.48 -2.84
N THR C 244 4.10 -23.28 -1.95
CA THR C 244 3.09 -24.30 -1.70
C THR C 244 1.86 -24.18 -2.58
N GLN C 245 1.57 -23.01 -3.12
CA GLN C 245 0.35 -22.86 -3.91
C GLN C 245 0.61 -21.99 -5.13
N GLY C 246 -0.17 -22.27 -6.17
CA GLY C 246 -0.21 -21.44 -7.36
C GLY C 246 -1.62 -21.47 -7.90
N THR C 247 -1.79 -21.07 -9.15
CA THR C 247 -3.13 -20.92 -9.70
C THR C 247 -3.77 -22.24 -10.06
N CYS C 248 -2.98 -23.28 -10.34
CA CYS C 248 -3.53 -24.55 -10.75
C CYS C 248 -2.92 -25.73 -10.01
N TRP C 249 -2.11 -25.49 -8.99
CA TRP C 249 -1.32 -26.57 -8.41
C TRP C 249 -1.15 -26.34 -6.92
N GLU C 250 -0.90 -27.43 -6.22
CA GLU C 250 -0.62 -27.42 -4.79
C GLU C 250 0.59 -28.32 -4.53
N GLN C 251 1.63 -27.76 -3.94
CA GLN C 251 2.78 -28.55 -3.52
C GLN C 251 2.59 -28.93 -2.05
N GLN C 252 2.53 -30.22 -1.76
CA GLN C 252 2.37 -30.68 -0.39
C GLN C 252 3.70 -30.55 0.35
N TYR C 253 3.72 -29.73 1.40
CA TYR C 253 4.93 -29.41 2.12
C TYR C 253 4.65 -29.44 3.62
N THR C 254 5.49 -30.15 4.36
CA THR C 254 5.48 -30.08 5.80
C THR C 254 6.72 -29.36 6.25
N PRO C 255 6.62 -28.30 7.05
CA PRO C 255 7.82 -27.58 7.49
C PRO C 255 8.63 -28.39 8.47
N GLY C 256 9.91 -28.03 8.55
CA GLY C 256 10.79 -28.72 9.44
C GLY C 256 10.61 -28.28 10.87
N GLY C 257 10.34 -29.22 11.75
CA GLY C 257 10.27 -28.95 13.17
C GLY C 257 8.97 -29.40 13.78
N GLU C 258 8.84 -29.12 15.07
CA GLU C 258 7.66 -29.51 15.82
C GLU C 258 6.58 -28.46 15.68
N ALA C 259 5.34 -28.93 15.47
CA ALA C 259 4.24 -28.02 15.21
C ALA C 259 3.82 -27.28 16.48
N GLU C 260 3.01 -26.24 16.29
CA GLU C 260 2.53 -25.44 17.40
C GLU C 260 1.29 -26.10 18.00
N ASN C 261 1.11 -25.92 19.32
CA ASN C 261 0.06 -26.63 20.03
C ASN C 261 -1.29 -25.99 19.79
N ASP C 262 -1.37 -24.65 19.88
CA ASP C 262 -2.63 -23.96 19.66
C ASP C 262 -3.07 -24.03 18.21
N ASP C 263 -2.12 -24.19 17.28
CA ASP C 263 -2.47 -24.40 15.88
C ASP C 263 -3.09 -25.78 15.67
N LEU C 264 -2.50 -26.81 16.28
CA LEU C 264 -3.03 -28.16 16.16
C LEU C 264 -4.36 -28.32 16.89
N ASP C 265 -4.53 -27.60 18.00
CA ASP C 265 -5.80 -27.65 18.73
C ASP C 265 -6.94 -27.07 17.91
N GLN C 266 -6.65 -26.08 17.07
CA GLN C 266 -7.67 -25.48 16.24
C GLN C 266 -8.03 -26.35 15.05
N THR C 267 -7.01 -26.85 14.32
CA THR C 267 -7.27 -27.61 13.10
C THR C 267 -7.76 -29.02 13.37
N LEU C 268 -7.63 -29.51 14.61
CA LEU C 268 -8.29 -30.76 14.97
C LEU C 268 -9.80 -30.58 15.02
N ILE C 269 -10.26 -29.41 15.47
CA ILE C 269 -11.68 -29.11 15.56
C ILE C 269 -12.30 -28.97 14.18
N ILE C 270 -11.58 -28.33 13.25
CA ILE C 270 -12.08 -28.11 11.90
C ILE C 270 -12.16 -29.43 11.15
N ALA C 271 -11.14 -30.27 11.30
CA ALA C 271 -11.15 -31.60 10.69
C ALA C 271 -12.19 -32.50 11.33
N SER C 272 -12.48 -32.32 12.61
CA SER C 272 -13.53 -33.09 13.25
C SER C 272 -14.90 -32.74 12.69
N ARG C 273 -15.17 -31.44 12.52
CA ARG C 273 -16.48 -31.00 12.06
C ARG C 273 -16.73 -31.39 10.60
N ASN C 274 -15.68 -31.48 9.79
CA ASN C 274 -15.86 -31.93 8.41
C ASN C 274 -16.21 -33.41 8.36
N ILE C 275 -15.52 -34.24 9.14
CA ILE C 275 -15.77 -35.67 9.13
C ILE C 275 -17.14 -35.98 9.74
N VAL C 276 -17.55 -35.18 10.73
CA VAL C 276 -18.86 -35.38 11.32
C VAL C 276 -19.96 -34.98 10.34
N ARG C 277 -19.81 -33.81 9.68
CA ARG C 277 -20.83 -33.35 8.74
C ARG C 277 -20.87 -34.19 7.47
N ARG C 278 -19.74 -34.76 7.05
CA ARG C 278 -19.74 -35.64 5.89
C ARG C 278 -20.47 -36.95 6.20
N SER C 279 -20.40 -37.41 7.45
CA SER C 279 -20.82 -38.76 7.79
C SER C 279 -22.33 -38.91 7.80
N ILE C 280 -23.07 -37.88 8.22
CA ILE C 280 -24.51 -38.01 8.39
C ILE C 280 -25.24 -38.16 7.07
N VAL C 281 -24.63 -37.77 5.95
CA VAL C 281 -25.29 -37.94 4.66
C VAL C 281 -24.78 -39.20 3.99
N ALA C 282 -24.19 -40.09 4.77
CA ALA C 282 -23.92 -41.45 4.33
C ALA C 282 -25.03 -42.38 4.84
N ILE C 283 -25.04 -43.61 4.33
CA ILE C 283 -26.09 -44.53 4.74
C ILE C 283 -25.75 -45.20 6.07
N ASP C 284 -24.47 -45.22 6.44
CA ASP C 284 -24.05 -45.58 7.80
C ASP C 284 -23.15 -44.46 8.30
N PRO C 285 -23.67 -43.55 9.13
CA PRO C 285 -22.85 -42.42 9.59
C PRO C 285 -21.73 -42.79 10.56
N LEU C 286 -21.68 -44.02 11.06
CA LEU C 286 -20.60 -44.45 11.94
C LEU C 286 -19.46 -45.10 11.16
N ALA C 287 -19.80 -46.01 10.24
CA ALA C 287 -18.81 -46.74 9.46
C ALA C 287 -18.04 -45.81 8.53
N SER C 288 -18.65 -44.71 8.11
CA SER C 288 -17.96 -43.71 7.31
C SER C 288 -17.06 -42.84 8.17
N LEU C 289 -17.51 -42.50 9.39
CA LEU C 289 -16.69 -41.69 10.30
C LEU C 289 -15.45 -42.44 10.76
N LEU C 290 -15.56 -43.76 10.94
CA LEU C 290 -14.39 -44.56 11.30
C LEU C 290 -13.47 -44.75 10.10
N SER C 291 -14.03 -44.82 8.89
CA SER C 291 -13.22 -44.96 7.69
C SER C 291 -12.46 -43.68 7.37
N MET C 292 -13.00 -42.53 7.77
CA MET C 292 -12.34 -41.26 7.49
C MET C 292 -11.41 -40.82 8.62
N CYS C 293 -11.68 -41.22 9.86
CA CYS C 293 -10.85 -40.79 10.98
C CYS C 293 -9.49 -41.49 10.95
N HIS C 294 -9.47 -42.75 10.51
CA HIS C 294 -8.23 -43.51 10.50
C HIS C 294 -7.31 -43.16 9.34
N THR C 295 -7.84 -42.54 8.29
CA THR C 295 -7.00 -42.14 7.16
C THR C 295 -6.61 -40.66 7.18
N THR C 296 -7.31 -39.85 7.96
CA THR C 296 -7.06 -38.41 7.98
C THR C 296 -5.75 -38.08 8.68
N SER C 297 -4.97 -37.19 8.09
CA SER C 297 -3.71 -36.76 8.66
C SER C 297 -3.67 -35.24 8.79
N ILE C 298 -3.05 -34.76 9.86
CA ILE C 298 -2.90 -33.33 10.13
C ILE C 298 -1.42 -33.02 10.23
N SER C 299 -0.94 -32.17 9.30
CA SER C 299 0.47 -31.79 9.16
C SER C 299 1.37 -33.01 9.03
N SER C 300 0.90 -33.99 8.24
CA SER C 300 1.53 -35.31 8.04
C SER C 300 1.72 -36.06 9.35
N GLU C 301 0.64 -36.12 10.15
CA GLU C 301 0.58 -36.88 11.40
C GLU C 301 -0.84 -37.43 11.48
N PRO C 302 -1.02 -38.70 11.81
CA PRO C 302 -2.36 -39.32 11.74
C PRO C 302 -3.31 -38.76 12.78
N LEU C 303 -4.61 -38.87 12.49
CA LEU C 303 -5.61 -38.22 13.33
C LEU C 303 -5.82 -38.97 14.64
N VAL C 304 -5.92 -40.30 14.59
CA VAL C 304 -6.25 -41.07 15.80
C VAL C 304 -5.10 -41.13 16.78
N GLU C 305 -3.86 -40.82 16.37
CA GLU C 305 -2.79 -40.64 17.34
C GLU C 305 -2.80 -39.25 17.95
N ILE C 306 -3.44 -38.28 17.30
CA ILE C 306 -3.66 -36.98 17.92
C ILE C 306 -4.87 -37.03 18.83
N LEU C 307 -5.89 -37.82 18.45
CA LEU C 307 -7.10 -37.99 19.23
C LEU C 307 -6.93 -38.86 20.46
N ARG C 308 -5.73 -39.33 20.78
CA ARG C 308 -5.49 -40.05 22.01
C ARG C 308 -4.56 -39.31 22.95
N SER C 309 -4.18 -38.08 22.61
CA SER C 309 -3.33 -37.29 23.49
C SER C 309 -3.76 -35.83 23.56
N ASN C 310 -4.93 -35.47 23.01
CA ASN C 310 -5.17 -34.04 23.03
C ASN C 310 -6.26 -33.68 24.04
N PRO C 311 -6.05 -32.62 24.82
CA PRO C 311 -7.06 -32.19 25.80
C PRO C 311 -8.16 -31.31 25.21
N THR C 312 -8.32 -31.32 23.89
CA THR C 312 -9.32 -30.49 23.23
C THR C 312 -10.72 -30.92 23.62
N ASP C 313 -11.49 -30.00 24.21
CA ASP C 313 -12.87 -30.25 24.62
C ASP C 313 -13.80 -29.58 23.62
N GLU C 314 -14.27 -30.34 22.64
CA GLU C 314 -15.16 -29.80 21.63
C GLU C 314 -16.17 -30.87 21.24
N GLN C 315 -17.29 -30.40 20.67
CA GLN C 315 -18.45 -31.27 20.46
C GLN C 315 -18.23 -32.26 19.34
N ALA C 316 -17.61 -31.83 18.24
CA ALA C 316 -17.42 -32.73 17.11
C ALA C 316 -16.18 -33.60 17.27
N VAL C 317 -15.21 -33.12 18.06
CA VAL C 317 -14.07 -33.94 18.45
C VAL C 317 -14.53 -35.11 19.30
N ASN C 318 -15.58 -34.89 20.09
CA ASN C 318 -16.08 -35.93 21.00
C ASN C 318 -16.81 -37.03 20.25
N ILE C 319 -17.37 -36.74 19.07
CA ILE C 319 -17.94 -37.82 18.27
C ILE C 319 -16.85 -38.71 17.70
N CYS C 320 -15.74 -38.11 17.26
CA CYS C 320 -14.65 -38.87 16.68
C CYS C 320 -13.92 -39.72 17.73
N LYS C 321 -13.96 -39.31 19.00
CA LYS C 321 -13.31 -40.07 20.06
C LYS C 321 -14.25 -41.15 20.63
N ALA C 322 -15.54 -40.84 20.78
CA ALA C 322 -16.49 -41.85 21.24
C ALA C 322 -16.75 -42.93 20.21
N ALA C 323 -16.46 -42.67 18.94
CA ALA C 323 -16.53 -43.72 17.94
C ALA C 323 -15.34 -44.66 18.05
N LEU C 324 -14.15 -44.10 18.31
CA LEU C 324 -12.96 -44.93 18.45
C LEU C 324 -12.92 -45.61 19.81
N GLY C 325 -13.03 -44.84 20.89
CA GLY C 325 -12.99 -45.39 22.22
C GLY C 325 -12.28 -44.52 23.23
N ILE C 326 -11.77 -43.37 22.78
CA ILE C 326 -11.13 -42.44 23.70
C ILE C 326 -12.18 -41.78 24.56
N ARG C 327 -11.85 -41.55 25.83
CA ARG C 327 -12.82 -41.08 26.80
C ARG C 327 -13.06 -39.59 26.64
N ILE C 328 -14.30 -39.18 26.92
CA ILE C 328 -14.78 -37.84 26.61
C ILE C 328 -14.67 -36.96 27.86
N ASN C 329 -13.99 -35.83 27.74
CA ASN C 329 -14.01 -34.75 28.74
C ASN C 329 -15.05 -33.76 28.26
N ASN C 330 -16.31 -34.02 28.62
CA ASN C 330 -17.46 -33.34 28.01
C ASN C 330 -17.58 -31.91 28.53
N SER C 331 -17.22 -30.96 27.67
CA SER C 331 -17.30 -29.52 27.90
C SER C 331 -16.99 -28.85 26.57
N PHE C 332 -17.43 -27.59 26.43
CA PHE C 332 -16.99 -26.76 25.33
C PHE C 332 -16.39 -25.48 25.88
N SER C 333 -15.85 -24.65 24.99
CA SER C 333 -15.02 -23.53 25.39
C SER C 333 -15.53 -22.24 24.76
N PHE C 334 -15.88 -21.27 25.62
CA PHE C 334 -16.05 -19.87 25.23
C PHE C 334 -15.07 -19.05 26.05
N GLY C 335 -14.27 -18.23 25.37
CA GLY C 335 -13.28 -17.40 26.04
C GLY C 335 -12.09 -18.13 26.63
N GLY C 336 -11.99 -19.44 26.43
CA GLY C 336 -10.94 -20.24 27.02
C GLY C 336 -11.32 -20.96 28.31
N TYR C 337 -12.52 -20.72 28.82
CA TYR C 337 -12.99 -21.41 30.01
C TYR C 337 -13.75 -22.68 29.64
N ASN C 338 -13.67 -23.68 30.50
CA ASN C 338 -14.45 -24.90 30.34
C ASN C 338 -15.92 -24.61 30.64
N PHE C 339 -16.76 -24.62 29.61
CA PHE C 339 -18.20 -24.40 29.77
C PHE C 339 -18.91 -25.76 29.74
N LYS C 340 -18.82 -26.48 30.86
CA LYS C 340 -19.34 -27.83 30.93
C LYS C 340 -20.84 -27.82 31.23
N ARG C 341 -21.60 -28.53 30.41
CA ARG C 341 -23.03 -28.71 30.61
C ARG C 341 -23.28 -29.71 31.74
N VAL C 342 -24.47 -29.64 32.33
CA VAL C 342 -24.95 -30.68 33.26
C VAL C 342 -26.13 -31.43 32.67
N LYS C 343 -27.26 -30.75 32.48
CA LYS C 343 -28.51 -31.37 32.11
C LYS C 343 -29.21 -30.52 31.06
N GLY C 344 -30.27 -31.08 30.48
CA GLY C 344 -31.05 -30.38 29.47
C GLY C 344 -30.60 -30.72 28.07
N SER C 345 -31.29 -30.09 27.10
CA SER C 345 -31.06 -30.37 25.69
C SER C 345 -31.58 -29.21 24.86
N SER C 346 -30.82 -28.85 23.82
CA SER C 346 -31.18 -27.74 22.95
C SER C 346 -30.93 -28.15 21.50
N GLN C 347 -31.09 -27.19 20.60
CA GLN C 347 -30.83 -27.35 19.18
C GLN C 347 -30.61 -25.96 18.60
N ARG C 348 -29.79 -25.88 17.55
CA ARG C 348 -29.39 -24.59 16.99
C ARG C 348 -30.14 -24.30 15.70
N THR C 349 -30.60 -23.05 15.56
CA THR C 349 -31.19 -22.52 14.34
C THR C 349 -31.11 -21.00 14.40
N GLU C 350 -30.41 -20.40 13.44
CA GLU C 350 -30.12 -18.98 13.46
C GLU C 350 -31.37 -18.16 13.15
N LYS C 351 -31.26 -16.85 13.38
CA LYS C 351 -32.37 -15.93 13.17
C LYS C 351 -31.81 -14.53 12.91
N ALA C 352 -32.70 -13.62 12.54
CA ALA C 352 -32.35 -12.25 12.21
C ALA C 352 -32.81 -11.33 13.34
N VAL C 353 -31.90 -11.01 14.26
CA VAL C 353 -32.22 -10.20 15.41
C VAL C 353 -31.49 -8.86 15.31
N LEU C 354 -31.85 -7.93 16.19
CA LEU C 354 -31.31 -6.59 16.21
C LEU C 354 -30.38 -6.42 17.42
N THR C 355 -29.40 -5.55 17.29
CA THR C 355 -28.35 -5.37 18.28
C THR C 355 -28.39 -3.96 18.87
N GLY C 356 -27.46 -3.70 19.79
CA GLY C 356 -27.48 -2.46 20.55
C GLY C 356 -27.03 -1.24 19.79
N ASN C 357 -26.14 -1.42 18.81
CA ASN C 357 -25.68 -0.32 17.97
C ASN C 357 -26.50 -0.16 16.70
N LEU C 358 -27.77 -0.59 16.74
CA LEU C 358 -28.77 -0.40 15.67
C LEU C 358 -28.38 -1.12 14.38
N GLN C 359 -27.68 -2.24 14.49
CA GLN C 359 -27.22 -2.99 13.34
C GLN C 359 -27.93 -4.34 13.24
N THR C 360 -28.25 -4.74 12.00
CA THR C 360 -28.93 -6.01 11.76
C THR C 360 -27.90 -7.14 11.75
N LEU C 361 -28.07 -8.09 12.67
CA LEU C 361 -27.09 -9.15 12.89
C LEU C 361 -27.76 -10.51 12.78
N THR C 362 -27.06 -11.47 12.18
CA THR C 362 -27.54 -12.85 12.09
C THR C 362 -26.83 -13.63 13.20
N MET C 363 -27.48 -13.72 14.35
CA MET C 363 -26.95 -14.45 15.48
C MET C 363 -27.34 -15.92 15.41
N THR C 364 -26.63 -16.73 16.19
CA THR C 364 -26.96 -18.14 16.39
C THR C 364 -27.16 -18.34 17.89
N ILE C 365 -28.42 -18.55 18.29
CA ILE C 365 -28.80 -18.67 19.69
C ILE C 365 -29.31 -20.07 19.95
N PHE C 366 -28.85 -20.67 21.05
CA PHE C 366 -29.19 -22.05 21.41
C PHE C 366 -30.57 -22.10 22.06
N GLU C 367 -31.58 -22.55 21.31
CA GLU C 367 -32.94 -22.64 21.81
C GLU C 367 -33.13 -23.99 22.52
N GLY C 368 -33.35 -23.94 23.83
CA GLY C 368 -33.61 -25.13 24.61
C GLY C 368 -32.93 -25.07 25.96
N TYR C 369 -33.51 -25.75 26.94
CA TYR C 369 -33.00 -25.73 28.30
C TYR C 369 -31.68 -26.49 28.40
N GLU C 370 -30.72 -25.89 29.12
CA GLU C 370 -29.39 -26.46 29.30
C GLU C 370 -28.86 -26.05 30.67
N GLU C 371 -28.65 -27.03 31.54
CA GLU C 371 -28.04 -26.79 32.85
C GLU C 371 -26.52 -26.86 32.71
N PHE C 372 -25.81 -25.92 33.34
CA PHE C 372 -24.38 -25.76 33.14
C PHE C 372 -23.60 -25.85 34.45
N ASN C 373 -22.36 -26.34 34.35
CA ASN C 373 -21.36 -26.25 35.43
C ASN C 373 -20.11 -25.66 34.78
N VAL C 374 -20.05 -24.33 34.72
CA VAL C 374 -19.01 -23.62 34.00
C VAL C 374 -17.91 -23.26 34.99
N SER C 375 -16.71 -23.82 34.79
CA SER C 375 -15.64 -23.68 35.77
C SER C 375 -14.31 -23.96 35.11
N GLY C 376 -13.33 -23.08 35.35
CA GLY C 376 -11.96 -23.45 35.08
C GLY C 376 -10.92 -22.48 35.60
N LYS C 377 -10.01 -23.00 36.42
CA LYS C 377 -8.70 -22.43 36.77
C LYS C 377 -8.75 -21.13 37.58
N ARG C 378 -9.91 -20.50 37.74
CA ARG C 378 -10.01 -19.33 38.61
C ARG C 378 -11.29 -19.25 39.42
N ALA C 379 -12.34 -19.98 39.06
CA ALA C 379 -13.67 -19.78 39.64
C ALA C 379 -14.53 -20.96 39.25
N SER C 380 -15.84 -20.85 39.55
CA SER C 380 -16.81 -21.85 39.16
C SER C 380 -18.16 -21.16 39.03
N ALA C 381 -19.07 -21.80 38.29
CA ALA C 381 -20.40 -21.25 38.06
C ALA C 381 -21.36 -22.37 37.72
N VAL C 382 -22.58 -22.29 38.25
CA VAL C 382 -23.64 -23.25 37.96
C VAL C 382 -24.78 -22.45 37.34
N LEU C 383 -24.81 -22.41 36.00
CA LEU C 383 -25.69 -21.52 35.26
C LEU C 383 -26.95 -22.26 34.85
N LYS C 384 -28.07 -21.90 35.49
CA LYS C 384 -29.39 -22.34 35.03
C LYS C 384 -29.81 -21.42 33.89
N LYS C 385 -30.18 -22.02 32.75
CA LYS C 385 -30.32 -21.25 31.53
C LYS C 385 -31.20 -22.02 30.55
N GLY C 386 -32.11 -21.31 29.88
CA GLY C 386 -32.93 -21.89 28.85
C GLY C 386 -32.77 -21.23 27.51
N ALA C 387 -33.84 -20.64 26.98
CA ALA C 387 -33.84 -19.97 25.69
C ALA C 387 -33.82 -18.46 25.92
N GLN C 388 -32.64 -17.85 25.68
CA GLN C 388 -32.40 -16.40 25.80
C GLN C 388 -32.77 -15.89 27.21
N ARG C 389 -32.25 -16.56 28.22
CA ARG C 389 -32.65 -16.29 29.60
C ARG C 389 -31.58 -16.80 30.54
N LEU C 390 -30.82 -15.88 31.15
CA LEU C 390 -29.92 -16.25 32.23
C LEU C 390 -30.74 -16.31 33.52
N ILE C 391 -31.11 -17.52 33.91
CA ILE C 391 -32.08 -17.71 34.99
C ILE C 391 -31.40 -17.56 36.35
N GLN C 392 -30.35 -18.34 36.58
CA GLN C 392 -29.72 -18.42 37.89
C GLN C 392 -28.28 -18.89 37.71
N ALA C 393 -27.34 -18.16 38.29
CA ALA C 393 -25.92 -18.49 38.19
C ALA C 393 -25.29 -18.26 39.57
N ILE C 394 -25.10 -19.33 40.33
CA ILE C 394 -24.38 -19.27 41.60
C ILE C 394 -22.91 -19.38 41.23
N ILE C 395 -22.26 -18.23 41.11
CA ILE C 395 -20.90 -18.14 40.60
C ILE C 395 -19.93 -18.11 41.77
N GLY C 396 -18.83 -18.86 41.66
CA GLY C 396 -17.83 -18.92 42.70
C GLY C 396 -16.57 -18.16 42.33
N GLY C 397 -15.49 -18.49 43.04
CA GLY C 397 -14.22 -17.83 42.79
C GLY C 397 -13.18 -18.22 43.82
N ARG C 398 -11.98 -17.68 43.62
CA ARG C 398 -10.88 -17.81 44.57
C ARG C 398 -10.50 -16.46 45.16
N THR C 399 -10.16 -15.48 44.33
CA THR C 399 -10.02 -14.10 44.75
C THR C 399 -11.32 -13.35 44.48
N LEU C 400 -11.46 -12.19 45.13
CA LEU C 400 -12.71 -11.43 45.00
C LEU C 400 -12.83 -10.75 43.63
N GLU C 401 -11.70 -10.36 43.03
CA GLU C 401 -11.73 -9.63 41.77
C GLU C 401 -11.92 -10.52 40.55
N ASP C 402 -11.45 -11.77 40.61
CA ASP C 402 -11.57 -12.65 39.45
C ASP C 402 -13.00 -13.10 39.19
N ILE C 403 -13.90 -12.96 40.17
CA ILE C 403 -15.32 -13.19 39.93
C ILE C 403 -15.90 -12.07 39.08
N LEU C 404 -15.36 -10.85 39.21
CA LEU C 404 -15.91 -9.68 38.54
C LEU C 404 -15.68 -9.73 37.04
N ASN C 405 -14.55 -10.29 36.60
CA ASN C 405 -14.31 -10.44 35.17
C ASN C 405 -15.09 -11.61 34.57
N LEU C 406 -15.26 -12.70 35.33
CA LEU C 406 -16.05 -13.82 34.86
C LEU C 406 -17.55 -13.51 34.89
N MET C 407 -17.95 -12.47 35.62
CA MET C 407 -19.32 -11.99 35.54
C MET C 407 -19.63 -11.42 34.16
N ILE C 408 -18.64 -10.79 33.52
CA ILE C 408 -18.77 -10.35 32.14
C ILE C 408 -18.81 -11.54 31.19
N THR C 409 -18.14 -12.65 31.56
CA THR C 409 -18.04 -13.81 30.68
C THR C 409 -19.39 -14.52 30.51
N LEU C 410 -20.11 -14.73 31.60
CA LEU C 410 -21.39 -15.44 31.51
C LEU C 410 -22.48 -14.60 30.88
N MET C 411 -22.46 -13.29 31.12
CA MET C 411 -23.51 -12.41 30.62
C MET C 411 -23.36 -12.08 29.14
N VAL C 412 -22.26 -12.48 28.51
CA VAL C 412 -22.17 -12.45 27.06
C VAL C 412 -22.80 -13.71 26.47
N PHE C 413 -22.56 -14.85 27.10
CA PHE C 413 -23.11 -16.15 26.70
C PHE C 413 -24.62 -16.26 26.91
N SER C 414 -25.22 -15.34 27.67
CA SER C 414 -26.65 -15.45 27.98
C SER C 414 -27.52 -15.12 26.77
N GLN C 415 -27.26 -13.98 26.13
CA GLN C 415 -27.92 -13.53 24.89
C GLN C 415 -29.44 -13.41 25.04
N GLU C 416 -29.86 -12.53 25.95
CA GLU C 416 -31.28 -12.26 26.16
C GLU C 416 -31.70 -11.07 25.30
N GLU C 417 -32.89 -10.53 25.60
CA GLU C 417 -33.32 -9.24 25.05
C GLU C 417 -32.93 -8.07 25.93
N LYS C 418 -31.92 -8.24 26.79
CA LYS C 418 -31.36 -7.17 27.59
C LYS C 418 -29.91 -6.85 27.22
N MET C 419 -29.04 -7.87 27.13
CA MET C 419 -27.66 -7.61 26.78
C MET C 419 -27.46 -7.30 25.30
N LEU C 420 -28.38 -7.75 24.44
CA LEU C 420 -28.27 -7.43 23.02
C LEU C 420 -28.62 -5.98 22.73
N LYS C 421 -29.34 -5.31 23.64
CA LYS C 421 -29.71 -3.91 23.48
C LYS C 421 -29.08 -3.02 24.56
N ALA C 422 -28.09 -3.53 25.28
CA ALA C 422 -27.31 -2.75 26.22
C ALA C 422 -25.86 -2.67 25.78
N VAL C 423 -25.65 -2.46 24.49
CA VAL C 423 -24.33 -2.30 23.89
C VAL C 423 -24.17 -0.83 23.52
N ARG C 424 -23.11 -0.20 24.02
CA ARG C 424 -22.76 1.16 23.66
C ARG C 424 -21.39 1.19 23.00
N GLY C 425 -21.21 2.14 22.08
CA GLY C 425 -19.96 2.28 21.37
C GLY C 425 -20.10 1.98 19.90
N ASP C 426 -19.06 1.41 19.30
CA ASP C 426 -19.08 0.99 17.90
C ASP C 426 -18.56 -0.43 17.81
N LEU C 427 -19.46 -1.38 17.55
CA LEU C 427 -19.13 -2.80 17.50
C LEU C 427 -19.48 -3.29 16.10
N ASN C 428 -18.56 -3.11 15.17
CA ASN C 428 -18.72 -3.65 13.83
C ASN C 428 -18.50 -5.15 13.86
N PHE C 429 -19.49 -5.90 13.42
CA PHE C 429 -19.35 -7.35 13.27
C PHE C 429 -18.74 -7.73 11.94
N VAL C 430 -18.47 -6.75 11.08
CA VAL C 430 -17.67 -6.95 9.88
C VAL C 430 -16.32 -6.27 10.08
N ASN C 431 -15.39 -6.55 9.18
CA ASN C 431 -14.07 -5.95 9.19
C ASN C 431 -13.97 -4.95 8.04
N ARG C 432 -12.75 -4.44 7.81
CA ARG C 432 -12.49 -3.44 6.78
C ARG C 432 -12.58 -3.97 5.36
N ALA C 433 -12.64 -5.29 5.16
CA ALA C 433 -12.81 -5.87 3.84
C ALA C 433 -14.21 -6.46 3.64
N ASN C 434 -15.19 -5.99 4.43
CA ASN C 434 -16.55 -6.55 4.51
C ASN C 434 -16.52 -8.04 4.87
N GLN C 435 -15.54 -8.44 5.67
CA GLN C 435 -15.40 -9.83 6.09
C GLN C 435 -16.14 -10.06 7.40
N ARG C 436 -16.95 -11.10 7.45
CA ARG C 436 -17.86 -11.37 8.56
C ARG C 436 -17.07 -11.89 9.75
N LEU C 437 -16.94 -11.08 10.80
CA LEU C 437 -16.46 -11.60 12.07
C LEU C 437 -17.62 -12.26 12.82
N ASN C 438 -17.29 -13.28 13.61
CA ASN C 438 -18.31 -13.98 14.37
C ASN C 438 -18.78 -13.11 15.53
N PRO C 439 -20.10 -13.02 15.76
CA PRO C 439 -20.62 -12.02 16.72
C PRO C 439 -20.38 -12.30 18.20
N MET C 440 -20.34 -13.56 18.61
CA MET C 440 -20.33 -13.88 20.04
C MET C 440 -19.00 -13.56 20.70
N TYR C 441 -17.92 -13.51 19.94
CA TYR C 441 -16.63 -13.10 20.48
C TYR C 441 -16.41 -11.60 20.39
N GLN C 442 -17.25 -10.89 19.63
CA GLN C 442 -17.11 -9.44 19.54
C GLN C 442 -17.75 -8.73 20.72
N LEU C 443 -18.85 -9.28 21.24
CA LEU C 443 -19.41 -8.78 22.49
C LEU C 443 -18.51 -9.12 23.67
N LEU C 444 -17.74 -10.21 23.56
CA LEU C 444 -16.84 -10.63 24.63
C LEU C 444 -15.72 -9.61 24.84
N ARG C 445 -15.00 -9.27 23.77
CA ARG C 445 -13.86 -8.36 23.89
C ARG C 445 -14.29 -6.92 24.15
N HIS C 446 -15.56 -6.59 23.92
CA HIS C 446 -16.11 -5.26 24.14
C HIS C 446 -16.56 -5.04 25.59
N PHE C 447 -17.26 -6.02 26.16
CA PHE C 447 -17.78 -5.88 27.52
C PHE C 447 -16.73 -6.10 28.60
N GLN C 448 -15.49 -6.41 28.23
CA GLN C 448 -14.43 -6.59 29.21
C GLN C 448 -14.08 -5.29 29.92
N LYS C 449 -14.09 -4.17 29.20
CA LYS C 449 -13.79 -2.86 29.79
C LYS C 449 -14.98 -1.91 29.81
N ASP C 450 -16.00 -2.15 28.99
CA ASP C 450 -17.25 -1.40 29.02
C ASP C 450 -18.29 -2.32 29.65
N SER C 451 -18.44 -2.22 30.97
CA SER C 451 -19.30 -3.11 31.73
C SER C 451 -20.42 -2.39 32.48
N SER C 452 -20.47 -1.06 32.43
CA SER C 452 -21.49 -0.33 33.16
C SER C 452 -22.86 -0.42 32.51
N THR C 453 -22.91 -0.78 31.23
CA THR C 453 -24.20 -1.00 30.57
C THR C 453 -24.74 -2.39 30.84
N LEU C 454 -23.92 -3.30 31.35
CA LEU C 454 -24.35 -4.65 31.68
C LEU C 454 -24.59 -4.86 33.16
N LEU C 455 -24.66 -3.77 33.93
CA LEU C 455 -24.88 -3.84 35.37
C LEU C 455 -26.07 -3.01 35.84
N LYS C 456 -26.48 -2.00 35.07
CA LYS C 456 -27.63 -1.17 35.44
C LYS C 456 -28.85 -1.44 34.57
N ASN C 457 -28.65 -1.96 33.35
CA ASN C 457 -29.75 -2.47 32.54
C ASN C 457 -30.19 -3.85 32.99
N TRP C 458 -29.30 -4.59 33.65
CA TRP C 458 -29.65 -5.93 34.13
C TRP C 458 -30.58 -5.90 35.34
N GLY C 459 -30.55 -4.82 36.12
CA GLY C 459 -31.51 -4.66 37.20
C GLY C 459 -31.23 -5.54 38.41
N THR C 460 -32.29 -5.79 39.18
CA THR C 460 -32.21 -6.56 40.41
C THR C 460 -33.34 -7.58 40.46
N GLU C 461 -33.14 -8.62 41.28
CA GLU C 461 -34.20 -9.57 41.61
C GLU C 461 -34.13 -9.89 43.09
N GLU C 462 -35.30 -9.94 43.72
CA GLU C 462 -35.40 -10.18 45.16
C GLU C 462 -35.03 -11.62 45.49
N ILE C 463 -34.34 -11.80 46.63
CA ILE C 463 -33.91 -13.11 47.09
C ILE C 463 -34.19 -13.22 48.59
N ASP C 464 -34.19 -14.46 49.08
CA ASP C 464 -34.40 -14.86 50.47
C ASP C 464 -33.06 -15.03 51.19
N PRO C 465 -32.98 -14.63 52.47
CA PRO C 465 -31.71 -14.75 53.20
C PRO C 465 -31.34 -16.17 53.58
N ILE C 466 -30.76 -16.90 52.63
CA ILE C 466 -30.22 -18.23 52.87
C ILE C 466 -28.71 -18.13 53.04
N MET C 467 -28.15 -18.95 53.92
CA MET C 467 -26.71 -18.97 54.14
C MET C 467 -25.98 -19.56 52.94
N GLY C 468 -24.67 -19.32 52.91
CA GLY C 468 -23.83 -19.78 51.82
C GLY C 468 -23.88 -18.94 50.56
N ILE C 469 -24.58 -17.81 50.57
CA ILE C 469 -24.80 -16.99 49.39
C ILE C 469 -24.37 -15.56 49.69
N ALA C 470 -23.57 -14.97 48.80
CA ALA C 470 -23.25 -13.55 48.81
C ALA C 470 -23.84 -12.88 47.57
N GLY C 471 -23.53 -11.60 47.39
CA GLY C 471 -24.12 -10.84 46.30
C GLY C 471 -23.13 -9.86 45.70
N ILE C 472 -23.47 -9.39 44.51
CA ILE C 472 -22.70 -8.37 43.79
C ILE C 472 -23.67 -7.34 43.23
N MET C 473 -23.43 -6.07 43.54
CA MET C 473 -24.26 -4.96 43.11
C MET C 473 -23.77 -4.41 41.78
N PRO C 474 -24.54 -3.52 41.14
CA PRO C 474 -23.99 -2.78 39.98
C PRO C 474 -22.75 -1.95 40.28
N ASP C 475 -22.70 -1.24 41.41
CA ASP C 475 -21.58 -0.33 41.66
C ASP C 475 -20.41 -0.99 42.38
N GLY C 476 -20.26 -2.30 42.28
CA GLY C 476 -19.12 -2.98 42.87
C GLY C 476 -19.23 -3.29 44.34
N THR C 477 -20.44 -3.31 44.89
CA THR C 477 -20.67 -3.55 46.31
C THR C 477 -21.01 -5.01 46.53
N ILE C 478 -20.32 -5.65 47.47
CA ILE C 478 -20.74 -6.96 47.95
C ILE C 478 -21.84 -6.77 48.98
N ASN C 479 -22.93 -7.50 48.82
CA ASN C 479 -24.17 -7.20 49.52
C ASN C 479 -24.77 -8.46 50.12
N LYS C 480 -25.67 -8.25 51.09
CA LYS C 480 -26.41 -9.34 51.73
C LYS C 480 -27.90 -9.07 51.81
N THR C 481 -28.42 -8.12 51.03
CA THR C 481 -29.86 -7.89 50.95
C THR C 481 -30.41 -7.96 49.53
N GLN C 482 -29.72 -7.39 48.55
CA GLN C 482 -30.14 -7.46 47.15
C GLN C 482 -28.92 -7.69 46.28
N THR C 483 -29.18 -8.01 45.01
CA THR C 483 -28.14 -8.29 44.02
C THR C 483 -28.77 -8.21 42.63
N LEU C 484 -27.98 -8.55 41.61
CA LEU C 484 -28.41 -8.52 40.22
C LEU C 484 -29.32 -9.71 39.89
N MET C 485 -29.89 -9.69 38.69
CA MET C 485 -30.80 -10.74 38.25
C MET C 485 -30.03 -11.97 37.81
N GLY C 486 -30.29 -13.11 38.47
CA GLY C 486 -29.74 -14.38 38.06
C GLY C 486 -28.29 -14.64 38.42
N VAL C 487 -27.64 -13.72 39.14
CA VAL C 487 -26.24 -13.87 39.51
C VAL C 487 -26.12 -13.70 41.02
N ARG C 488 -25.57 -14.71 41.67
CA ARG C 488 -25.27 -14.73 43.10
C ARG C 488 -23.75 -14.90 43.28
N LEU C 489 -23.33 -15.10 44.52
CA LEU C 489 -21.93 -15.38 44.82
C LEU C 489 -21.83 -16.40 45.93
N SER C 490 -21.05 -17.46 45.70
CA SER C 490 -20.82 -18.53 46.66
C SER C 490 -19.40 -18.42 47.22
N GLN C 491 -19.05 -19.36 48.10
CA GLN C 491 -17.76 -19.35 48.78
C GLN C 491 -16.88 -20.52 48.36
N GLY C 492 -17.36 -21.76 48.55
CA GLY C 492 -16.58 -22.94 48.25
C GLY C 492 -16.77 -23.41 46.82
N GLY C 493 -17.98 -23.27 46.30
CA GLY C 493 -18.26 -23.63 44.93
C GLY C 493 -18.35 -25.14 44.74
N VAL C 494 -17.99 -25.59 43.54
CA VAL C 494 -17.98 -27.01 43.19
C VAL C 494 -16.53 -27.44 43.07
N ASP C 495 -16.19 -28.57 43.69
CA ASP C 495 -14.81 -29.06 43.71
C ASP C 495 -14.45 -29.66 42.35
N GLU C 496 -13.22 -30.16 42.25
CA GLU C 496 -12.66 -30.60 40.98
C GLU C 496 -12.83 -32.10 40.79
N TYR C 497 -12.19 -32.62 39.74
CA TYR C 497 -12.14 -34.05 39.37
C TYR C 497 -13.53 -34.64 39.08
N SER C 498 -14.46 -33.79 38.62
CA SER C 498 -15.66 -34.25 37.96
C SER C 498 -15.84 -33.59 36.60
N PHE C 499 -15.40 -32.34 36.45
CA PHE C 499 -15.26 -31.75 35.12
C PHE C 499 -14.00 -32.26 34.43
N ASN C 500 -12.93 -32.47 35.20
CA ASN C 500 -11.63 -32.85 34.67
C ASN C 500 -11.41 -34.36 34.72
N GLU C 501 -12.49 -35.13 34.63
CA GLU C 501 -12.42 -36.57 34.43
C GLU C 501 -12.95 -36.86 33.04
N ARG C 502 -12.24 -37.70 32.29
CA ARG C 502 -12.69 -38.14 30.98
C ARG C 502 -13.54 -39.39 31.17
N ILE C 503 -14.86 -39.24 30.97
CA ILE C 503 -15.81 -40.31 31.26
C ILE C 503 -15.93 -41.23 30.06
N ARG C 504 -16.50 -42.42 30.30
CA ARG C 504 -16.72 -43.40 29.26
C ARG C 504 -18.11 -43.24 28.66
N VAL C 505 -18.22 -43.52 27.37
CA VAL C 505 -19.45 -43.36 26.60
C VAL C 505 -19.49 -44.46 25.54
N ASN C 506 -20.61 -44.51 24.82
CA ASN C 506 -20.73 -45.40 23.68
C ASN C 506 -21.46 -44.69 22.55
N ILE C 507 -21.16 -45.10 21.34
CA ILE C 507 -21.72 -44.48 20.14
C ILE C 507 -22.62 -45.51 19.46
N ASP C 508 -23.48 -45.03 18.57
CA ASP C 508 -24.37 -45.88 17.80
C ASP C 508 -24.18 -45.64 16.31
N LYS C 509 -25.09 -46.17 15.48
CA LYS C 509 -24.93 -46.09 14.04
C LYS C 509 -25.10 -44.66 13.54
N TYR C 510 -25.87 -43.83 14.25
CA TYR C 510 -26.15 -42.46 13.83
C TYR C 510 -25.51 -41.42 14.73
N LEU C 511 -24.39 -41.79 15.38
CA LEU C 511 -23.44 -40.87 16.02
C LEU C 511 -24.02 -40.08 17.19
N ARG C 512 -25.12 -40.51 17.81
CA ARG C 512 -25.61 -39.85 19.01
C ARG C 512 -24.94 -40.48 20.23
N VAL C 513 -24.23 -39.67 21.00
CA VAL C 513 -23.29 -40.16 22.00
C VAL C 513 -23.95 -40.15 23.37
N ARG C 514 -24.17 -41.33 23.94
CA ARG C 514 -24.83 -41.49 25.23
C ARG C 514 -23.94 -42.30 26.17
N ASN C 515 -24.01 -41.97 27.45
CA ASN C 515 -23.14 -42.60 28.43
C ASN C 515 -23.75 -43.89 28.95
N GLU C 516 -23.17 -44.43 30.02
CA GLU C 516 -23.65 -45.68 30.59
C GLU C 516 -24.99 -45.53 31.30
N LYS C 517 -25.33 -44.31 31.73
CA LYS C 517 -26.68 -44.06 32.24
C LYS C 517 -27.66 -43.85 31.09
N GLY C 518 -27.28 -43.06 30.09
CA GLY C 518 -28.14 -42.81 28.96
C GLY C 518 -28.38 -41.33 28.71
N GLU C 519 -27.50 -40.49 29.25
CA GLU C 519 -27.56 -39.06 28.97
C GLU C 519 -27.13 -38.81 27.54
N LEU C 520 -28.03 -38.26 26.72
CA LEU C 520 -27.66 -37.91 25.37
C LEU C 520 -26.73 -36.71 25.40
N LEU C 521 -25.42 -36.99 25.45
CA LEU C 521 -24.45 -35.93 25.70
C LEU C 521 -24.10 -35.20 24.41
N ILE C 522 -24.01 -35.93 23.30
CA ILE C 522 -23.75 -35.35 21.99
C ILE C 522 -24.70 -35.99 20.99
N SER C 523 -25.43 -35.16 20.28
CA SER C 523 -26.16 -35.48 19.07
C SER C 523 -25.49 -34.80 17.88
N PRO C 524 -25.57 -35.37 16.67
CA PRO C 524 -24.97 -34.70 15.50
C PRO C 524 -25.66 -33.40 15.11
N GLU C 525 -26.89 -33.17 15.57
CA GLU C 525 -27.57 -31.91 15.27
C GLU C 525 -26.98 -30.74 16.03
N GLU C 526 -26.19 -30.99 17.08
CA GLU C 526 -25.59 -29.96 17.90
C GLU C 526 -24.19 -29.58 17.42
N VAL C 527 -23.79 -30.00 16.23
CA VAL C 527 -22.46 -29.69 15.72
C VAL C 527 -22.51 -28.32 15.05
N SER C 528 -21.57 -27.45 15.43
CA SER C 528 -21.51 -26.10 14.89
C SER C 528 -21.12 -26.14 13.41
N GLU C 529 -22.04 -25.69 12.55
CA GLU C 529 -21.89 -25.80 11.11
C GLU C 529 -21.13 -24.61 10.53
N ALA C 530 -19.96 -24.33 11.08
CA ALA C 530 -19.11 -23.26 10.61
C ALA C 530 -17.91 -23.85 9.87
N GLN C 531 -17.42 -23.10 8.89
CA GLN C 531 -16.27 -23.50 8.08
C GLN C 531 -15.15 -22.51 8.37
N GLY C 532 -14.28 -22.87 9.31
CA GLY C 532 -13.09 -22.10 9.54
C GLY C 532 -11.97 -22.50 8.62
N GLN C 533 -10.94 -21.67 8.58
CA GLN C 533 -9.73 -21.98 7.83
C GLN C 533 -8.68 -22.45 8.84
N GLU C 534 -7.99 -23.53 8.50
CA GLU C 534 -7.15 -24.24 9.44
C GLU C 534 -5.73 -23.71 9.42
N LYS C 535 -5.06 -23.84 10.56
CA LYS C 535 -3.67 -23.43 10.63
C LYS C 535 -2.73 -24.46 10.03
N LEU C 536 -3.13 -25.73 10.04
CA LEU C 536 -2.35 -26.82 9.50
C LEU C 536 -3.17 -27.54 8.44
N PRO C 537 -2.56 -28.17 7.44
CA PRO C 537 -3.34 -28.83 6.40
C PRO C 537 -3.92 -30.14 6.89
N ILE C 538 -4.97 -30.57 6.20
CA ILE C 538 -5.71 -31.76 6.56
C ILE C 538 -5.87 -32.62 5.31
N ASN C 539 -5.39 -33.85 5.37
CA ASN C 539 -5.46 -34.78 4.25
C ASN C 539 -6.45 -35.88 4.60
N TYR C 540 -7.71 -35.67 4.26
CA TYR C 540 -8.70 -36.75 4.32
C TYR C 540 -8.45 -37.68 3.14
N ASN C 541 -7.44 -38.55 3.30
CA ASN C 541 -7.05 -39.45 2.21
C ASN C 541 -8.07 -40.57 2.12
N SER C 542 -9.24 -40.25 1.56
CA SER C 542 -10.36 -41.15 1.53
C SER C 542 -11.10 -40.99 0.22
N SER C 543 -11.83 -42.04 -0.16
CA SER C 543 -12.70 -42.00 -1.33
C SER C 543 -14.07 -41.42 -1.00
N LEU C 544 -14.28 -40.95 0.22
CA LEU C 544 -15.52 -40.29 0.61
C LEU C 544 -15.46 -38.77 0.53
N MET C 545 -14.28 -38.19 0.38
CA MET C 545 -14.11 -36.74 0.35
C MET C 545 -13.46 -36.31 -0.96
N TRP C 546 -13.14 -35.03 -1.04
CA TRP C 546 -12.37 -34.49 -2.14
C TRP C 546 -10.96 -34.18 -1.64
N GLU C 547 -10.15 -33.55 -2.50
CA GLU C 547 -8.73 -33.37 -2.21
C GLU C 547 -8.52 -32.36 -1.08
N VAL C 548 -9.05 -31.15 -1.24
CA VAL C 548 -9.02 -30.14 -0.20
C VAL C 548 -10.46 -29.84 0.17
N ASN C 549 -10.77 -29.81 1.46
CA ASN C 549 -12.13 -29.51 1.87
C ASN C 549 -12.35 -28.00 1.84
N GLY C 550 -13.59 -27.62 2.12
CA GLY C 550 -14.00 -26.26 1.97
C GLY C 550 -15.26 -26.20 1.14
N PRO C 551 -16.19 -25.31 1.51
CA PRO C 551 -17.44 -25.20 0.75
C PRO C 551 -17.24 -24.70 -0.67
N GLU C 552 -16.20 -23.91 -0.93
CA GLU C 552 -15.91 -23.48 -2.29
C GLU C 552 -15.35 -24.61 -3.13
N SER C 553 -14.63 -25.54 -2.49
CA SER C 553 -14.04 -26.66 -3.21
C SER C 553 -15.00 -27.79 -3.48
N ILE C 554 -15.97 -28.03 -2.58
CA ILE C 554 -16.97 -29.07 -2.79
C ILE C 554 -17.88 -28.73 -3.97
N LEU C 555 -18.10 -27.43 -4.20
CA LEU C 555 -18.94 -27.01 -5.32
C LEU C 555 -18.24 -27.25 -6.66
N THR C 556 -16.97 -26.85 -6.77
CA THR C 556 -16.28 -26.97 -8.05
C THR C 556 -15.92 -28.43 -8.36
N ASN C 557 -15.47 -29.18 -7.36
CA ASN C 557 -15.02 -30.56 -7.58
C ASN C 557 -16.17 -31.49 -7.94
N THR C 558 -17.38 -31.20 -7.44
CA THR C 558 -18.52 -32.03 -7.80
C THR C 558 -18.92 -31.82 -9.26
N TYR C 559 -18.95 -30.56 -9.69
CA TYR C 559 -19.31 -30.28 -11.08
C TYR C 559 -18.19 -30.63 -12.04
N HIS C 560 -16.93 -30.53 -11.58
CA HIS C 560 -15.80 -31.02 -12.36
C HIS C 560 -15.88 -32.52 -12.58
N TRP C 561 -16.43 -33.26 -11.62
CA TRP C 561 -16.52 -34.71 -11.75
C TRP C 561 -17.70 -35.13 -12.64
N ILE C 562 -18.81 -34.39 -12.63
CA ILE C 562 -19.93 -34.74 -13.50
C ILE C 562 -19.57 -34.46 -14.96
N ILE C 563 -18.71 -33.47 -15.20
CA ILE C 563 -18.44 -33.03 -16.57
C ILE C 563 -17.51 -34.02 -17.28
N LYS C 564 -16.49 -34.54 -16.59
CA LYS C 564 -15.63 -35.52 -17.24
C LYS C 564 -16.26 -36.90 -17.27
N ASN C 565 -17.13 -37.23 -16.31
CA ASN C 565 -17.86 -38.49 -16.32
C ASN C 565 -19.21 -38.37 -17.00
N TRP C 566 -19.38 -37.36 -17.87
CA TRP C 566 -20.68 -37.11 -18.46
C TRP C 566 -21.08 -38.18 -19.45
N GLU C 567 -20.10 -38.82 -20.10
CA GLU C 567 -20.41 -39.91 -21.01
C GLU C 567 -20.94 -41.13 -20.26
N LEU C 568 -20.53 -41.31 -19.01
CA LEU C 568 -21.03 -42.39 -18.16
C LEU C 568 -22.33 -42.01 -17.47
N LEU C 569 -22.42 -40.77 -16.97
CA LEU C 569 -23.57 -40.37 -16.16
C LEU C 569 -24.82 -40.13 -16.99
N LYS C 570 -24.65 -39.68 -18.25
CA LYS C 570 -25.80 -39.45 -19.12
C LYS C 570 -26.53 -40.75 -19.45
N THR C 571 -25.80 -41.86 -19.53
CA THR C 571 -26.45 -43.15 -19.76
C THR C 571 -27.21 -43.62 -18.52
N GLN C 572 -26.66 -43.34 -17.33
CA GLN C 572 -27.39 -43.66 -16.10
C GLN C 572 -28.60 -42.77 -15.94
N TRP C 573 -28.51 -41.50 -16.40
CA TRP C 573 -29.66 -40.62 -16.38
C TRP C 573 -30.75 -41.09 -17.33
N MET C 574 -30.36 -41.68 -18.46
CA MET C 574 -31.34 -42.07 -19.47
C MET C 574 -32.10 -43.33 -19.08
N THR C 575 -31.44 -44.28 -18.44
CA THR C 575 -32.11 -45.51 -18.01
C THR C 575 -31.59 -45.94 -16.65
N ASP C 576 -32.53 -46.39 -15.80
CA ASP C 576 -32.37 -46.65 -14.37
C ASP C 576 -31.77 -45.44 -13.66
N PRO C 577 -32.55 -44.35 -13.49
CA PRO C 577 -31.95 -43.11 -13.00
C PRO C 577 -31.75 -43.05 -11.50
N THR C 578 -32.44 -43.87 -10.72
CA THR C 578 -32.29 -43.84 -9.28
C THR C 578 -30.98 -44.44 -8.81
N VAL C 579 -30.30 -45.20 -9.66
CA VAL C 579 -28.94 -45.61 -9.35
C VAL C 579 -28.01 -44.42 -9.47
N LEU C 580 -28.31 -43.47 -10.36
CA LEU C 580 -27.45 -42.32 -10.53
C LEU C 580 -27.56 -41.34 -9.38
N TYR C 581 -28.77 -41.18 -8.82
CA TYR C 581 -28.98 -40.20 -7.76
C TYR C 581 -28.30 -40.61 -6.46
N ASN C 582 -28.11 -41.91 -6.25
CA ASN C 582 -27.60 -42.46 -4.99
C ASN C 582 -26.08 -42.56 -4.96
N ARG C 583 -25.38 -41.71 -5.70
CA ARG C 583 -23.93 -41.79 -5.77
C ARG C 583 -23.27 -41.15 -4.56
N ILE C 584 -22.17 -41.76 -4.10
CA ILE C 584 -21.43 -41.21 -2.98
C ILE C 584 -20.55 -40.05 -3.39
N GLU C 585 -20.33 -39.85 -4.70
CA GLU C 585 -19.69 -38.64 -5.17
C GLU C 585 -20.60 -37.43 -4.98
N PHE C 586 -21.91 -37.64 -5.08
CA PHE C 586 -22.90 -36.61 -4.88
C PHE C 586 -23.15 -36.29 -3.41
N GLU C 587 -22.60 -37.09 -2.50
CA GLU C 587 -22.90 -36.98 -1.07
C GLU C 587 -22.25 -35.81 -0.33
N PRO C 588 -20.96 -35.45 -0.51
CA PRO C 588 -20.45 -34.26 0.20
C PRO C 588 -21.03 -32.95 -0.30
N PHE C 589 -21.68 -32.93 -1.47
CA PHE C 589 -22.37 -31.74 -1.93
C PHE C 589 -23.58 -31.42 -1.06
N GLN C 590 -24.19 -32.43 -0.44
CA GLN C 590 -25.36 -32.26 0.40
C GLN C 590 -25.04 -31.55 1.71
N THR C 591 -23.77 -31.41 2.09
CA THR C 591 -23.41 -30.64 3.26
C THR C 591 -23.53 -29.14 3.02
N LEU C 592 -23.70 -28.72 1.76
CA LEU C 592 -23.90 -27.31 1.43
C LEU C 592 -25.35 -26.90 1.46
N ILE C 593 -26.27 -27.84 1.24
CA ILE C 593 -27.71 -27.60 1.32
C ILE C 593 -28.11 -27.59 2.79
N PRO C 594 -28.97 -26.67 3.23
CA PRO C 594 -29.54 -26.76 4.58
C PRO C 594 -30.44 -27.99 4.75
N LYS C 595 -30.65 -28.35 6.02
CA LYS C 595 -31.20 -29.66 6.35
C LYS C 595 -32.67 -29.80 5.95
N GLY C 596 -33.48 -28.79 6.23
CA GLY C 596 -34.89 -28.85 5.86
C GLY C 596 -35.15 -28.66 4.39
N ASN C 597 -34.15 -28.24 3.62
CA ASN C 597 -34.28 -27.98 2.20
C ASN C 597 -33.86 -29.16 1.33
N ARG C 598 -33.37 -30.25 1.90
CA ARG C 598 -32.77 -31.31 1.09
C ARG C 598 -33.84 -32.13 0.38
N ALA C 599 -34.83 -32.62 1.13
CA ALA C 599 -35.84 -33.47 0.51
C ALA C 599 -36.81 -32.69 -0.36
N ILE C 600 -36.96 -31.39 -0.12
CA ILE C 600 -37.81 -30.57 -0.96
C ILE C 600 -37.12 -30.22 -2.28
N TYR C 601 -35.79 -30.27 -2.33
CA TYR C 601 -35.07 -29.95 -3.57
C TYR C 601 -34.96 -31.15 -4.49
N SER C 602 -34.72 -32.33 -3.92
CA SER C 602 -34.66 -33.54 -4.72
C SER C 602 -36.03 -33.92 -5.26
N GLY C 603 -37.09 -33.66 -4.50
CA GLY C 603 -38.43 -33.90 -4.99
C GLY C 603 -38.81 -32.99 -6.13
N PHE C 604 -38.30 -31.76 -6.11
CA PHE C 604 -38.49 -30.86 -7.24
C PHE C 604 -37.64 -31.28 -8.42
N THR C 605 -36.38 -31.66 -8.17
CA THR C 605 -35.40 -31.90 -9.23
C THR C 605 -35.73 -33.16 -10.00
N ARG C 606 -36.07 -34.24 -9.30
CA ARG C 606 -36.42 -35.48 -9.96
C ARG C 606 -37.75 -35.36 -10.70
N THR C 607 -38.64 -34.49 -10.22
CA THR C 607 -39.86 -34.19 -10.97
C THR C 607 -39.53 -33.38 -12.23
N LEU C 608 -38.52 -32.51 -12.17
CA LEU C 608 -38.05 -31.85 -13.37
C LEU C 608 -37.38 -32.83 -14.32
N PHE C 609 -36.61 -33.78 -13.77
CA PHE C 609 -35.87 -34.72 -14.59
C PHE C 609 -36.79 -35.71 -15.30
N GLN C 610 -37.95 -36.02 -14.72
CA GLN C 610 -38.88 -36.95 -15.34
C GLN C 610 -39.63 -36.32 -16.51
N GLN C 611 -39.84 -35.00 -16.46
CA GLN C 611 -40.47 -34.32 -17.59
C GLN C 611 -39.51 -34.12 -18.74
N MET C 612 -38.20 -34.16 -18.50
CA MET C 612 -37.25 -34.18 -19.60
C MET C 612 -37.26 -35.50 -20.36
N ARG C 613 -37.76 -36.57 -19.74
CA ARG C 613 -37.78 -37.88 -20.36
C ARG C 613 -39.07 -38.14 -21.11
N ASP C 614 -40.22 -37.78 -20.53
CA ASP C 614 -41.49 -38.04 -21.19
C ASP C 614 -41.78 -37.09 -22.34
N VAL C 615 -41.03 -35.99 -22.46
CA VAL C 615 -41.14 -35.08 -23.58
C VAL C 615 -39.84 -35.18 -24.37
N GLU C 616 -39.92 -35.63 -25.62
CA GLU C 616 -38.74 -35.83 -26.43
C GLU C 616 -38.25 -34.49 -26.98
N GLY C 617 -36.95 -34.45 -27.31
CA GLY C 617 -36.32 -33.27 -27.85
C GLY C 617 -35.94 -32.21 -26.84
N THR C 618 -36.53 -32.25 -25.64
CA THR C 618 -36.27 -31.27 -24.60
C THR C 618 -35.13 -31.71 -23.69
N PHE C 619 -34.01 -32.07 -24.28
CA PHE C 619 -32.85 -32.57 -23.54
C PHE C 619 -31.85 -31.43 -23.45
N ASP C 620 -31.73 -30.85 -22.26
CA ASP C 620 -30.74 -29.83 -21.99
C ASP C 620 -29.69 -30.46 -21.09
N SER C 621 -28.55 -30.81 -21.69
CA SER C 621 -27.47 -31.42 -20.92
C SER C 621 -26.78 -30.42 -20.00
N ILE C 622 -26.94 -29.13 -20.25
CA ILE C 622 -26.33 -28.13 -19.37
C ILE C 622 -27.17 -27.94 -18.11
N GLN C 623 -28.46 -28.28 -18.15
CA GLN C 623 -29.32 -28.14 -16.99
C GLN C 623 -29.50 -29.44 -16.22
N ILE C 624 -29.24 -30.59 -16.84
CA ILE C 624 -29.14 -31.83 -16.09
C ILE C 624 -27.92 -31.79 -15.18
N ILE C 625 -26.81 -31.24 -15.68
CA ILE C 625 -25.57 -31.14 -14.91
C ILE C 625 -25.77 -30.27 -13.67
N LYS C 626 -26.46 -29.15 -13.84
CA LYS C 626 -26.62 -28.17 -12.76
C LYS C 626 -27.49 -28.70 -11.63
N LEU C 627 -28.56 -29.42 -11.97
CA LEU C 627 -29.53 -29.87 -10.99
C LEU C 627 -29.19 -31.19 -10.34
N LEU C 628 -28.18 -31.91 -10.86
CA LEU C 628 -27.99 -33.31 -10.48
C LEU C 628 -27.50 -33.52 -9.04
N PRO C 629 -26.53 -32.77 -8.50
CA PRO C 629 -26.19 -32.98 -7.08
C PRO C 629 -27.17 -32.37 -6.08
N PHE C 630 -28.35 -31.94 -6.51
CA PHE C 630 -29.43 -31.58 -5.60
C PHE C 630 -30.46 -32.70 -5.48
N SER C 631 -30.24 -33.81 -6.18
CA SER C 631 -31.09 -34.99 -6.10
C SER C 631 -30.46 -36.12 -5.29
N ALA C 632 -29.42 -35.81 -4.51
CA ALA C 632 -28.68 -36.81 -3.75
C ALA C 632 -29.29 -37.05 -2.37
N HIS C 633 -30.61 -37.28 -2.33
CA HIS C 633 -31.35 -37.37 -1.10
C HIS C 633 -32.67 -38.04 -1.40
N PRO C 634 -33.24 -38.79 -0.47
CA PRO C 634 -34.60 -39.30 -0.66
C PRO C 634 -35.59 -38.16 -0.76
N PRO C 635 -36.44 -38.15 -1.78
CA PRO C 635 -37.25 -36.97 -2.06
C PRO C 635 -38.50 -36.90 -1.19
N SER C 636 -39.12 -35.74 -1.23
CA SER C 636 -40.46 -35.55 -0.69
C SER C 636 -41.44 -35.40 -1.85
N LEU C 637 -42.72 -35.30 -1.51
CA LEU C 637 -43.77 -35.10 -2.50
C LEU C 637 -44.36 -33.70 -2.41
N GLY C 638 -43.54 -32.72 -2.04
CA GLY C 638 -44.01 -31.36 -1.87
C GLY C 638 -44.01 -30.55 -3.15
N ARG C 639 -45.17 -30.39 -3.78
CA ARG C 639 -45.27 -29.74 -5.09
C ARG C 639 -45.25 -28.24 -4.92
N THR C 640 -44.05 -27.69 -4.76
CA THR C 640 -43.82 -26.27 -4.65
C THR C 640 -42.84 -25.82 -5.72
N GLN C 641 -42.87 -24.54 -6.01
CA GLN C 641 -42.08 -23.97 -7.10
C GLN C 641 -40.83 -23.29 -6.55
N PHE C 642 -39.71 -23.52 -7.22
CA PHE C 642 -38.44 -22.89 -6.88
C PHE C 642 -37.90 -22.20 -8.11
N SER C 643 -37.33 -21.02 -7.91
CA SER C 643 -36.56 -20.35 -8.94
C SER C 643 -35.08 -20.39 -8.68
N SER C 644 -34.67 -20.62 -7.44
CA SER C 644 -33.26 -20.78 -7.11
C SER C 644 -33.13 -21.72 -5.92
N PHE C 645 -31.99 -22.40 -5.86
CA PHE C 645 -31.61 -23.24 -4.74
C PHE C 645 -30.51 -22.55 -3.96
N THR C 646 -30.70 -22.40 -2.66
CA THR C 646 -29.67 -21.74 -1.86
C THR C 646 -28.61 -22.72 -1.40
N LEU C 647 -27.40 -22.20 -1.19
CA LEU C 647 -26.22 -23.00 -0.88
C LEU C 647 -25.39 -22.28 0.16
N ASN C 648 -25.13 -22.91 1.30
CA ASN C 648 -24.37 -22.27 2.37
C ASN C 648 -22.88 -22.35 2.06
N ILE C 649 -22.25 -21.20 1.83
CA ILE C 649 -20.82 -21.09 1.66
C ILE C 649 -20.37 -19.91 2.51
N ARG C 650 -19.57 -20.18 3.55
CA ARG C 650 -19.04 -19.18 4.51
C ARG C 650 -20.15 -18.35 5.15
N GLY C 651 -21.28 -18.99 5.43
CA GLY C 651 -22.43 -18.37 6.02
C GLY C 651 -23.39 -17.73 5.02
N ALA C 652 -22.90 -17.33 3.85
CA ALA C 652 -23.70 -16.57 2.90
C ALA C 652 -24.42 -17.52 1.97
N PRO C 653 -25.76 -17.52 1.94
CA PRO C 653 -26.48 -18.46 1.07
C PRO C 653 -26.48 -18.03 -0.38
N LEU C 654 -25.66 -18.70 -1.20
CA LEU C 654 -25.61 -18.41 -2.62
C LEU C 654 -26.75 -19.11 -3.33
N ARG C 655 -27.43 -18.38 -4.21
CA ARG C 655 -28.56 -18.95 -4.95
C ARG C 655 -28.08 -19.57 -6.26
N LEU C 656 -28.84 -20.53 -6.75
CA LEU C 656 -28.52 -21.23 -7.99
C LEU C 656 -29.78 -21.35 -8.83
N LEU C 657 -29.84 -20.60 -9.90
CA LEU C 657 -31.08 -20.46 -10.66
C LEU C 657 -31.37 -21.71 -11.48
N ILE C 658 -32.64 -22.11 -11.50
CA ILE C 658 -33.07 -23.26 -12.28
C ILE C 658 -32.96 -22.98 -13.77
N ARG C 659 -33.14 -21.73 -14.18
CA ARG C 659 -33.10 -21.34 -15.58
C ARG C 659 -32.11 -20.20 -15.75
N GLY C 660 -31.00 -20.46 -16.41
CA GLY C 660 -30.03 -19.45 -16.74
C GLY C 660 -28.83 -19.46 -15.81
N ASN C 661 -27.87 -18.60 -16.15
CA ASN C 661 -26.62 -18.52 -15.42
C ASN C 661 -26.82 -17.85 -14.07
N SER C 662 -25.77 -17.90 -13.25
CA SER C 662 -25.76 -17.31 -11.93
C SER C 662 -24.34 -16.85 -11.64
N GLN C 663 -24.05 -16.52 -10.39
CA GLN C 663 -22.67 -16.37 -9.94
C GLN C 663 -22.07 -17.68 -9.51
N VAL C 664 -22.87 -18.75 -9.49
CA VAL C 664 -22.47 -20.04 -8.97
C VAL C 664 -22.30 -21.06 -10.09
N PHE C 665 -23.22 -21.07 -11.05
CA PHE C 665 -23.16 -22.00 -12.19
C PHE C 665 -23.39 -21.17 -13.45
N ASN C 666 -22.31 -20.79 -14.11
CA ASN C 666 -22.37 -19.95 -15.30
C ASN C 666 -21.84 -20.73 -16.49
N TYR C 667 -22.71 -20.97 -17.46
CA TYR C 667 -22.30 -21.56 -18.72
C TYR C 667 -21.87 -20.45 -19.67
N ASN C 668 -20.75 -20.65 -20.34
CA ASN C 668 -20.16 -19.65 -21.21
C ASN C 668 -20.12 -20.18 -22.62
N GLN C 669 -20.92 -19.57 -23.51
CA GLN C 669 -20.95 -19.99 -24.91
C GLN C 669 -19.69 -19.60 -25.66
N MET C 670 -18.98 -18.56 -25.22
CA MET C 670 -17.79 -18.11 -25.92
C MET C 670 -16.64 -19.10 -25.75
N GLU C 671 -16.35 -19.49 -24.52
CA GLU C 671 -15.29 -20.46 -24.26
C GLU C 671 -15.73 -21.90 -24.41
N ASN C 672 -17.04 -22.15 -24.51
CA ASN C 672 -17.65 -23.48 -24.50
C ASN C 672 -17.25 -24.23 -23.24
N VAL C 673 -17.69 -23.70 -22.11
CA VAL C 673 -17.23 -24.15 -20.80
C VAL C 673 -18.31 -23.83 -19.78
N ILE C 674 -18.25 -24.50 -18.65
CA ILE C 674 -19.06 -24.17 -17.49
C ILE C 674 -18.13 -23.53 -16.46
N ILE C 675 -18.48 -22.33 -16.03
CA ILE C 675 -17.70 -21.61 -15.02
C ILE C 675 -18.45 -21.72 -13.70
N VAL C 676 -17.78 -22.27 -12.69
CA VAL C 676 -18.33 -22.41 -11.36
C VAL C 676 -17.47 -21.55 -10.44
N LEU C 677 -18.09 -20.52 -9.84
CA LEU C 677 -17.47 -19.61 -8.87
C LEU C 677 -16.24 -18.92 -9.41
N GLY C 678 -16.19 -18.67 -10.72
CA GLY C 678 -15.01 -18.10 -11.34
C GLY C 678 -13.98 -19.09 -11.78
N LYS C 679 -14.18 -20.37 -11.50
CA LYS C 679 -13.26 -21.43 -11.87
C LYS C 679 -13.87 -22.21 -13.03
N SER C 680 -13.11 -22.34 -14.11
CA SER C 680 -13.53 -23.15 -15.24
C SER C 680 -13.46 -24.62 -14.87
N VAL C 681 -14.58 -25.33 -15.03
CA VAL C 681 -14.63 -26.73 -14.66
C VAL C 681 -14.89 -27.63 -15.88
N GLY C 682 -14.63 -27.13 -17.09
CA GLY C 682 -14.52 -28.00 -18.23
C GLY C 682 -15.72 -27.94 -19.15
N SER C 683 -15.47 -28.31 -20.40
CA SER C 683 -16.50 -28.36 -21.43
C SER C 683 -17.36 -29.60 -21.25
N PRO C 684 -18.70 -29.46 -21.15
CA PRO C 684 -19.56 -30.60 -20.80
C PRO C 684 -19.56 -31.74 -21.80
N GLU C 685 -20.04 -31.48 -23.01
CA GLU C 685 -19.93 -32.43 -24.10
C GLU C 685 -19.65 -31.79 -25.46
N ARG C 686 -19.83 -30.48 -25.59
CA ARG C 686 -19.82 -29.73 -26.86
C ARG C 686 -20.82 -30.32 -27.86
N SER C 687 -22.10 -30.22 -27.48
CA SER C 687 -23.20 -30.69 -28.32
C SER C 687 -24.20 -29.58 -28.55
N ILE C 688 -23.73 -28.40 -28.96
CA ILE C 688 -24.58 -27.21 -29.02
C ILE C 688 -25.61 -27.31 -30.13
N LEU C 689 -25.29 -28.03 -31.22
CA LEU C 689 -26.21 -28.10 -32.35
C LEU C 689 -27.40 -29.02 -32.06
N THR C 690 -27.16 -30.11 -31.32
CA THR C 690 -28.28 -30.91 -30.82
C THR C 690 -29.05 -30.18 -29.73
N GLU C 691 -28.38 -29.27 -29.02
CA GLU C 691 -29.00 -28.49 -27.96
C GLU C 691 -29.62 -27.23 -28.55
N SER C 692 -29.95 -26.26 -27.68
CA SER C 692 -30.62 -24.99 -28.02
C SER C 692 -31.98 -25.25 -28.70
N SER C 693 -32.88 -25.84 -27.93
CA SER C 693 -34.22 -26.21 -28.38
C SER C 693 -35.19 -25.06 -28.14
N SER C 694 -36.49 -25.34 -28.25
CA SER C 694 -37.54 -24.36 -27.98
C SER C 694 -38.35 -24.72 -26.75
N ILE C 695 -38.95 -25.90 -26.72
CA ILE C 695 -39.73 -26.35 -25.58
C ILE C 695 -38.79 -26.79 -24.48
N GLU C 696 -39.09 -26.40 -23.24
CA GLU C 696 -38.29 -26.76 -22.09
C GLU C 696 -39.18 -27.46 -21.06
N SER C 697 -38.56 -28.30 -20.24
CA SER C 697 -39.30 -29.09 -19.27
C SER C 697 -38.69 -29.14 -17.88
N ALA C 698 -37.39 -28.90 -17.73
CA ALA C 698 -36.78 -28.90 -16.40
C ALA C 698 -36.59 -27.50 -15.84
N VAL C 699 -37.64 -26.66 -15.81
CA VAL C 699 -37.57 -25.38 -15.12
C VAL C 699 -38.75 -25.28 -14.15
N LEU C 700 -39.93 -25.67 -14.60
CA LEU C 700 -41.14 -25.61 -13.80
C LEU C 700 -41.73 -27.01 -13.57
N ARG C 701 -42.47 -27.14 -12.48
CA ARG C 701 -43.00 -28.41 -12.02
C ARG C 701 -44.41 -28.61 -12.55
N GLY C 702 -44.55 -29.44 -13.58
CA GLY C 702 -45.82 -29.66 -14.22
C GLY C 702 -46.15 -28.67 -15.31
N PHE C 703 -45.22 -27.78 -15.65
CA PHE C 703 -45.44 -26.75 -16.65
C PHE C 703 -44.38 -26.85 -17.73
N LEU C 704 -44.74 -26.43 -18.94
CA LEU C 704 -43.84 -26.42 -20.07
C LEU C 704 -43.71 -24.98 -20.57
N ILE C 705 -42.49 -24.46 -20.52
CA ILE C 705 -42.18 -23.18 -21.16
C ILE C 705 -42.32 -23.37 -22.68
N LEU C 706 -43.09 -22.49 -23.31
CA LEU C 706 -43.28 -22.53 -24.77
C LEU C 706 -42.78 -21.23 -25.35
N GLY C 707 -41.47 -21.13 -25.57
CA GLY C 707 -40.93 -19.96 -26.23
C GLY C 707 -40.96 -18.70 -25.37
N LYS C 708 -40.89 -17.55 -26.06
CA LYS C 708 -40.82 -16.25 -25.41
C LYS C 708 -42.23 -15.72 -25.15
N ALA C 709 -42.32 -14.45 -24.74
CA ALA C 709 -43.57 -13.91 -24.23
C ALA C 709 -44.49 -13.43 -25.35
N ASN C 710 -45.79 -13.64 -25.13
CA ASN C 710 -46.80 -13.28 -26.11
C ASN C 710 -48.13 -13.07 -25.37
N SER C 711 -48.83 -11.99 -25.70
CA SER C 711 -50.02 -11.57 -24.97
C SER C 711 -51.30 -11.90 -25.72
N LYS C 712 -51.38 -13.05 -26.39
CA LYS C 712 -52.61 -13.53 -26.98
C LYS C 712 -53.39 -14.46 -26.06
N TYR C 713 -53.02 -14.52 -24.78
CA TYR C 713 -53.65 -15.43 -23.84
C TYR C 713 -54.12 -14.75 -22.56
N GLY C 714 -53.76 -13.48 -22.35
CA GLY C 714 -54.25 -12.75 -21.20
C GLY C 714 -53.17 -12.12 -20.36
N PRO C 715 -53.40 -12.02 -19.05
CA PRO C 715 -52.48 -11.28 -18.17
C PRO C 715 -51.24 -12.07 -17.80
N VAL C 716 -50.44 -11.52 -16.91
CA VAL C 716 -49.23 -12.17 -16.46
C VAL C 716 -49.43 -12.70 -15.05
N LEU C 717 -48.65 -13.72 -14.71
CA LEU C 717 -48.67 -14.33 -13.38
C LEU C 717 -47.24 -14.39 -12.87
N THR C 718 -47.06 -14.99 -11.70
CA THR C 718 -45.74 -15.22 -11.14
C THR C 718 -45.57 -16.70 -10.82
N ILE C 719 -44.41 -17.04 -10.25
CA ILE C 719 -44.04 -18.45 -10.07
C ILE C 719 -44.88 -19.11 -8.99
N GLY C 720 -45.21 -18.37 -7.93
CA GLY C 720 -46.01 -18.93 -6.86
C GLY C 720 -47.50 -18.95 -7.10
N GLU C 721 -47.99 -18.19 -8.08
CA GLU C 721 -49.43 -18.02 -8.30
C GLU C 721 -49.94 -18.86 -9.47
N LEU C 722 -49.36 -20.05 -9.65
CA LEU C 722 -49.77 -20.96 -10.71
C LEU C 722 -50.51 -22.18 -10.16
N ASP C 723 -51.05 -22.07 -8.95
CA ASP C 723 -51.61 -23.24 -8.27
C ASP C 723 -52.99 -23.61 -8.80
N LYS C 724 -53.82 -22.61 -9.11
CA LYS C 724 -55.18 -22.86 -9.59
C LYS C 724 -55.20 -22.67 -11.11
N LEU C 725 -54.77 -23.71 -11.82
CA LEU C 725 -54.85 -23.74 -13.27
C LEU C 725 -55.54 -25.04 -13.70
N GLY C 726 -55.72 -25.19 -15.01
CA GLY C 726 -56.41 -26.34 -15.54
C GLY C 726 -55.73 -26.97 -16.74
N ARG C 727 -56.51 -27.66 -17.57
CA ARG C 727 -55.99 -28.38 -18.72
C ARG C 727 -56.21 -27.58 -20.00
N GLY C 728 -55.23 -27.62 -20.88
CA GLY C 728 -55.29 -26.85 -22.10
C GLY C 728 -55.19 -25.36 -21.91
N GLU C 729 -54.61 -24.92 -20.79
CA GLU C 729 -54.55 -23.51 -20.43
C GLU C 729 -53.10 -23.07 -20.40
N LYS C 730 -52.77 -22.11 -21.26
CA LYS C 730 -51.46 -21.47 -21.30
C LYS C 730 -51.52 -20.12 -20.60
N ALA C 731 -50.35 -19.56 -20.29
CA ALA C 731 -50.27 -18.27 -19.62
C ALA C 731 -48.88 -17.67 -19.84
N ASN C 732 -48.75 -16.41 -19.44
CA ASN C 732 -47.47 -15.73 -19.41
C ASN C 732 -47.04 -15.55 -17.96
N VAL C 733 -45.85 -16.04 -17.63
CA VAL C 733 -45.35 -16.06 -16.27
C VAL C 733 -44.01 -15.34 -16.26
N LEU C 734 -43.81 -14.48 -15.25
CA LEU C 734 -42.47 -14.01 -14.94
C LEU C 734 -41.69 -15.23 -14.47
N ILE C 735 -40.72 -15.66 -15.29
CA ILE C 735 -39.96 -16.87 -14.96
C ILE C 735 -38.81 -16.58 -14.02
N GLY C 736 -38.43 -15.33 -13.84
CA GLY C 736 -37.23 -15.00 -13.11
C GLY C 736 -36.18 -14.39 -14.02
N GLN C 737 -35.35 -13.53 -13.45
CA GLN C 737 -34.32 -12.76 -14.16
C GLN C 737 -34.93 -11.94 -15.31
N GLY C 738 -35.93 -11.14 -14.96
CA GLY C 738 -36.43 -10.07 -15.80
C GLY C 738 -37.03 -10.45 -17.14
N ASP C 739 -37.72 -11.58 -17.21
CA ASP C 739 -38.24 -12.03 -18.50
C ASP C 739 -39.50 -12.85 -18.30
N THR C 740 -40.26 -13.00 -19.38
CA THR C 740 -41.52 -13.70 -19.38
C THR C 740 -41.53 -14.74 -20.48
N VAL C 741 -42.18 -15.87 -20.22
CA VAL C 741 -42.28 -16.97 -21.16
C VAL C 741 -43.72 -17.43 -21.21
N LEU C 742 -44.13 -17.94 -22.37
CA LEU C 742 -45.41 -18.60 -22.49
C LEU C 742 -45.32 -19.98 -21.85
N VAL C 743 -46.23 -20.27 -20.94
CA VAL C 743 -46.15 -21.44 -20.07
C VAL C 743 -47.50 -22.13 -20.05
N MET C 744 -47.50 -23.43 -20.36
CA MET C 744 -48.71 -24.24 -20.35
C MET C 744 -48.58 -25.34 -19.30
N LYS C 745 -49.58 -25.44 -18.43
CA LYS C 745 -49.73 -26.60 -17.57
C LYS C 745 -50.29 -27.76 -18.39
N ARG C 746 -49.49 -28.81 -18.57
CA ARG C 746 -49.77 -29.87 -19.52
C ARG C 746 -50.81 -30.87 -18.99
N LYS C 747 -51.02 -31.92 -19.76
CA LYS C 747 -51.92 -33.01 -19.37
C LYS C 747 -51.32 -33.84 -18.25
#